data_5N6S
#
_entry.id   5N6S
#
_cell.length_a   71.626
_cell.length_b   76.674
_cell.length_c   95.257
_cell.angle_alpha   72.34
_cell.angle_beta   86.39
_cell.angle_gamma   85.54
#
_symmetry.space_group_name_H-M   'P 1'
#
loop_
_entity.id
_entity.type
_entity.pdbx_description
1 polymer 'Beta-glucosidase A'
2 non-polymer 1,2-ETHANEDIOL
3 non-polymer 'CHLORIDE ION'
4 non-polymer IMIDAZOLE
5 non-polymer azanylidene-[4-[[(1~{S},2~{R},3~{R},4~{R},5~{S},6~{S},7~{S})-2-(hydroxymethyl)-3,4,5-tris(oxidanyl)-7-bicyclo[4.1.0]heptanyl]carbonylamino]butylimino]azanium
6 non-polymer DI(HYDROXYETHYL)ETHER
7 non-polymer 'ACETATE ION'
8 non-polymer 'TRIETHYLENE GLYCOL'
9 water water
#
_entity_poly.entity_id   1
_entity_poly.type   'polypeptide(L)'
_entity_poly.pdbx_seq_one_letter_code
;MGSSHHHHHHSSGLVPRGSHMASNVKKFPEGFLWGVATASYQIEGSPLADGAGMSIWHTFSHTPGNVKNGDTGDVACDHY
NRWKEDIEIIEKLGVKAYRFSISWPRILPEGTGRVNQKGLDFYNRIIDTLLEKGITPFVTIYHWDLPFALQLKGGWANRE
IADWFAEYSRVLFENFGDRVKNWITLNEPWVVAIVGHLYGVHAPGMRDIYVAFRAVHNLLRAHARAVKVFRETVKDGKIG
IVFNNGYFEPASEKEEDIRAVRFMHQFNNYPLFLNPIYRGDYPELVLEFAREYLPENYKDDMSEIQEKIDFVGLNYYSGH
LVKFDPDAPAKVSFVERDLPKTAMGWEIVPEGIYWILKKVKEEYNPPEVYITENGAAFDDVVSEDGRVHDQNRIDYLKAH
IGQAWKAIQEGVPLKGYFVWSLLDNFEWAEGYSKRFGIVYVDYSTQKRIVKDSGYWYSNVVKNNGLED
;
_entity_poly.pdbx_strand_id   A,B,C,D
#
loop_
_chem_comp.id
_chem_comp.type
_chem_comp.name
_chem_comp.formula
8P5 non-polymer azanylidene-[4-[[(1~{S},2~{R},3~{R},4~{R},5~{S},6~{S},7~{S})-2-(hydroxymethyl)-3,4,5-tris(oxidanyl)-7-bicyclo[4.1.0]heptanyl]carbonylamino]butylimino]azanium 'C13 H23 N4 O5 1'
ACT non-polymer 'ACETATE ION' 'C2 H3 O2 -1'
CL non-polymer 'CHLORIDE ION' 'Cl -1'
EDO non-polymer 1,2-ETHANEDIOL 'C2 H6 O2'
IMD non-polymer IMIDAZOLE 'C3 H5 N2 1'
PEG non-polymer DI(HYDROXYETHYL)ETHER 'C4 H10 O3'
PGE non-polymer 'TRIETHYLENE GLYCOL' 'C6 H14 O4'
#
# COMPACT_ATOMS: atom_id res chain seq x y z
N VAL A 25 18.38 47.33 -6.18
CA VAL A 25 17.90 46.64 -7.43
C VAL A 25 18.63 45.29 -7.60
N LYS A 26 17.86 44.23 -7.88
CA LYS A 26 18.41 42.90 -8.21
C LYS A 26 17.84 42.41 -9.55
N LYS A 27 18.56 42.71 -10.63
CA LYS A 27 18.07 42.49 -12.01
C LYS A 27 18.56 41.11 -12.50
N PHE A 28 17.67 40.33 -13.11
CA PHE A 28 18.07 38.98 -13.52
C PHE A 28 18.69 39.05 -14.92
N PRO A 29 19.35 37.96 -15.37
CA PRO A 29 19.98 38.03 -16.69
C PRO A 29 18.96 38.16 -17.82
N GLU A 30 19.43 38.63 -18.98
CA GLU A 30 18.60 38.75 -20.19
C GLU A 30 18.02 37.40 -20.57
N GLY A 31 16.74 37.32 -20.93
CA GLY A 31 16.14 36.01 -21.36
C GLY A 31 15.83 35.06 -20.19
N PHE A 32 16.01 35.49 -18.94
CA PHE A 32 15.57 34.66 -17.80
C PHE A 32 14.07 34.43 -17.89
N LEU A 33 13.64 33.20 -17.63
CA LEU A 33 12.26 32.79 -17.78
C LEU A 33 11.49 32.86 -16.47
N TRP A 34 10.40 33.65 -16.44
CA TRP A 34 9.57 33.78 -15.24
C TRP A 34 8.32 32.95 -15.40
N GLY A 35 8.04 32.03 -14.48
CA GLY A 35 6.99 31.05 -14.74
C GLY A 35 6.02 30.94 -13.60
N VAL A 36 4.85 30.31 -13.88
CA VAL A 36 3.98 29.70 -12.88
C VAL A 36 3.75 28.22 -13.19
N ALA A 37 3.52 27.40 -12.15
CA ALA A 37 3.25 25.93 -12.36
C ALA A 37 1.95 25.42 -11.78
N THR A 38 1.47 24.35 -12.37
CA THR A 38 0.35 23.52 -11.86
C THR A 38 0.59 22.01 -12.13
N ALA A 39 -0.29 21.17 -11.63
CA ALA A 39 -0.31 19.71 -11.91
C ALA A 39 -1.79 19.34 -12.20
N SER A 40 -1.93 18.31 -13.06
CA SER A 40 -3.22 17.95 -13.63
C SER A 40 -4.35 17.54 -12.65
N TYR A 41 -4.03 16.67 -11.69
CA TYR A 41 -5.01 16.23 -10.76
C TYR A 41 -5.42 17.36 -9.76
N GLN A 42 -4.50 18.26 -9.53
CA GLN A 42 -4.69 19.31 -8.50
C GLN A 42 -5.65 20.41 -8.98
N ILE A 43 -5.79 20.59 -10.31
CA ILE A 43 -6.60 21.71 -10.82
C ILE A 43 -7.75 21.38 -11.85
N GLU A 44 -7.65 20.23 -12.52
CA GLU A 44 -8.49 19.93 -13.73
C GLU A 44 -9.93 19.56 -13.34
N GLY A 45 -10.13 18.67 -12.35
CA GLY A 45 -11.46 18.06 -12.10
C GLY A 45 -11.78 17.11 -13.27
N SER A 46 -13.04 16.64 -13.37
CA SER A 46 -13.49 15.75 -14.48
C SER A 46 -12.49 14.60 -14.78
N PRO A 47 -12.09 13.92 -13.70
CA PRO A 47 -11.12 12.86 -13.87
C PRO A 47 -11.62 11.74 -14.79
N LEU A 48 -12.92 11.42 -14.82
CA LEU A 48 -13.39 10.33 -15.75
C LEU A 48 -14.18 10.83 -16.98
N ALA A 49 -14.04 12.10 -17.32
CA ALA A 49 -14.58 12.64 -18.58
C ALA A 49 -13.93 12.17 -19.89
N ASP A 50 -14.77 12.06 -20.91
CA ASP A 50 -14.34 11.92 -22.27
C ASP A 50 -13.44 10.71 -22.54
N GLY A 51 -13.70 9.62 -21.86
CA GLY A 51 -12.93 8.41 -22.11
C GLY A 51 -11.81 8.08 -21.15
N ALA A 52 -11.46 9.01 -20.21
CA ALA A 52 -10.28 8.85 -19.36
C ALA A 52 -10.38 7.61 -18.44
N GLY A 53 -9.22 6.96 -18.16
CA GLY A 53 -9.19 5.91 -17.13
C GLY A 53 -9.05 6.53 -15.72
N MET A 54 -9.30 5.71 -14.71
CA MET A 54 -9.02 6.11 -13.29
C MET A 54 -7.52 6.16 -13.11
N SER A 55 -7.09 7.06 -12.24
CA SER A 55 -5.71 7.18 -11.75
C SER A 55 -5.73 6.73 -10.33
N ILE A 56 -4.53 6.47 -9.80
CA ILE A 56 -4.30 6.11 -8.38
C ILE A 56 -4.68 7.23 -7.42
N TRP A 57 -4.74 8.50 -7.87
CA TRP A 57 -5.20 9.60 -6.99
C TRP A 57 -6.74 9.66 -6.92
N HIS A 58 -7.42 9.33 -8.02
CA HIS A 58 -8.91 9.24 -7.95
C HIS A 58 -9.31 8.13 -6.94
N THR A 59 -8.61 6.96 -6.97
CA THR A 59 -8.96 5.84 -6.08
C THR A 59 -8.61 6.11 -4.59
N PHE A 60 -7.46 6.75 -4.40
CA PHE A 60 -6.88 7.00 -3.13
C PHE A 60 -7.70 8.02 -2.43
N SER A 61 -8.01 9.11 -3.14
CA SER A 61 -8.75 10.20 -2.55
C SER A 61 -10.20 9.79 -2.33
N HIS A 62 -10.69 8.84 -3.11
CA HIS A 62 -12.02 8.31 -2.82
C HIS A 62 -12.04 7.25 -1.75
N THR A 63 -10.88 6.90 -1.19
CA THR A 63 -10.80 5.99 -0.03
C THR A 63 -10.95 6.84 1.27
N PRO A 64 -11.89 6.47 2.16
CA PRO A 64 -12.08 7.18 3.43
C PRO A 64 -10.90 7.15 4.38
N GLY A 65 -10.62 8.27 5.01
CA GLY A 65 -9.44 8.47 5.85
C GLY A 65 -8.17 8.99 5.18
N ASN A 66 -8.08 8.98 3.83
CA ASN A 66 -6.84 9.35 3.11
C ASN A 66 -6.54 10.80 2.96
N VAL A 67 -7.57 11.61 2.77
CA VAL A 67 -7.44 13.02 2.46
C VAL A 67 -8.28 13.85 3.44
N LYS A 68 -7.71 14.88 4.07
CA LYS A 68 -8.44 15.74 5.01
C LYS A 68 -9.84 16.18 4.43
N ASN A 69 -10.84 16.25 5.30
CA ASN A 69 -12.25 16.52 4.94
C ASN A 69 -12.92 15.61 3.86
N GLY A 70 -12.30 14.49 3.48
CA GLY A 70 -12.71 13.73 2.28
C GLY A 70 -12.79 14.48 0.95
N ASP A 71 -11.85 15.39 0.68
CA ASP A 71 -11.79 16.05 -0.60
C ASP A 71 -11.20 15.08 -1.65
N THR A 72 -11.45 15.36 -2.90
CA THR A 72 -10.96 14.52 -3.99
C THR A 72 -10.69 15.47 -5.06
N GLY A 73 -9.97 15.00 -6.07
CA GLY A 73 -9.86 15.84 -7.28
C GLY A 73 -11.06 15.85 -8.22
N ASP A 74 -12.26 15.39 -7.84
CA ASP A 74 -13.45 15.41 -8.75
C ASP A 74 -13.89 16.66 -9.49
N VAL A 75 -13.96 17.77 -8.78
CA VAL A 75 -14.10 19.07 -9.46
C VAL A 75 -12.78 19.94 -9.37
N ALA A 76 -12.16 20.02 -8.20
CA ALA A 76 -10.97 20.89 -8.06
C ALA A 76 -11.25 22.37 -8.46
N CYS A 77 -10.44 22.98 -9.31
CA CYS A 77 -10.69 24.29 -9.89
C CYS A 77 -11.49 24.24 -11.22
N ASP A 78 -11.85 23.03 -11.64
CA ASP A 78 -12.57 22.73 -12.88
C ASP A 78 -11.84 23.29 -14.05
N HIS A 79 -10.51 23.08 -14.11
CA HIS A 79 -9.69 23.62 -15.16
C HIS A 79 -10.02 22.93 -16.44
N TYR A 80 -10.44 21.66 -16.36
CA TYR A 80 -10.92 20.92 -17.56
C TYR A 80 -11.86 21.82 -18.44
N ASN A 81 -12.68 22.63 -17.79
CA ASN A 81 -13.60 23.56 -18.48
C ASN A 81 -13.12 25.02 -18.53
N ARG A 82 -12.40 25.45 -17.49
CA ARG A 82 -11.99 26.87 -17.32
C ARG A 82 -10.61 27.24 -17.80
N TRP A 83 -9.96 26.30 -18.48
CA TRP A 83 -8.60 26.49 -19.03
C TRP A 83 -8.30 27.76 -19.80
N LYS A 84 -9.24 28.22 -20.64
CA LYS A 84 -9.01 29.38 -21.50
C LYS A 84 -8.96 30.68 -20.68
N GLU A 85 -9.90 30.84 -19.74
CA GLU A 85 -9.82 31.87 -18.68
C GLU A 85 -8.50 31.88 -17.89
N ASP A 86 -8.02 30.69 -17.53
CA ASP A 86 -6.82 30.53 -16.68
C ASP A 86 -5.57 30.86 -17.48
N ILE A 87 -5.55 30.48 -18.74
CA ILE A 87 -4.52 30.95 -19.65
C ILE A 87 -4.57 32.48 -19.73
N GLU A 88 -5.76 33.02 -19.93
CA GLU A 88 -5.96 34.45 -19.99
C GLU A 88 -5.43 35.20 -18.72
N ILE A 89 -5.56 34.62 -17.53
CA ILE A 89 -4.91 35.19 -16.33
C ILE A 89 -3.36 35.25 -16.46
N ILE A 90 -2.76 34.17 -16.99
CA ILE A 90 -1.32 34.13 -17.18
C ILE A 90 -0.85 35.29 -18.07
N GLU A 91 -1.45 35.39 -19.27
CA GLU A 91 -1.15 36.44 -20.26
C GLU A 91 -1.34 37.89 -19.76
N LYS A 92 -2.49 38.15 -19.16
CA LYS A 92 -2.80 39.40 -18.46
C LYS A 92 -1.71 39.86 -17.43
N LEU A 93 -1.15 38.90 -16.68
CA LEU A 93 -0.07 39.21 -15.73
C LEU A 93 1.25 39.33 -16.41
N GLY A 94 1.34 38.85 -17.65
CA GLY A 94 2.52 38.84 -18.48
C GLY A 94 3.56 37.80 -18.09
N VAL A 95 3.16 36.81 -17.31
CA VAL A 95 4.05 35.73 -16.96
C VAL A 95 4.39 35.01 -18.27
N LYS A 96 5.63 34.62 -18.45
CA LYS A 96 6.11 34.15 -19.79
C LYS A 96 6.22 32.62 -19.98
N ALA A 97 6.09 31.85 -18.92
CA ALA A 97 6.13 30.36 -18.96
C ALA A 97 5.06 29.76 -18.07
N TYR A 98 4.75 28.50 -18.39
CA TYR A 98 3.67 27.79 -17.80
C TYR A 98 4.02 26.34 -17.85
N ARG A 99 4.34 25.85 -16.66
CA ARG A 99 4.61 24.46 -16.43
C ARG A 99 3.30 23.87 -15.98
N PHE A 100 2.81 22.91 -16.74
CA PHE A 100 1.64 22.12 -16.33
C PHE A 100 1.99 20.67 -16.55
N SER A 101 1.15 19.77 -16.03
CA SER A 101 1.32 18.31 -16.20
C SER A 101 0.24 17.68 -17.12
N ILE A 102 0.56 16.50 -17.65
CA ILE A 102 -0.37 15.74 -18.46
C ILE A 102 -0.82 14.48 -17.71
N SER A 103 -2.14 14.30 -17.55
CA SER A 103 -2.76 13.12 -16.94
C SER A 103 -2.62 11.88 -17.87
N TRP A 104 -1.72 10.97 -17.50
CA TRP A 104 -1.47 9.69 -18.22
C TRP A 104 -2.79 8.92 -18.53
N PRO A 105 -3.65 8.60 -17.52
CA PRO A 105 -4.93 7.88 -17.93
C PRO A 105 -5.99 8.66 -18.76
N ARG A 106 -5.78 9.96 -19.03
CA ARG A 106 -6.54 10.64 -20.05
C ARG A 106 -5.98 10.30 -21.45
N ILE A 107 -4.69 9.98 -21.53
CA ILE A 107 -4.02 9.71 -22.74
C ILE A 107 -4.14 8.23 -23.04
N LEU A 108 -3.76 7.41 -22.09
CA LEU A 108 -3.92 5.96 -22.21
C LEU A 108 -4.72 5.46 -21.00
N PRO A 109 -6.07 5.36 -21.13
CA PRO A 109 -6.88 4.94 -19.96
C PRO A 109 -6.50 3.59 -19.27
N GLU A 110 -5.96 2.63 -20.03
CA GLU A 110 -5.42 1.37 -19.49
C GLU A 110 -3.91 1.43 -19.23
N GLY A 111 -3.30 2.61 -19.33
CA GLY A 111 -1.84 2.77 -19.14
C GLY A 111 -0.96 2.47 -20.35
N THR A 112 -1.46 1.60 -21.22
CA THR A 112 -0.79 1.13 -22.46
C THR A 112 -1.95 0.87 -23.41
N GLY A 113 -1.66 0.77 -24.72
CA GLY A 113 -2.67 0.44 -25.73
C GLY A 113 -3.30 1.57 -26.51
N ARG A 114 -4.61 1.45 -26.68
CA ARG A 114 -5.50 2.43 -27.31
C ARG A 114 -5.31 3.87 -26.77
N VAL A 115 -5.22 4.85 -27.66
CA VAL A 115 -5.04 6.26 -27.27
C VAL A 115 -6.41 6.83 -27.29
N ASN A 116 -6.60 7.73 -26.34
CA ASN A 116 -7.82 8.45 -26.11
C ASN A 116 -7.61 9.78 -26.80
N GLN A 117 -8.12 9.85 -28.01
CA GLN A 117 -7.88 11.01 -28.85
C GLN A 117 -8.41 12.30 -28.17
N LYS A 118 -9.52 12.22 -27.46
CA LYS A 118 -10.08 13.38 -26.75
C LYS A 118 -9.21 13.90 -25.58
N GLY A 119 -8.29 13.07 -25.10
CA GLY A 119 -7.27 13.48 -24.14
C GLY A 119 -6.21 14.36 -24.80
N LEU A 120 -5.72 13.92 -25.94
CA LEU A 120 -4.89 14.76 -26.81
C LEU A 120 -5.51 16.08 -27.19
N ASP A 121 -6.76 16.04 -27.66
CA ASP A 121 -7.50 17.27 -28.01
C ASP A 121 -7.50 18.27 -26.80
N PHE A 122 -7.59 17.75 -25.57
CA PHE A 122 -7.57 18.66 -24.40
C PHE A 122 -6.25 19.47 -24.23
N TYR A 123 -5.15 18.79 -24.34
CA TYR A 123 -3.82 19.40 -24.24
C TYR A 123 -3.42 20.22 -25.49
N ASN A 124 -3.79 19.76 -26.69
CA ASN A 124 -3.47 20.52 -27.93
C ASN A 124 -4.01 21.93 -27.87
N ARG A 125 -5.27 22.07 -27.46
CA ARG A 125 -5.92 23.35 -27.36
C ARG A 125 -5.15 24.28 -26.40
N ILE A 126 -4.98 23.82 -25.15
CA ILE A 126 -4.16 24.50 -24.14
C ILE A 126 -2.89 25.03 -24.73
N ILE A 127 -2.13 24.08 -25.31
CA ILE A 127 -0.78 24.32 -25.86
C ILE A 127 -0.84 25.33 -27.00
N ASP A 128 -1.83 25.16 -27.89
CA ASP A 128 -1.99 26.11 -29.00
C ASP A 128 -2.30 27.50 -28.50
N THR A 129 -3.20 27.61 -27.54
CA THR A 129 -3.50 28.89 -26.91
C THR A 129 -2.25 29.51 -26.20
N LEU A 130 -1.46 28.72 -25.49
CA LEU A 130 -0.22 29.27 -24.88
C LEU A 130 0.70 29.93 -25.95
N LEU A 131 1.02 29.15 -26.98
CA LEU A 131 1.79 29.59 -28.17
C LEU A 131 1.25 30.86 -28.90
N GLU A 132 -0.07 30.93 -29.14
CA GLU A 132 -0.68 32.15 -29.74
C GLU A 132 -0.59 33.40 -28.80
N LYS A 133 -0.46 33.18 -27.50
CA LYS A 133 -0.24 34.25 -26.52
C LYS A 133 1.24 34.52 -26.11
N GLY A 134 2.18 33.82 -26.71
CA GLY A 134 3.60 34.01 -26.41
C GLY A 134 4.10 33.47 -25.07
N ILE A 135 3.43 32.44 -24.56
CA ILE A 135 3.78 31.77 -23.31
C ILE A 135 4.42 30.43 -23.66
N THR A 136 5.60 30.23 -23.14
CA THR A 136 6.42 29.05 -23.35
C THR A 136 5.99 27.92 -22.39
N PRO A 137 5.38 26.85 -22.95
CA PRO A 137 4.95 25.76 -22.11
C PRO A 137 6.10 24.89 -21.64
N PHE A 138 6.11 24.47 -20.36
CA PHE A 138 7.01 23.46 -19.84
C PHE A 138 6.21 22.26 -19.34
N VAL A 139 6.33 21.11 -20.03
CA VAL A 139 5.42 20.05 -19.77
C VAL A 139 5.98 18.97 -18.87
N THR A 140 5.32 18.77 -17.75
CA THR A 140 5.57 17.61 -16.93
C THR A 140 4.79 16.35 -17.37
N ILE A 141 5.53 15.28 -17.66
CA ILE A 141 4.97 14.05 -18.24
C ILE A 141 4.27 13.31 -17.13
N TYR A 142 4.98 13.20 -16.00
CA TYR A 142 4.43 12.57 -14.84
C TYR A 142 4.46 13.37 -13.53
N HIS A 143 3.29 13.71 -13.00
CA HIS A 143 3.19 14.46 -11.69
C HIS A 143 2.07 13.77 -10.93
N TRP A 144 2.31 12.45 -10.73
CA TRP A 144 1.73 11.56 -9.73
C TRP A 144 0.37 10.81 -10.10
N ASP A 145 -0.29 11.16 -11.17
CA ASP A 145 -1.53 10.47 -11.53
C ASP A 145 -1.32 9.18 -12.35
N LEU A 146 -0.56 8.26 -11.77
CA LEU A 146 -0.47 6.94 -12.35
C LEU A 146 -1.83 6.30 -12.79
N PRO A 147 -1.97 5.75 -14.04
CA PRO A 147 -3.21 4.98 -14.31
C PRO A 147 -3.49 3.84 -13.26
N PHE A 148 -4.72 3.77 -12.74
CA PHE A 148 -5.13 2.63 -11.90
C PHE A 148 -4.81 1.24 -12.50
N ALA A 149 -5.02 1.04 -13.80
CA ALA A 149 -4.77 -0.33 -14.43
C ALA A 149 -3.36 -0.79 -14.25
N LEU A 150 -2.41 0.17 -14.26
CA LEU A 150 -0.99 -0.13 -14.05
C LEU A 150 -0.68 -0.37 -12.58
N GLN A 151 -1.35 0.32 -11.67
CA GLN A 151 -1.26 -0.01 -10.28
C GLN A 151 -1.69 -1.45 -9.94
N LEU A 152 -2.68 -1.97 -10.65
CA LEU A 152 -3.10 -3.37 -10.40
C LEU A 152 -2.07 -4.41 -10.77
N LYS A 153 -1.10 -3.96 -11.56
CA LYS A 153 0.02 -4.77 -12.00
C LYS A 153 1.34 -4.40 -11.33
N GLY A 154 1.23 -3.75 -10.17
CA GLY A 154 2.40 -3.30 -9.39
C GLY A 154 2.86 -1.84 -9.45
N GLY A 155 2.38 -1.09 -10.43
CA GLY A 155 2.68 0.35 -10.50
C GLY A 155 4.16 0.56 -10.52
N TRP A 156 4.65 1.65 -9.89
CA TRP A 156 6.13 1.86 -9.73
C TRP A 156 7.02 0.65 -9.25
N ALA A 157 6.41 -0.36 -8.63
CA ALA A 157 7.15 -1.54 -8.06
C ALA A 157 7.50 -2.61 -9.09
N ASN A 158 7.00 -2.42 -10.30
CA ASN A 158 7.14 -3.37 -11.39
C ASN A 158 8.12 -2.83 -12.43
N ARG A 159 9.24 -3.52 -12.62
CA ARG A 159 10.23 -3.15 -13.71
C ARG A 159 9.61 -2.80 -15.05
N GLU A 160 8.49 -3.41 -15.38
CA GLU A 160 7.79 -3.07 -16.66
C GLU A 160 7.25 -1.63 -16.78
N ILE A 161 7.25 -0.88 -15.67
CA ILE A 161 6.85 0.52 -15.72
C ILE A 161 7.74 1.35 -16.61
N ALA A 162 9.02 1.07 -16.63
CA ALA A 162 9.91 1.70 -17.60
C ALA A 162 9.32 1.62 -19.04
N ASP A 163 8.90 0.42 -19.50
CA ASP A 163 8.28 0.28 -20.83
C ASP A 163 6.93 0.96 -20.91
N TRP A 164 6.13 0.82 -19.86
CA TRP A 164 4.83 1.60 -19.88
C TRP A 164 5.21 3.08 -19.96
N PHE A 165 6.22 3.45 -19.22
CA PHE A 165 6.55 4.88 -19.18
C PHE A 165 7.06 5.38 -20.55
N ALA A 166 7.87 4.59 -21.21
CA ALA A 166 8.39 4.96 -22.57
C ALA A 166 7.27 4.98 -23.63
N GLU A 167 6.43 3.98 -23.63
CA GLU A 167 5.33 4.01 -24.57
C GLU A 167 4.59 5.31 -24.41
N TYR A 168 4.12 5.58 -23.19
CA TYR A 168 3.36 6.81 -22.89
C TYR A 168 4.19 8.04 -23.28
N SER A 169 5.47 8.07 -22.89
CA SER A 169 6.26 9.23 -23.21
C SER A 169 6.29 9.53 -24.74
N ARG A 170 6.38 8.44 -25.54
CA ARG A 170 6.44 8.58 -26.99
C ARG A 170 5.13 9.13 -27.58
N VAL A 171 3.98 8.71 -27.09
CA VAL A 171 2.76 9.31 -27.59
C VAL A 171 2.80 10.81 -27.39
N LEU A 172 3.36 11.21 -26.26
CA LEU A 172 3.40 12.62 -25.96
C LEU A 172 4.42 13.30 -26.82
N PHE A 173 5.61 12.72 -26.98
CA PHE A 173 6.62 13.38 -27.81
C PHE A 173 6.08 13.48 -29.26
N GLU A 174 5.50 12.41 -29.76
CA GLU A 174 5.02 12.41 -31.17
C GLU A 174 3.90 13.43 -31.41
N ASN A 175 3.01 13.65 -30.44
CA ASN A 175 1.86 14.51 -30.66
C ASN A 175 2.07 15.95 -30.33
N PHE A 176 2.97 16.22 -29.40
CA PHE A 176 3.26 17.62 -28.92
C PHE A 176 4.64 18.16 -29.17
N GLY A 177 5.60 17.29 -29.48
CA GLY A 177 6.97 17.61 -29.58
C GLY A 177 7.37 18.57 -30.68
N ASP A 178 6.47 18.75 -31.65
CA ASP A 178 6.59 19.79 -32.66
C ASP A 178 6.45 21.20 -32.06
N ARG A 179 5.53 21.37 -31.09
CA ARG A 179 5.27 22.66 -30.44
C ARG A 179 5.86 22.83 -29.02
N VAL A 180 5.92 21.73 -28.23
CA VAL A 180 6.51 21.74 -26.89
C VAL A 180 7.99 21.28 -27.01
N LYS A 181 8.86 22.24 -26.69
CA LYS A 181 10.32 22.04 -26.75
C LYS A 181 10.99 21.92 -25.38
N ASN A 182 10.21 22.03 -24.28
CA ASN A 182 10.74 21.97 -22.88
C ASN A 182 9.95 21.02 -22.03
N TRP A 183 10.61 19.92 -21.64
CA TRP A 183 9.99 18.70 -21.14
C TRP A 183 10.63 18.36 -19.81
N ILE A 184 9.80 17.92 -18.87
CA ILE A 184 10.19 17.27 -17.59
C ILE A 184 9.62 15.83 -17.50
N THR A 185 10.46 14.89 -17.16
CA THR A 185 9.98 13.53 -17.09
C THR A 185 9.22 13.22 -15.80
N LEU A 186 9.90 13.32 -14.70
CA LEU A 186 9.29 13.05 -13.45
C LEU A 186 9.25 14.30 -12.54
N ASN A 187 8.11 14.54 -11.90
CA ASN A 187 8.00 15.47 -10.73
C ASN A 187 8.19 14.73 -9.39
N GLU A 188 9.33 15.00 -8.78
CA GLU A 188 9.64 14.59 -7.47
C GLU A 188 9.57 13.11 -7.26
N PRO A 189 10.43 12.33 -7.95
CA PRO A 189 10.42 10.90 -7.70
C PRO A 189 10.71 10.48 -6.23
N TRP A 190 11.39 11.30 -5.45
CA TRP A 190 11.50 10.98 -4.01
C TRP A 190 10.07 10.90 -3.41
N VAL A 191 9.23 11.88 -3.71
CA VAL A 191 7.92 11.89 -3.12
C VAL A 191 7.11 10.68 -3.63
N VAL A 192 7.13 10.48 -4.93
CA VAL A 192 6.42 9.32 -5.52
C VAL A 192 6.84 8.06 -4.81
N ALA A 193 8.11 7.85 -4.62
CA ALA A 193 8.57 6.60 -4.03
C ALA A 193 8.39 6.53 -2.58
N ILE A 194 8.95 7.47 -1.91
CA ILE A 194 8.95 7.36 -0.48
C ILE A 194 7.60 7.73 0.20
N VAL A 195 6.97 8.79 -0.24
CA VAL A 195 5.71 9.23 0.43
C VAL A 195 4.57 8.30 0.02
N GLY A 196 4.63 7.83 -1.23
CA GLY A 196 3.57 7.01 -1.81
C GLY A 196 3.68 5.55 -1.41
N HIS A 197 4.93 5.09 -1.23
CA HIS A 197 5.22 3.64 -0.93
C HIS A 197 5.89 3.29 0.39
N LEU A 198 6.48 4.24 1.11
CA LEU A 198 7.01 4.01 2.45
C LEU A 198 6.16 4.59 3.57
N TYR A 199 5.91 5.88 3.57
CA TYR A 199 4.98 6.48 4.57
C TYR A 199 3.50 6.07 4.33
N GLY A 200 3.09 5.82 3.09
CA GLY A 200 1.66 5.50 2.77
C GLY A 200 0.75 6.69 2.82
N VAL A 201 1.30 7.88 2.69
CA VAL A 201 0.48 9.10 2.81
C VAL A 201 0.03 9.61 1.50
N HIS A 202 0.72 9.24 0.41
CA HIS A 202 0.22 9.59 -0.93
C HIS A 202 -0.13 8.28 -1.60
N ALA A 203 -1.02 8.33 -2.60
CA ALA A 203 -1.21 7.25 -3.53
C ALA A 203 0.13 6.58 -4.06
N PRO A 204 0.16 5.28 -4.14
CA PRO A 204 -0.99 4.34 -3.89
C PRO A 204 -1.26 3.97 -2.39
N GLY A 205 -0.58 4.60 -1.45
CA GLY A 205 -0.87 4.44 -0.04
C GLY A 205 -0.30 3.23 0.68
N MET A 206 0.94 2.95 0.38
N MET A 206 0.91 2.85 0.29
CA MET A 206 1.56 1.70 0.74
CA MET A 206 1.56 1.62 0.72
C MET A 206 2.65 1.97 1.78
C MET A 206 2.64 1.94 1.76
N ARG A 207 2.93 1.01 2.66
CA ARG A 207 4.01 1.15 3.69
C ARG A 207 4.98 -0.04 3.71
N ASP A 208 5.91 -0.04 2.79
CA ASP A 208 6.83 -1.18 2.62
C ASP A 208 8.13 -0.70 2.02
N ILE A 209 9.18 -0.70 2.83
CA ILE A 209 10.46 -0.07 2.48
C ILE A 209 11.13 -0.76 1.33
N TYR A 210 10.88 -2.02 1.14
CA TYR A 210 11.50 -2.78 0.07
C TYR A 210 10.95 -2.46 -1.32
N VAL A 211 9.60 -2.33 -1.36
CA VAL A 211 8.91 -1.80 -2.45
C VAL A 211 9.34 -0.35 -2.68
N ALA A 212 9.43 0.44 -1.63
CA ALA A 212 9.80 1.86 -1.79
C ALA A 212 11.11 2.07 -2.54
N PHE A 213 12.14 1.31 -2.15
CA PHE A 213 13.45 1.40 -2.82
C PHE A 213 13.48 0.76 -4.19
N ARG A 214 12.50 -0.13 -4.48
CA ARG A 214 12.26 -0.56 -5.89
C ARG A 214 11.67 0.53 -6.77
N ALA A 215 10.74 1.30 -6.21
CA ALA A 215 10.14 2.33 -6.93
C ALA A 215 11.15 3.43 -7.28
N VAL A 216 11.94 3.85 -6.27
CA VAL A 216 13.11 4.75 -6.54
C VAL A 216 13.92 4.25 -7.79
N HIS A 217 14.38 3.02 -7.73
CA HIS A 217 15.15 2.46 -8.84
C HIS A 217 14.42 2.47 -10.17
N ASN A 218 13.22 1.92 -10.20
CA ASN A 218 12.41 1.97 -11.39
C ASN A 218 12.05 3.37 -11.93
N LEU A 219 11.89 4.35 -11.05
CA LEU A 219 11.62 5.72 -11.55
C LEU A 219 12.82 6.16 -12.39
N LEU A 220 14.01 5.85 -11.88
CA LEU A 220 15.23 6.13 -12.66
C LEU A 220 15.34 5.43 -13.98
N ARG A 221 15.09 4.13 -13.98
CA ARG A 221 15.00 3.36 -15.24
C ARG A 221 14.02 4.00 -16.22
N ALA A 222 12.87 4.43 -15.66
CA ALA A 222 11.78 5.01 -16.47
C ALA A 222 12.12 6.35 -17.11
N HIS A 223 12.65 7.24 -16.28
CA HIS A 223 13.17 8.54 -16.72
C HIS A 223 14.16 8.39 -17.90
N ALA A 224 15.24 7.68 -17.63
CA ALA A 224 16.26 7.40 -18.60
C ALA A 224 15.73 6.84 -19.96
N ARG A 225 14.63 6.04 -19.96
CA ARG A 225 14.03 5.49 -21.20
C ARG A 225 13.25 6.48 -21.98
N ALA A 226 12.58 7.35 -21.26
CA ALA A 226 11.89 8.50 -21.86
C ALA A 226 12.83 9.50 -22.55
N VAL A 227 13.98 9.78 -21.94
CA VAL A 227 15.04 10.69 -22.48
C VAL A 227 15.62 10.05 -23.78
N LYS A 228 16.04 8.80 -23.67
CA LYS A 228 16.35 7.97 -24.89
C LYS A 228 15.33 8.19 -26.00
N VAL A 229 14.09 7.90 -25.72
CA VAL A 229 13.04 8.03 -26.69
C VAL A 229 12.90 9.50 -27.10
N PHE A 230 13.13 10.44 -26.18
CA PHE A 230 13.08 11.88 -26.53
C PHE A 230 14.08 12.19 -27.66
N ARG A 231 15.30 11.65 -27.52
CA ARG A 231 16.35 11.96 -28.50
C ARG A 231 15.97 11.47 -29.91
N GLU A 232 15.17 10.40 -29.98
CA GLU A 232 14.73 9.80 -31.26
C GLU A 232 13.45 10.46 -31.88
N THR A 233 12.81 11.42 -31.19
CA THR A 233 11.48 11.94 -31.58
C THR A 233 11.29 13.44 -31.61
N VAL A 234 12.13 14.18 -30.90
CA VAL A 234 11.90 15.63 -30.80
C VAL A 234 13.10 16.34 -31.40
N LYS A 235 12.83 17.30 -32.29
CA LYS A 235 13.91 18.13 -32.80
C LYS A 235 13.99 19.39 -31.96
N ASP A 236 15.20 19.68 -31.53
CA ASP A 236 15.52 20.98 -30.92
C ASP A 236 14.77 21.13 -29.59
N GLY A 237 14.75 20.07 -28.81
CA GLY A 237 14.10 20.13 -27.51
C GLY A 237 15.15 20.01 -26.42
N LYS A 238 14.71 20.23 -25.20
CA LYS A 238 15.48 19.99 -24.00
C LYS A 238 14.63 19.22 -23.02
N ILE A 239 15.20 18.31 -22.30
CA ILE A 239 14.47 17.47 -21.41
C ILE A 239 15.24 17.34 -20.08
N GLY A 240 14.50 17.52 -18.97
CA GLY A 240 15.04 17.40 -17.64
C GLY A 240 14.16 16.61 -16.68
N ILE A 241 14.48 16.73 -15.38
CA ILE A 241 13.82 15.98 -14.32
C ILE A 241 13.77 16.90 -13.09
N VAL A 242 12.69 16.78 -12.33
CA VAL A 242 12.39 17.64 -11.14
C VAL A 242 12.46 16.89 -9.78
N PHE A 243 13.13 17.49 -8.85
CA PHE A 243 13.35 16.90 -7.52
C PHE A 243 12.88 17.88 -6.42
N ASN A 244 12.28 17.36 -5.39
CA ASN A 244 12.05 18.12 -4.14
C ASN A 244 13.38 18.28 -3.41
N ASN A 245 13.54 19.44 -2.77
CA ASN A 245 14.71 19.73 -1.92
C ASN A 245 14.30 20.50 -0.66
N GLY A 246 14.89 20.08 0.48
CA GLY A 246 14.82 20.78 1.74
C GLY A 246 16.25 21.25 2.13
N TYR A 247 16.32 22.36 2.86
CA TYR A 247 17.57 22.83 3.51
C TYR A 247 17.75 22.28 4.92
N PHE A 248 18.55 21.21 4.98
CA PHE A 248 18.93 20.55 6.21
C PHE A 248 20.14 21.20 6.88
N GLU A 249 19.95 21.60 8.13
CA GLU A 249 20.99 22.20 8.95
C GLU A 249 21.20 21.32 10.19
N PRO A 250 22.40 21.36 10.79
CA PRO A 250 22.63 20.42 11.91
C PRO A 250 22.20 21.06 13.24
N ALA A 251 21.77 20.24 14.19
CA ALA A 251 21.26 20.70 15.52
C ALA A 251 22.34 21.18 16.49
N SER A 252 23.51 20.58 16.40
CA SER A 252 24.69 21.08 17.10
C SER A 252 25.85 20.87 16.13
N GLU A 253 27.05 21.19 16.58
CA GLU A 253 28.23 21.00 15.75
C GLU A 253 28.86 19.63 16.00
N LYS A 254 28.10 18.68 16.60
CA LYS A 254 28.53 17.29 16.74
C LYS A 254 28.66 16.67 15.37
N GLU A 255 29.76 15.94 15.19
CA GLU A 255 30.01 15.20 13.98
C GLU A 255 28.88 14.23 13.73
N GLU A 256 28.23 13.68 14.77
CA GLU A 256 27.02 12.83 14.56
C GLU A 256 25.83 13.56 13.93
N ASP A 257 25.55 14.80 14.32
CA ASP A 257 24.51 15.63 13.71
C ASP A 257 24.91 16.14 12.35
N ILE A 258 26.21 16.38 12.13
CA ILE A 258 26.71 16.86 10.84
C ILE A 258 26.61 15.74 9.79
N ARG A 259 26.89 14.53 10.21
CA ARG A 259 26.57 13.34 9.45
C ARG A 259 25.02 13.03 9.26
N ALA A 260 24.16 13.31 10.26
CA ALA A 260 22.69 13.26 10.08
C ALA A 260 22.27 14.10 8.88
N VAL A 261 22.87 15.28 8.74
CA VAL A 261 22.61 16.19 7.65
C VAL A 261 23.09 15.61 6.31
N ARG A 262 24.30 15.05 6.30
CA ARG A 262 24.83 14.50 5.07
C ARG A 262 23.89 13.40 4.58
N PHE A 263 23.35 12.60 5.50
CA PHE A 263 22.41 11.54 5.07
C PHE A 263 21.11 12.18 4.50
N MET A 264 20.58 13.18 5.19
CA MET A 264 19.29 13.75 4.80
C MET A 264 19.35 14.33 3.41
N HIS A 265 20.46 15.00 3.14
CA HIS A 265 20.66 15.66 1.85
C HIS A 265 20.82 14.63 0.74
N GLN A 266 21.55 13.54 1.00
CA GLN A 266 21.73 12.47 0.03
C GLN A 266 20.42 11.69 -0.22
N PHE A 267 19.68 11.41 0.85
CA PHE A 267 18.45 10.65 0.73
C PHE A 267 17.29 11.50 0.16
N ASN A 268 17.04 12.67 0.75
CA ASN A 268 15.78 13.42 0.47
C ASN A 268 15.99 14.37 -0.65
N ASN A 269 17.21 14.78 -0.95
CA ASN A 269 17.42 15.79 -1.99
C ASN A 269 17.87 15.17 -3.33
N TYR A 270 18.12 16.02 -4.33
CA TYR A 270 18.57 15.61 -5.68
C TYR A 270 19.66 14.50 -5.76
N PRO A 271 20.62 14.39 -4.77
CA PRO A 271 21.67 13.38 -5.07
C PRO A 271 21.17 11.97 -5.19
N LEU A 272 20.06 11.63 -4.52
CA LEU A 272 19.62 10.27 -4.50
C LEU A 272 19.50 9.76 -5.94
N PHE A 273 19.18 10.73 -6.81
CA PHE A 273 18.98 10.56 -8.23
C PHE A 273 20.11 11.05 -9.14
N LEU A 274 20.82 12.12 -8.74
CA LEU A 274 21.96 12.64 -9.52
C LEU A 274 23.25 11.88 -9.34
N ASN A 275 23.43 11.23 -8.21
CA ASN A 275 24.55 10.35 -8.10
C ASN A 275 24.48 9.24 -9.13
N PRO A 276 23.32 8.56 -9.21
CA PRO A 276 23.21 7.68 -10.35
C PRO A 276 23.32 8.35 -11.72
N ILE A 277 22.69 9.50 -11.95
CA ILE A 277 22.61 10.05 -13.32
C ILE A 277 24.03 10.51 -13.79
N TYR A 278 24.70 11.19 -12.89
CA TYR A 278 26.03 11.76 -13.20
C TYR A 278 27.24 10.94 -12.75
N ARG A 279 27.08 10.10 -11.72
CA ARG A 279 28.16 9.24 -11.20
C ARG A 279 28.09 7.72 -11.49
N GLY A 280 26.91 7.14 -11.75
CA GLY A 280 26.77 5.66 -11.95
C GLY A 280 26.62 4.78 -10.71
N ASP A 281 26.16 5.40 -9.59
CA ASP A 281 25.75 4.65 -8.39
C ASP A 281 25.00 5.55 -7.40
N TYR A 282 24.24 4.93 -6.46
CA TYR A 282 23.57 5.65 -5.38
C TYR A 282 24.62 6.38 -4.48
N PRO A 283 24.24 7.48 -3.82
CA PRO A 283 25.12 8.11 -2.90
C PRO A 283 25.44 7.22 -1.66
N GLU A 284 26.63 7.44 -1.11
CA GLU A 284 27.28 6.57 -0.14
C GLU A 284 26.50 6.26 1.11
N LEU A 285 25.97 7.30 1.75
CA LEU A 285 25.12 7.19 2.94
C LEU A 285 23.84 6.42 2.65
N VAL A 286 23.15 6.84 1.61
CA VAL A 286 21.99 6.12 1.08
C VAL A 286 22.25 4.60 0.99
N LEU A 287 23.40 4.21 0.40
CA LEU A 287 23.80 2.79 0.27
C LEU A 287 24.11 2.10 1.62
N GLU A 288 24.72 2.83 2.56
CA GLU A 288 24.88 2.39 3.98
C GLU A 288 23.52 2.00 4.66
N PHE A 289 22.52 2.84 4.47
CA PHE A 289 21.19 2.64 5.07
C PHE A 289 20.39 1.56 4.37
N ALA A 290 20.54 1.43 3.05
CA ALA A 290 19.51 0.78 2.22
C ALA A 290 19.91 -0.29 1.19
N ARG A 291 21.18 -0.65 1.05
CA ARG A 291 21.57 -1.66 0.04
C ARG A 291 20.70 -2.91 0.04
N GLU A 292 20.32 -3.36 1.23
CA GLU A 292 19.42 -4.52 1.39
C GLU A 292 17.99 -4.36 0.80
N TYR A 293 17.52 -3.11 0.72
CA TYR A 293 16.21 -2.82 0.19
C TYR A 293 16.14 -2.68 -1.29
N LEU A 294 17.30 -2.56 -1.97
CA LEU A 294 17.37 -2.36 -3.42
C LEU A 294 17.46 -3.72 -4.14
N PRO A 295 17.00 -3.82 -5.42
CA PRO A 295 17.03 -5.14 -6.09
C PRO A 295 18.42 -5.72 -6.15
N GLU A 296 18.53 -6.99 -6.48
CA GLU A 296 19.84 -7.68 -6.42
C GLU A 296 20.94 -7.01 -7.28
N ASN A 297 20.70 -7.00 -8.58
CA ASN A 297 21.66 -6.49 -9.57
C ASN A 297 21.24 -5.08 -10.02
N TYR A 298 21.04 -4.20 -9.04
CA TYR A 298 20.53 -2.86 -9.33
C TYR A 298 21.56 -2.17 -10.22
N LYS A 299 22.84 -2.37 -9.88
CA LYS A 299 23.92 -1.69 -10.55
C LYS A 299 24.02 -2.02 -12.01
N ASP A 300 23.57 -3.21 -12.43
CA ASP A 300 23.51 -3.51 -13.85
C ASP A 300 22.68 -2.53 -14.68
N ASP A 301 21.70 -1.84 -14.09
CA ASP A 301 20.86 -0.83 -14.84
C ASP A 301 21.50 0.60 -14.96
N MET A 302 22.62 0.84 -14.30
CA MET A 302 23.19 2.20 -14.13
C MET A 302 23.69 2.89 -15.38
N SER A 303 24.20 2.10 -16.31
CA SER A 303 24.69 2.63 -17.57
C SER A 303 23.54 3.28 -18.34
N GLU A 304 22.47 2.53 -18.52
CA GLU A 304 21.28 3.04 -19.20
C GLU A 304 20.69 4.31 -18.49
N ILE A 305 20.82 4.34 -17.16
CA ILE A 305 20.35 5.40 -16.30
C ILE A 305 21.06 6.73 -16.56
N GLN A 306 22.28 6.69 -17.09
CA GLN A 306 23.08 7.91 -17.35
C GLN A 306 22.81 8.50 -18.71
N GLU A 307 21.62 8.26 -19.25
CA GLU A 307 21.17 8.92 -20.42
C GLU A 307 21.28 10.44 -20.26
N LYS A 308 21.91 11.18 -21.21
CA LYS A 308 22.24 12.59 -20.97
CA LYS A 308 22.23 12.61 -20.99
C LYS A 308 21.00 13.47 -20.86
N ILE A 309 20.95 14.26 -19.78
CA ILE A 309 19.91 15.25 -19.55
C ILE A 309 20.45 16.66 -19.80
N ASP A 310 19.51 17.51 -20.19
CA ASP A 310 19.73 18.90 -20.53
C ASP A 310 19.63 19.95 -19.39
N PHE A 311 18.80 19.64 -18.38
CA PHE A 311 18.67 20.47 -17.16
C PHE A 311 18.19 19.66 -15.94
N VAL A 312 18.22 20.33 -14.81
CA VAL A 312 17.77 19.87 -13.52
C VAL A 312 16.77 20.97 -13.11
N GLY A 313 15.52 20.59 -12.83
CA GLY A 313 14.61 21.40 -12.12
C GLY A 313 14.65 21.09 -10.61
N LEU A 314 14.76 22.15 -9.82
CA LEU A 314 14.71 22.03 -8.34
C LEU A 314 13.43 22.62 -7.81
N ASN A 315 12.73 21.89 -6.98
CA ASN A 315 11.63 22.46 -6.23
C ASN A 315 12.17 22.68 -4.86
N TYR A 316 11.81 23.83 -4.25
CA TYR A 316 12.22 24.26 -2.93
C TYR A 316 11.15 25.02 -2.11
N TYR A 317 10.94 24.55 -0.89
CA TYR A 317 9.98 25.14 0.03
C TYR A 317 10.46 25.56 1.41
N SER A 318 11.19 24.67 2.06
CA SER A 318 11.41 24.73 3.52
C SER A 318 12.75 24.16 3.98
N GLY A 319 13.08 24.53 5.22
CA GLY A 319 14.27 24.07 5.94
C GLY A 319 13.90 23.24 7.15
N HIS A 320 14.85 22.41 7.56
CA HIS A 320 14.66 21.50 8.68
C HIS A 320 15.96 21.43 9.45
N LEU A 321 15.84 21.41 10.79
CA LEU A 321 16.93 21.18 11.70
C LEU A 321 16.87 19.70 12.02
N VAL A 322 18.05 19.07 12.07
CA VAL A 322 18.24 17.65 12.02
C VAL A 322 19.28 17.27 13.09
N LYS A 323 19.07 16.12 13.77
CA LYS A 323 20.03 15.55 14.74
C LYS A 323 20.18 14.07 14.53
N PHE A 324 21.29 13.52 15.01
CA PHE A 324 21.43 12.08 15.12
C PHE A 324 20.56 11.59 16.27
N ASP A 325 19.77 10.55 16.01
CA ASP A 325 18.89 9.88 17.02
C ASP A 325 18.81 8.35 16.76
N PRO A 326 19.34 7.50 17.69
CA PRO A 326 19.40 6.05 17.43
C PRO A 326 18.06 5.29 17.56
N ASP A 327 17.12 5.87 18.28
CA ASP A 327 15.76 5.33 18.38
C ASP A 327 15.05 5.44 17.05
N ALA A 328 15.18 6.61 16.44
CA ALA A 328 14.56 6.91 15.16
C ALA A 328 14.96 5.95 14.05
N PRO A 329 14.04 5.72 13.08
CA PRO A 329 14.36 4.93 11.90
C PRO A 329 15.32 5.73 11.02
N ALA A 330 16.31 5.02 10.45
CA ALA A 330 17.40 5.62 9.66
C ALA A 330 18.33 6.49 10.51
N LYS A 331 18.15 6.42 11.82
CA LYS A 331 18.96 7.15 12.84
C LYS A 331 19.04 8.70 12.76
N VAL A 332 17.94 9.34 12.35
CA VAL A 332 17.86 10.81 12.22
C VAL A 332 16.49 11.36 12.68
N SER A 333 16.46 12.47 13.43
CA SER A 333 15.16 13.02 13.68
C SER A 333 15.18 14.46 13.50
N PHE A 334 13.98 14.98 13.29
CA PHE A 334 13.76 16.39 13.08
C PHE A 334 13.67 17.10 14.44
N VAL A 335 14.01 18.40 14.42
CA VAL A 335 14.00 19.26 15.58
C VAL A 335 13.31 20.56 15.25
N GLU A 336 12.07 20.70 15.73
CA GLU A 336 11.35 21.97 15.75
C GLU A 336 12.22 23.18 16.18
N ARG A 337 12.00 24.30 15.48
CA ARG A 337 12.63 25.61 15.72
C ARG A 337 11.55 26.66 15.67
N ASP A 338 11.89 27.81 16.24
CA ASP A 338 10.92 28.90 16.41
C ASP A 338 11.17 29.97 15.35
N LEU A 339 10.82 29.60 14.12
CA LEU A 339 10.99 30.40 12.94
C LEU A 339 9.62 30.63 12.41
N PRO A 340 9.43 31.65 11.58
CA PRO A 340 8.08 31.74 11.05
C PRO A 340 7.79 30.51 10.16
N LYS A 341 6.53 30.08 10.11
CA LYS A 341 6.15 28.91 9.38
C LYS A 341 4.93 29.31 8.54
N THR A 342 4.65 28.48 7.55
CA THR A 342 3.56 28.75 6.60
C THR A 342 2.31 28.03 7.21
N ALA A 343 1.15 28.05 6.54
CA ALA A 343 0.03 27.13 6.93
C ALA A 343 0.35 25.65 6.97
N MET A 344 1.29 25.20 6.14
CA MET A 344 1.66 23.78 6.13
C MET A 344 2.44 23.45 7.38
N GLY A 345 2.96 24.48 8.08
CA GLY A 345 3.85 24.30 9.22
C GLY A 345 5.31 24.23 8.83
N TRP A 346 5.60 24.67 7.60
CA TRP A 346 6.90 24.57 7.01
C TRP A 346 7.72 25.79 7.43
N GLU A 347 8.91 25.55 7.97
CA GLU A 347 9.78 26.63 8.48
C GLU A 347 10.29 27.39 7.27
N ILE A 348 10.18 28.71 7.33
CA ILE A 348 10.53 29.53 6.21
C ILE A 348 12.02 29.92 6.34
N VAL A 349 12.85 29.53 5.38
CA VAL A 349 14.33 29.67 5.45
C VAL A 349 14.77 29.99 4.03
N PRO A 350 14.64 31.24 3.61
CA PRO A 350 14.89 31.56 2.22
C PRO A 350 16.31 31.35 1.77
N GLU A 351 17.28 31.36 2.68
CA GLU A 351 18.65 31.02 2.25
C GLU A 351 18.82 29.53 1.87
N GLY A 352 17.84 28.70 2.17
CA GLY A 352 17.92 27.31 1.67
C GLY A 352 17.97 27.23 0.15
N ILE A 353 17.31 28.15 -0.53
CA ILE A 353 17.20 28.07 -1.93
C ILE A 353 18.60 28.42 -2.60
N TYR A 354 19.35 29.30 -1.93
CA TYR A 354 20.68 29.70 -2.34
C TYR A 354 21.57 28.53 -2.12
N TRP A 355 21.49 27.96 -0.94
CA TRP A 355 22.29 26.80 -0.65
C TRP A 355 22.10 25.54 -1.57
N ILE A 356 20.87 25.14 -1.86
CA ILE A 356 20.58 24.05 -2.76
C ILE A 356 21.11 24.28 -4.22
N LEU A 357 20.93 25.52 -4.69
CA LEU A 357 21.48 26.02 -5.96
C LEU A 357 23.07 26.05 -6.06
N LYS A 358 23.76 26.44 -5.03
CA LYS A 358 25.22 26.39 -5.01
C LYS A 358 25.65 24.97 -4.94
N LYS A 359 24.97 24.20 -4.10
CA LYS A 359 25.38 22.82 -3.88
C LYS A 359 25.21 21.95 -5.12
N VAL A 360 24.10 22.07 -5.85
CA VAL A 360 23.91 21.23 -7.08
C VAL A 360 24.98 21.56 -8.18
N LYS A 361 25.32 22.84 -8.29
CA LYS A 361 26.43 23.37 -9.07
C LYS A 361 27.74 22.69 -8.65
N GLU A 362 28.03 22.75 -7.35
CA GLU A 362 29.28 22.17 -6.77
C GLU A 362 29.34 20.66 -6.85
N GLU A 363 28.22 19.98 -6.64
CA GLU A 363 28.16 18.54 -6.61
C GLU A 363 28.19 17.83 -7.93
N TYR A 364 27.34 18.28 -8.85
CA TYR A 364 27.11 17.62 -10.17
C TYR A 364 27.22 18.52 -11.38
N ASN A 365 27.32 19.82 -11.17
CA ASN A 365 27.52 20.83 -12.23
C ASN A 365 26.65 20.67 -13.49
N PRO A 366 25.27 20.64 -13.33
CA PRO A 366 24.39 20.48 -14.49
C PRO A 366 24.52 21.70 -15.38
N PRO A 367 24.27 21.54 -16.70
CA PRO A 367 24.56 22.69 -17.54
C PRO A 367 23.54 23.80 -17.47
N GLU A 368 22.33 23.45 -17.00
CA GLU A 368 21.20 24.39 -16.77
C GLU A 368 20.43 23.92 -15.52
N VAL A 369 19.99 24.85 -14.70
CA VAL A 369 19.09 24.61 -13.58
C VAL A 369 17.87 25.48 -13.75
N TYR A 370 16.65 24.97 -13.51
CA TYR A 370 15.49 25.79 -13.10
C TYR A 370 14.97 25.60 -11.68
N ILE A 371 14.39 26.65 -11.13
CA ILE A 371 13.57 26.53 -9.94
C ILE A 371 12.22 26.20 -10.52
N THR A 372 11.87 24.93 -10.41
CA THR A 372 10.64 24.44 -11.02
C THR A 372 9.39 24.68 -10.19
N GLU A 373 9.56 24.93 -8.89
CA GLU A 373 8.43 25.36 -8.00
C GLU A 373 9.01 26.09 -6.78
N ASN A 374 8.49 27.26 -6.45
CA ASN A 374 8.69 27.78 -5.07
C ASN A 374 7.47 28.56 -4.70
N GLY A 375 7.07 28.49 -3.44
CA GLY A 375 5.86 29.27 -2.97
C GLY A 375 5.38 28.89 -1.64
N ALA A 376 4.13 29.28 -1.28
CA ALA A 376 3.67 29.10 0.11
C ALA A 376 2.17 29.18 0.33
N ALA A 377 1.71 28.40 1.30
CA ALA A 377 0.35 28.33 1.71
C ALA A 377 0.17 29.21 2.95
N PHE A 378 -0.78 30.10 2.89
CA PHE A 378 -1.23 30.86 4.07
C PHE A 378 -2.75 30.85 3.99
N ASP A 379 -3.41 31.14 5.12
CA ASP A 379 -4.89 31.19 5.18
C ASP A 379 -5.38 32.50 4.56
N ASP A 380 -5.47 32.56 3.24
CA ASP A 380 -5.91 33.76 2.53
C ASP A 380 -7.41 33.97 2.76
N VAL A 381 -7.80 35.22 3.01
CA VAL A 381 -9.24 35.56 3.07
C VAL A 381 -9.45 36.62 2.04
N VAL A 382 -10.66 36.72 1.49
CA VAL A 382 -11.03 37.89 0.71
C VAL A 382 -11.54 39.00 1.68
N SER A 383 -11.09 40.23 1.40
CA SER A 383 -11.50 41.43 2.12
C SER A 383 -12.77 42.08 1.58
N GLU A 384 -13.27 43.06 2.35
CA GLU A 384 -14.48 43.83 2.03
C GLU A 384 -14.37 44.56 0.69
N ASP A 385 -13.14 44.97 0.36
CA ASP A 385 -12.81 45.52 -0.97
C ASP A 385 -12.80 44.54 -2.16
N GLY A 386 -12.93 43.24 -1.87
CA GLY A 386 -12.88 42.17 -2.91
C GLY A 386 -11.48 41.78 -3.39
N ARG A 387 -10.48 41.94 -2.52
CA ARG A 387 -9.09 41.65 -2.84
C ARG A 387 -8.52 40.65 -1.82
N VAL A 388 -7.42 40.00 -2.18
CA VAL A 388 -6.73 39.09 -1.23
C VAL A 388 -5.38 39.72 -0.86
N HIS A 389 -5.29 40.24 0.37
CA HIS A 389 -4.08 40.95 0.84
C HIS A 389 -3.08 39.93 1.42
N ASP A 390 -2.21 39.40 0.56
CA ASP A 390 -1.34 38.29 0.94
C ASP A 390 0.13 38.71 1.01
N GLN A 391 0.39 39.78 1.77
CA GLN A 391 1.77 40.31 2.00
C GLN A 391 2.69 39.21 2.59
N ASN A 392 2.13 38.31 3.40
CA ASN A 392 2.81 37.08 3.84
C ASN A 392 3.42 36.20 2.69
N ARG A 393 2.74 36.09 1.54
CA ARG A 393 3.28 35.34 0.40
C ARG A 393 4.26 36.21 -0.42
N ILE A 394 4.02 37.51 -0.46
CA ILE A 394 4.97 38.43 -1.05
C ILE A 394 6.29 38.39 -0.28
N ASP A 395 6.21 38.51 1.03
CA ASP A 395 7.41 38.42 1.81
C ASP A 395 8.16 37.13 1.49
N TYR A 396 7.45 35.99 1.58
CA TYR A 396 8.06 34.73 1.32
C TYR A 396 8.71 34.78 -0.08
N LEU A 397 7.95 35.23 -1.10
CA LEU A 397 8.45 35.06 -2.48
C LEU A 397 9.73 35.92 -2.74
N LYS A 398 9.69 37.16 -2.23
CA LYS A 398 10.75 38.19 -2.38
C LYS A 398 12.06 37.71 -1.80
N ALA A 399 12.01 37.24 -0.55
CA ALA A 399 13.17 36.66 0.08
C ALA A 399 13.76 35.48 -0.77
N HIS A 400 12.92 34.59 -1.30
CA HIS A 400 13.48 33.48 -2.09
C HIS A 400 13.99 33.95 -3.42
N ILE A 401 13.28 34.81 -4.13
CA ILE A 401 13.79 35.35 -5.36
C ILE A 401 15.11 36.13 -5.16
N GLY A 402 15.23 36.88 -4.07
CA GLY A 402 16.47 37.57 -3.78
C GLY A 402 17.60 36.59 -3.58
N GLN A 403 17.29 35.51 -2.90
CA GLN A 403 18.29 34.46 -2.71
C GLN A 403 18.74 33.72 -3.98
N ALA A 404 17.84 33.59 -4.92
CA ALA A 404 18.14 32.89 -6.18
C ALA A 404 19.02 33.79 -7.02
N TRP A 405 18.65 35.08 -7.05
CA TRP A 405 19.49 36.14 -7.61
C TRP A 405 20.97 36.10 -7.23
N LYS A 406 21.22 35.83 -5.95
CA LYS A 406 22.54 35.78 -5.34
C LYS A 406 23.25 34.54 -5.84
N ALA A 407 22.53 33.44 -5.94
CA ALA A 407 23.15 32.26 -6.53
C ALA A 407 23.66 32.45 -7.98
N ILE A 408 22.86 33.15 -8.83
CA ILE A 408 23.24 33.50 -10.20
C ILE A 408 24.50 34.40 -10.17
N GLN A 409 24.56 35.38 -9.24
CA GLN A 409 25.75 36.28 -9.20
C GLN A 409 26.99 35.50 -8.91
N GLU A 410 26.88 34.50 -8.02
CA GLU A 410 27.94 33.49 -7.80
C GLU A 410 28.12 32.31 -8.85
N GLY A 411 27.51 32.42 -10.02
CA GLY A 411 27.81 31.54 -11.15
C GLY A 411 26.95 30.31 -11.37
N VAL A 412 25.84 30.17 -10.60
CA VAL A 412 24.92 29.04 -10.82
C VAL A 412 24.18 29.30 -12.11
N PRO A 413 24.07 28.29 -12.99
CA PRO A 413 23.46 28.54 -14.28
C PRO A 413 21.93 28.41 -14.23
N LEU A 414 21.30 29.34 -13.49
CA LEU A 414 19.86 29.37 -13.25
C LEU A 414 19.12 30.09 -14.34
N LYS A 415 18.35 29.32 -15.08
CA LYS A 415 17.73 29.82 -16.32
C LYS A 415 16.29 30.26 -16.10
N GLY A 416 15.70 29.92 -14.97
CA GLY A 416 14.29 30.33 -14.72
C GLY A 416 13.80 29.92 -13.35
N TYR A 417 12.60 30.36 -13.03
CA TYR A 417 11.98 30.28 -11.71
C TYR A 417 10.45 30.26 -11.89
N PHE A 418 9.84 29.15 -11.48
CA PHE A 418 8.43 28.98 -11.54
C PHE A 418 7.72 29.10 -10.19
N VAL A 419 6.72 29.99 -10.06
CA VAL A 419 5.92 30.02 -8.83
C VAL A 419 4.88 28.82 -8.73
N TRP A 420 4.91 28.04 -7.68
CA TRP A 420 3.87 27.15 -7.27
C TRP A 420 2.92 28.02 -6.41
N SER A 421 1.66 28.28 -6.83
CA SER A 421 1.03 27.84 -8.06
C SER A 421 0.32 28.99 -8.64
N LEU A 422 -0.11 28.85 -9.89
CA LEU A 422 -0.93 29.83 -10.52
C LEU A 422 -2.23 30.03 -9.72
N LEU A 423 -2.83 28.90 -9.31
CA LEU A 423 -4.17 28.85 -8.72
C LEU A 423 -4.12 28.10 -7.44
N ASP A 424 -4.96 28.50 -6.44
CA ASP A 424 -5.33 27.63 -5.28
C ASP A 424 -5.84 26.29 -5.81
N ASN A 425 -5.44 25.16 -5.19
CA ASN A 425 -5.71 23.85 -5.76
C ASN A 425 -5.77 22.77 -4.73
N PHE A 426 -5.99 21.51 -5.19
CA PHE A 426 -6.18 20.33 -4.36
C PHE A 426 -4.83 19.93 -3.86
N GLU A 427 -4.53 20.20 -2.56
CA GLU A 427 -3.17 20.01 -2.00
C GLU A 427 -3.03 18.62 -1.38
N TRP A 428 -3.14 17.60 -2.26
CA TRP A 428 -2.89 16.20 -1.97
C TRP A 428 -3.58 15.71 -0.74
N ALA A 429 -2.89 15.08 0.21
CA ALA A 429 -3.57 14.60 1.39
C ALA A 429 -4.14 15.75 2.24
N GLU A 430 -3.78 17.00 1.94
CA GLU A 430 -4.29 18.15 2.69
C GLU A 430 -5.65 18.65 2.13
N GLY A 431 -5.99 18.24 0.88
CA GLY A 431 -7.25 18.69 0.25
C GLY A 431 -7.12 20.18 -0.09
N TYR A 432 -8.25 20.87 -0.09
CA TYR A 432 -8.32 22.32 -0.40
C TYR A 432 -8.11 23.18 0.83
N SER A 433 -7.74 22.61 1.97
CA SER A 433 -7.39 23.39 3.17
C SER A 433 -6.06 24.22 3.04
N LYS A 434 -5.24 23.94 2.01
CA LYS A 434 -3.99 24.66 1.81
C LYS A 434 -3.99 25.40 0.44
N ARG A 435 -3.91 26.75 0.51
CA ARG A 435 -4.00 27.61 -0.68
C ARG A 435 -2.62 28.18 -1.11
N PHE A 436 -2.04 27.65 -2.22
CA PHE A 436 -0.66 28.05 -2.64
C PHE A 436 -0.71 29.01 -3.81
N GLY A 437 -1.89 29.42 -4.22
CA GLY A 437 -2.01 30.15 -5.46
C GLY A 437 -1.61 31.62 -5.33
N ILE A 438 -1.27 32.21 -6.46
CA ILE A 438 -1.23 33.65 -6.63
C ILE A 438 -2.57 34.15 -7.19
N VAL A 439 -3.51 33.25 -7.43
CA VAL A 439 -4.87 33.59 -7.85
C VAL A 439 -5.76 32.86 -6.92
N TYR A 440 -6.66 33.58 -6.27
CA TYR A 440 -7.60 32.97 -5.33
C TYR A 440 -8.72 32.26 -6.08
N VAL A 441 -9.14 31.08 -5.62
CA VAL A 441 -10.29 30.36 -6.22
C VAL A 441 -11.41 30.20 -5.21
N ASP A 442 -12.59 30.71 -5.53
CA ASP A 442 -13.77 30.48 -4.65
C ASP A 442 -14.32 29.17 -5.13
N TYR A 443 -14.25 28.10 -4.31
CA TYR A 443 -14.71 26.80 -4.86
C TYR A 443 -16.24 26.71 -4.97
N SER A 444 -16.98 27.51 -4.19
CA SER A 444 -18.48 27.51 -4.29
C SER A 444 -18.85 27.89 -5.71
N THR A 445 -18.28 29.02 -6.19
CA THR A 445 -18.52 29.62 -7.52
C THR A 445 -17.51 29.30 -8.65
N GLN A 446 -16.33 28.79 -8.32
CA GLN A 446 -15.18 28.74 -9.26
C GLN A 446 -14.69 30.15 -9.68
N LYS A 447 -14.97 31.19 -8.88
CA LYS A 447 -14.50 32.53 -9.24
C LYS A 447 -12.95 32.62 -9.05
N ARG A 448 -12.24 33.17 -10.00
CA ARG A 448 -10.83 33.52 -9.78
C ARG A 448 -10.76 34.98 -9.32
N ILE A 449 -10.08 35.26 -8.23
CA ILE A 449 -9.61 36.64 -7.90
C ILE A 449 -8.05 36.71 -7.82
N VAL A 450 -7.42 37.60 -8.58
CA VAL A 450 -5.93 37.78 -8.50
C VAL A 450 -5.53 38.28 -7.09
N LYS A 451 -4.60 37.58 -6.42
CA LYS A 451 -4.15 38.05 -5.09
C LYS A 451 -3.16 39.19 -5.27
N ASP A 452 -2.87 39.91 -4.20
CA ASP A 452 -1.80 40.97 -4.25
C ASP A 452 -0.43 40.37 -4.70
N SER A 453 -0.07 39.19 -4.20
CA SER A 453 1.11 38.49 -4.73
C SER A 453 1.09 38.32 -6.25
N GLY A 454 -0.08 38.12 -6.85
CA GLY A 454 -0.20 37.99 -8.33
C GLY A 454 0.19 39.27 -9.03
N TYR A 455 -0.34 40.39 -8.53
CA TYR A 455 0.03 41.75 -9.02
C TYR A 455 1.51 42.06 -8.80
N TRP A 456 2.04 41.77 -7.61
CA TRP A 456 3.48 41.93 -7.31
C TRP A 456 4.34 41.13 -8.33
N TYR A 457 4.13 39.82 -8.33
CA TYR A 457 4.80 38.93 -9.27
C TYR A 457 4.76 39.44 -10.72
N SER A 458 3.64 40.01 -11.11
CA SER A 458 3.51 40.55 -12.47
C SER A 458 4.52 41.67 -12.72
N ASN A 459 4.80 42.48 -11.69
CA ASN A 459 5.82 43.55 -11.79
C ASN A 459 7.25 43.04 -11.68
N VAL A 460 7.45 41.93 -10.97
CA VAL A 460 8.76 41.27 -10.97
C VAL A 460 9.04 40.87 -12.39
N VAL A 461 8.06 40.21 -13.01
CA VAL A 461 8.19 39.81 -14.40
C VAL A 461 8.53 41.03 -15.29
N LYS A 462 7.76 42.13 -15.19
CA LYS A 462 7.95 43.36 -16.03
C LYS A 462 9.34 43.93 -15.88
N ASN A 463 9.79 44.07 -14.63
CA ASN A 463 11.13 44.60 -14.28
C ASN A 463 12.29 43.61 -14.34
N ASN A 464 12.01 42.35 -14.75
CA ASN A 464 12.99 41.24 -14.71
C ASN A 464 13.78 41.19 -13.40
N GLY A 465 13.05 41.40 -12.30
CA GLY A 465 13.58 41.23 -10.95
C GLY A 465 13.04 42.17 -9.90
N LEU A 466 13.79 42.34 -8.81
CA LEU A 466 13.41 43.17 -7.65
C LEU A 466 13.98 44.58 -7.71
N GLU A 467 13.19 45.54 -7.21
CA GLU A 467 13.45 46.99 -7.42
C GLU A 467 13.23 47.77 -6.14
N VAL B 25 26.26 -18.86 -27.77
CA VAL B 25 24.94 -19.59 -27.63
C VAL B 25 23.86 -18.55 -27.38
N LYS B 26 22.61 -18.95 -27.58
CA LYS B 26 21.44 -18.06 -27.49
C LYS B 26 20.25 -18.85 -27.00
N LYS B 27 20.00 -18.81 -25.69
CA LYS B 27 18.88 -19.53 -25.13
C LYS B 27 17.70 -18.54 -25.12
N PHE B 28 16.51 -19.06 -25.46
CA PHE B 28 15.30 -18.26 -25.43
C PHE B 28 14.68 -18.31 -24.03
N PRO B 29 13.76 -17.37 -23.71
CA PRO B 29 13.19 -17.37 -22.37
C PRO B 29 12.46 -18.68 -22.03
N GLU B 30 12.30 -18.93 -20.74
CA GLU B 30 11.57 -20.11 -20.26
C GLU B 30 10.08 -19.98 -20.71
N GLY B 31 9.46 -21.07 -21.13
CA GLY B 31 8.08 -21.07 -21.60
C GLY B 31 7.88 -20.48 -23.01
N PHE B 32 8.97 -20.12 -23.70
CA PHE B 32 8.87 -19.64 -25.11
C PHE B 32 8.31 -20.78 -25.97
N LEU B 33 7.47 -20.43 -26.94
CA LEU B 33 6.70 -21.43 -27.67
C LEU B 33 7.27 -21.61 -29.06
N TRP B 34 7.75 -22.82 -29.38
CA TRP B 34 8.27 -23.13 -30.74
C TRP B 34 7.18 -23.83 -31.50
N GLY B 35 6.84 -23.36 -32.69
CA GLY B 35 5.85 -24.06 -33.49
C GLY B 35 6.17 -24.21 -34.97
N VAL B 36 5.20 -24.82 -35.68
CA VAL B 36 5.05 -24.89 -37.12
C VAL B 36 3.65 -24.44 -37.51
N ALA B 37 3.47 -23.90 -38.73
CA ALA B 37 2.17 -23.40 -39.24
C ALA B 37 1.77 -24.00 -40.58
N THR B 38 0.46 -24.16 -40.75
CA THR B 38 -0.18 -24.58 -42.03
C THR B 38 -1.39 -23.74 -42.29
N ALA B 39 -1.91 -23.81 -43.49
CA ALA B 39 -3.28 -23.34 -43.75
C ALA B 39 -4.08 -24.42 -44.56
N SER B 40 -5.41 -24.29 -44.42
CA SER B 40 -6.39 -25.31 -44.75
C SER B 40 -6.40 -25.64 -46.22
N TYR B 41 -6.53 -24.62 -47.09
CA TYR B 41 -6.52 -24.86 -48.48
C TYR B 41 -5.16 -25.38 -49.05
N GLN B 42 -4.09 -24.85 -48.50
CA GLN B 42 -2.75 -25.25 -48.87
C GLN B 42 -2.46 -26.71 -48.58
N ILE B 43 -3.16 -27.34 -47.62
CA ILE B 43 -2.77 -28.69 -47.19
C ILE B 43 -3.88 -29.80 -47.29
N GLU B 44 -5.15 -29.43 -47.04
CA GLU B 44 -6.17 -30.45 -46.74
C GLU B 44 -6.49 -31.31 -47.96
N GLY B 45 -6.76 -30.69 -49.11
CA GLY B 45 -7.31 -31.44 -50.26
C GLY B 45 -8.79 -31.70 -49.91
N SER B 46 -9.46 -32.43 -50.80
CA SER B 46 -10.87 -32.81 -50.60
C SER B 46 -11.75 -31.62 -50.29
N PRO B 47 -11.59 -30.56 -51.05
CA PRO B 47 -12.32 -29.35 -50.69
C PRO B 47 -13.89 -29.49 -50.74
N LEU B 48 -14.42 -30.43 -51.54
CA LEU B 48 -15.88 -30.63 -51.64
C LEU B 48 -16.43 -31.83 -50.87
N ALA B 49 -15.57 -32.46 -50.09
CA ALA B 49 -15.95 -33.57 -49.21
C ALA B 49 -16.95 -33.26 -48.11
N ASP B 50 -17.73 -34.30 -47.78
CA ASP B 50 -18.64 -34.36 -46.63
C ASP B 50 -19.48 -33.13 -46.42
N GLY B 51 -20.07 -32.61 -47.49
CA GLY B 51 -20.99 -31.48 -47.39
C GLY B 51 -20.37 -30.08 -47.48
N ALA B 52 -19.07 -29.95 -47.77
CA ALA B 52 -18.44 -28.62 -47.87
C ALA B 52 -18.90 -27.80 -49.12
N GLY B 53 -19.00 -26.48 -48.94
CA GLY B 53 -19.33 -25.60 -50.04
C GLY B 53 -18.06 -25.22 -50.74
N MET B 54 -18.20 -24.74 -51.98
CA MET B 54 -17.01 -24.30 -52.71
C MET B 54 -16.43 -23.08 -51.99
N SER B 55 -15.10 -22.89 -52.04
CA SER B 55 -14.43 -21.63 -51.65
C SER B 55 -13.99 -20.85 -52.85
N ILE B 56 -13.60 -19.56 -52.62
CA ILE B 56 -13.11 -18.73 -53.72
C ILE B 56 -11.75 -19.22 -54.26
N TRP B 57 -11.00 -19.98 -53.45
CA TRP B 57 -9.75 -20.55 -53.91
C TRP B 57 -10.00 -21.79 -54.81
N HIS B 58 -11.13 -22.49 -54.56
CA HIS B 58 -11.58 -23.57 -55.46
C HIS B 58 -11.80 -23.06 -56.88
N THR B 59 -12.64 -22.01 -56.98
CA THR B 59 -13.08 -21.49 -58.22
C THR B 59 -11.91 -20.79 -58.93
N PHE B 60 -11.15 -20.00 -58.17
CA PHE B 60 -10.01 -19.29 -58.69
C PHE B 60 -8.97 -20.25 -59.31
N SER B 61 -8.59 -21.28 -58.58
CA SER B 61 -7.61 -22.23 -59.02
C SER B 61 -8.08 -23.10 -60.19
N HIS B 62 -9.38 -23.39 -60.26
CA HIS B 62 -9.90 -24.11 -61.39
C HIS B 62 -10.22 -23.19 -62.56
N THR B 63 -9.98 -21.89 -62.47
CA THR B 63 -10.02 -20.95 -63.63
C THR B 63 -8.62 -20.97 -64.39
N PRO B 64 -8.58 -21.31 -65.69
CA PRO B 64 -7.31 -21.37 -66.44
C PRO B 64 -6.53 -20.06 -66.44
N GLY B 65 -5.20 -20.18 -66.32
CA GLY B 65 -4.29 -19.05 -66.29
C GLY B 65 -4.00 -18.46 -64.90
N ASN B 66 -4.79 -18.80 -63.88
CA ASN B 66 -4.70 -18.14 -62.57
C ASN B 66 -3.56 -18.61 -61.76
N VAL B 67 -3.35 -19.93 -61.80
CA VAL B 67 -2.33 -20.60 -61.03
C VAL B 67 -1.40 -21.37 -62.03
N LYS B 68 -0.10 -21.25 -61.77
CA LYS B 68 0.98 -21.94 -62.46
C LYS B 68 0.74 -23.43 -62.56
N ASN B 69 1.04 -23.99 -63.74
CA ASN B 69 0.74 -25.37 -64.16
C ASN B 69 -0.72 -25.84 -64.02
N GLY B 70 -1.69 -24.92 -63.91
CA GLY B 70 -3.10 -25.27 -63.57
C GLY B 70 -3.25 -26.11 -62.31
N ASP B 71 -2.37 -25.91 -61.30
CA ASP B 71 -2.49 -26.67 -60.04
C ASP B 71 -3.71 -26.11 -59.26
N THR B 72 -4.34 -26.96 -58.46
CA THR B 72 -5.47 -26.56 -57.60
C THR B 72 -5.19 -27.15 -56.28
N GLY B 73 -5.99 -26.80 -55.28
CA GLY B 73 -5.95 -27.53 -54.01
C GLY B 73 -6.86 -28.77 -53.90
N ASP B 74 -7.16 -29.47 -55.03
CA ASP B 74 -7.98 -30.70 -54.93
C ASP B 74 -7.37 -31.79 -54.07
N VAL B 75 -6.08 -32.03 -54.17
CA VAL B 75 -5.48 -33.10 -53.36
C VAL B 75 -4.58 -32.52 -52.26
N ALA B 76 -3.72 -31.59 -52.64
CA ALA B 76 -2.73 -30.96 -51.76
C ALA B 76 -1.78 -32.03 -51.13
N CYS B 77 -1.62 -32.01 -49.82
CA CYS B 77 -0.95 -33.05 -49.09
C CYS B 77 -1.93 -34.11 -48.56
N ASP B 78 -3.20 -34.07 -49.03
CA ASP B 78 -4.24 -34.95 -48.54
C ASP B 78 -4.25 -34.98 -47.01
N HIS B 79 -4.02 -33.84 -46.35
CA HIS B 79 -4.12 -33.75 -44.88
C HIS B 79 -5.51 -34.14 -44.41
N TYR B 80 -6.54 -33.91 -45.21
CA TYR B 80 -7.91 -34.18 -44.77
C TYR B 80 -8.08 -35.67 -44.31
N ASN B 81 -7.35 -36.54 -44.98
CA ASN B 81 -7.30 -37.95 -44.63
C ASN B 81 -6.07 -38.36 -43.82
N ARG B 82 -4.99 -37.58 -43.91
CA ARG B 82 -3.71 -37.91 -43.29
C ARG B 82 -3.37 -37.10 -42.03
N TRP B 83 -4.33 -36.29 -41.55
CA TRP B 83 -4.16 -35.45 -40.35
C TRP B 83 -3.42 -36.14 -39.20
N LYS B 84 -3.79 -37.39 -38.91
CA LYS B 84 -3.26 -38.12 -37.74
C LYS B 84 -1.78 -38.41 -37.90
N GLU B 85 -1.35 -38.87 -39.08
CA GLU B 85 0.09 -39.05 -39.39
C GLU B 85 0.89 -37.74 -39.18
N ASP B 86 0.34 -36.62 -39.66
CA ASP B 86 1.07 -35.33 -39.70
C ASP B 86 1.24 -34.79 -38.26
N ILE B 87 0.22 -34.88 -37.43
CA ILE B 87 0.37 -34.52 -36.01
C ILE B 87 1.43 -35.43 -35.36
N GLU B 88 1.51 -36.68 -35.82
CA GLU B 88 2.50 -37.63 -35.34
C GLU B 88 3.94 -37.18 -35.63
N ILE B 89 4.12 -36.52 -36.77
CA ILE B 89 5.37 -35.85 -37.14
C ILE B 89 5.69 -34.70 -36.18
N ILE B 90 4.69 -33.85 -35.87
CA ILE B 90 4.87 -32.72 -34.97
C ILE B 90 5.37 -33.19 -33.59
N GLU B 91 4.67 -34.22 -33.06
CA GLU B 91 4.99 -34.82 -31.79
C GLU B 91 6.41 -35.37 -31.70
N LYS B 92 6.81 -36.10 -32.73
CA LYS B 92 8.11 -36.78 -32.76
C LYS B 92 9.28 -35.78 -32.88
N LEU B 93 9.06 -34.68 -33.57
CA LEU B 93 10.01 -33.59 -33.59
C LEU B 93 10.12 -32.85 -32.24
N GLY B 94 9.16 -33.05 -31.35
CA GLY B 94 9.09 -32.31 -30.09
C GLY B 94 8.55 -30.89 -30.22
N VAL B 95 8.06 -30.50 -31.39
CA VAL B 95 7.44 -29.20 -31.58
C VAL B 95 6.18 -29.04 -30.71
N LYS B 96 6.00 -27.85 -30.15
CA LYS B 96 5.04 -27.65 -29.02
C LYS B 96 3.77 -26.83 -29.32
N ALA B 97 3.75 -26.20 -30.49
CA ALA B 97 2.59 -25.49 -30.95
C ALA B 97 2.39 -25.81 -32.41
N TYR B 98 1.14 -25.68 -32.82
CA TYR B 98 0.72 -25.94 -34.17
C TYR B 98 -0.43 -24.98 -34.47
N ARG B 99 -0.16 -24.11 -35.42
CA ARG B 99 -1.11 -23.14 -35.85
C ARG B 99 -1.63 -23.73 -37.13
N PHE B 100 -2.95 -23.73 -37.31
CA PHE B 100 -3.60 -24.18 -38.55
C PHE B 100 -4.82 -23.35 -38.79
N SER B 101 -5.33 -23.34 -40.01
CA SER B 101 -6.63 -22.66 -40.22
C SER B 101 -7.83 -23.58 -40.35
N ILE B 102 -8.98 -22.95 -40.18
CA ILE B 102 -10.29 -23.58 -40.34
C ILE B 102 -10.89 -23.06 -41.64
N SER B 103 -11.23 -24.02 -42.51
CA SER B 103 -11.91 -23.74 -43.71
C SER B 103 -13.41 -23.41 -43.46
N TRP B 104 -13.72 -22.12 -43.54
CA TRP B 104 -15.10 -21.58 -43.44
C TRP B 104 -16.20 -22.36 -44.19
N PRO B 105 -16.07 -22.62 -45.54
CA PRO B 105 -17.13 -23.42 -46.16
C PRO B 105 -17.17 -24.89 -45.75
N ARG B 106 -16.21 -25.41 -44.97
CA ARG B 106 -16.40 -26.74 -44.40
C ARG B 106 -17.40 -26.62 -43.26
N ILE B 107 -17.50 -25.45 -42.61
CA ILE B 107 -18.27 -25.28 -41.39
C ILE B 107 -19.69 -24.75 -41.65
N LEU B 108 -19.79 -23.78 -42.52
CA LEU B 108 -21.01 -23.22 -43.05
C LEU B 108 -20.89 -23.20 -44.58
N PRO B 109 -21.37 -24.26 -45.28
CA PRO B 109 -21.18 -24.35 -46.74
C PRO B 109 -21.70 -23.14 -47.59
N GLU B 110 -22.73 -22.44 -47.10
CA GLU B 110 -23.34 -21.30 -47.74
C GLU B 110 -22.86 -19.99 -47.11
N GLY B 111 -22.00 -20.07 -46.10
CA GLY B 111 -21.40 -18.89 -45.52
C GLY B 111 -22.04 -18.48 -44.21
N THR B 112 -23.37 -18.38 -44.15
CA THR B 112 -24.08 -18.33 -42.90
C THR B 112 -25.22 -19.37 -42.96
N GLY B 113 -25.70 -19.75 -41.78
CA GLY B 113 -26.85 -20.65 -41.69
C GLY B 113 -26.46 -22.01 -41.14
N ARG B 114 -26.88 -23.01 -41.86
CA ARG B 114 -26.72 -24.40 -41.52
C ARG B 114 -25.22 -24.70 -41.28
N VAL B 115 -24.93 -25.29 -40.12
CA VAL B 115 -23.60 -25.81 -39.77
C VAL B 115 -23.51 -27.21 -40.29
N ASN B 116 -22.34 -27.50 -40.88
CA ASN B 116 -21.97 -28.78 -41.38
C ASN B 116 -21.26 -29.42 -40.22
N GLN B 117 -21.94 -30.39 -39.61
CA GLN B 117 -21.48 -31.13 -38.45
C GLN B 117 -20.21 -31.94 -38.76
N LYS B 118 -20.05 -32.43 -39.98
CA LYS B 118 -18.85 -33.19 -40.37
C LYS B 118 -17.57 -32.33 -40.49
N GLY B 119 -17.77 -31.05 -40.76
CA GLY B 119 -16.73 -30.04 -40.76
C GLY B 119 -16.28 -29.81 -39.33
N LEU B 120 -17.21 -29.53 -38.42
CA LEU B 120 -16.85 -29.53 -36.99
C LEU B 120 -16.04 -30.75 -36.58
N ASP B 121 -16.54 -31.93 -36.98
CA ASP B 121 -15.98 -33.22 -36.64
C ASP B 121 -14.51 -33.29 -37.00
N PHE B 122 -14.20 -32.95 -38.26
CA PHE B 122 -12.84 -32.95 -38.79
C PHE B 122 -11.85 -32.12 -37.95
N TYR B 123 -12.24 -30.92 -37.55
CA TYR B 123 -11.39 -30.05 -36.72
C TYR B 123 -11.38 -30.50 -35.24
N ASN B 124 -12.53 -30.96 -34.72
CA ASN B 124 -12.63 -31.44 -33.34
C ASN B 124 -11.67 -32.56 -33.08
N ARG B 125 -11.46 -33.43 -34.07
CA ARG B 125 -10.53 -34.56 -33.88
C ARG B 125 -9.06 -34.12 -33.84
N ILE B 126 -8.70 -33.18 -34.70
CA ILE B 126 -7.35 -32.59 -34.72
C ILE B 126 -7.07 -31.92 -33.39
N ILE B 127 -8.00 -31.09 -32.94
CA ILE B 127 -7.84 -30.35 -31.69
C ILE B 127 -7.65 -31.31 -30.49
N ASP B 128 -8.50 -32.32 -30.41
CA ASP B 128 -8.38 -33.32 -29.31
C ASP B 128 -7.07 -34.09 -29.36
N THR B 129 -6.61 -34.39 -30.55
CA THR B 129 -5.40 -35.17 -30.72
C THR B 129 -4.13 -34.38 -30.32
N LEU B 130 -4.13 -33.11 -30.67
CA LEU B 130 -3.07 -32.20 -30.29
C LEU B 130 -2.96 -32.11 -28.79
N LEU B 131 -4.08 -31.85 -28.13
CA LEU B 131 -4.15 -31.70 -26.67
C LEU B 131 -3.77 -32.97 -25.90
N GLU B 132 -4.09 -34.12 -26.48
CA GLU B 132 -3.68 -35.42 -25.94
C GLU B 132 -2.14 -35.58 -25.98
N LYS B 133 -1.49 -35.01 -27.00
CA LYS B 133 -0.01 -35.11 -27.20
C LYS B 133 0.79 -33.88 -26.72
N GLY B 134 0.18 -32.99 -25.96
CA GLY B 134 0.89 -31.86 -25.36
C GLY B 134 1.24 -30.69 -26.28
N ILE B 135 0.56 -30.59 -27.42
CA ILE B 135 0.87 -29.60 -28.49
C ILE B 135 -0.20 -28.55 -28.47
N THR B 136 0.22 -27.30 -28.40
CA THR B 136 -0.68 -26.22 -28.13
C THR B 136 -1.23 -25.71 -29.49
N PRO B 137 -2.55 -25.90 -29.73
CA PRO B 137 -3.09 -25.38 -30.98
C PRO B 137 -3.13 -23.89 -31.03
N PHE B 138 -2.66 -23.29 -32.10
CA PHE B 138 -3.03 -21.93 -32.45
C PHE B 138 -3.99 -21.88 -33.64
N VAL B 139 -5.26 -21.50 -33.43
CA VAL B 139 -6.25 -21.58 -34.50
C VAL B 139 -6.43 -20.28 -35.35
N THR B 140 -6.11 -20.34 -36.61
CA THR B 140 -6.42 -19.23 -37.55
C THR B 140 -7.88 -19.37 -38.15
N ILE B 141 -8.68 -18.33 -38.01
CA ILE B 141 -10.15 -18.39 -38.34
C ILE B 141 -10.40 -18.05 -39.81
N TYR B 142 -9.55 -17.17 -40.32
CA TYR B 142 -9.53 -16.89 -41.73
C TYR B 142 -8.15 -16.85 -42.37
N HIS B 143 -7.91 -17.80 -43.29
CA HIS B 143 -6.71 -17.83 -44.02
C HIS B 143 -7.09 -18.07 -45.45
N TRP B 144 -7.88 -17.11 -45.97
CA TRP B 144 -8.13 -16.86 -47.39
C TRP B 144 -9.22 -17.71 -48.16
N ASP B 145 -9.68 -18.82 -47.64
CA ASP B 145 -10.72 -19.57 -48.32
C ASP B 145 -12.16 -19.07 -47.98
N LEU B 146 -12.48 -17.86 -48.45
CA LEU B 146 -13.83 -17.38 -48.31
C LEU B 146 -14.86 -18.37 -48.94
N PRO B 147 -16.04 -18.59 -48.29
CA PRO B 147 -17.06 -19.35 -49.01
C PRO B 147 -17.45 -18.70 -50.33
N PHE B 148 -17.51 -19.50 -51.40
CA PHE B 148 -17.94 -18.96 -52.69
C PHE B 148 -19.35 -18.34 -52.68
N ALA B 149 -20.32 -18.89 -51.96
CA ALA B 149 -21.67 -18.23 -51.81
C ALA B 149 -21.60 -16.78 -51.32
N LEU B 150 -20.58 -16.42 -50.53
CA LEU B 150 -20.41 -15.04 -50.01
C LEU B 150 -19.72 -14.15 -51.01
N GLN B 151 -18.87 -14.75 -51.86
CA GLN B 151 -18.27 -14.00 -52.98
C GLN B 151 -19.34 -13.53 -53.98
N LEU B 152 -20.38 -14.34 -54.19
CA LEU B 152 -21.49 -13.90 -55.09
C LEU B 152 -22.32 -12.72 -54.64
N LYS B 153 -22.22 -12.45 -53.34
CA LYS B 153 -22.86 -11.30 -52.69
C LYS B 153 -21.88 -10.20 -52.34
N GLY B 154 -20.68 -10.33 -52.94
CA GLY B 154 -19.63 -9.30 -52.90
C GLY B 154 -18.44 -9.55 -51.98
N GLY B 155 -18.50 -10.63 -51.23
CA GLY B 155 -17.35 -11.03 -50.49
C GLY B 155 -16.86 -9.90 -49.62
N TRP B 156 -15.52 -9.73 -49.48
CA TRP B 156 -14.91 -8.62 -48.67
C TRP B 156 -15.37 -7.20 -49.00
N ALA B 157 -15.91 -7.00 -50.19
CA ALA B 157 -16.34 -5.66 -50.70
C ALA B 157 -17.69 -5.23 -50.09
N ASN B 158 -18.42 -6.22 -49.60
CA ASN B 158 -19.67 -6.01 -48.95
C ASN B 158 -19.58 -5.72 -47.43
N ARG B 159 -20.02 -4.56 -47.03
CA ARG B 159 -20.14 -4.18 -45.59
C ARG B 159 -20.75 -5.23 -44.69
N GLU B 160 -21.66 -6.08 -45.18
CA GLU B 160 -22.23 -7.18 -44.35
C GLU B 160 -21.27 -8.33 -44.00
N ILE B 161 -20.10 -8.42 -44.61
CA ILE B 161 -19.16 -9.48 -44.22
C ILE B 161 -18.72 -9.45 -42.76
N ALA B 162 -18.63 -8.26 -42.20
CA ALA B 162 -18.36 -8.03 -40.78
C ALA B 162 -19.26 -8.87 -39.96
N ASP B 163 -20.54 -8.80 -40.34
CA ASP B 163 -21.59 -9.58 -39.73
C ASP B 163 -21.44 -11.11 -40.00
N TRP B 164 -21.22 -11.53 -41.25
CA TRP B 164 -21.10 -12.99 -41.54
C TRP B 164 -19.84 -13.62 -40.88
N PHE B 165 -18.79 -12.82 -40.78
CA PHE B 165 -17.53 -13.32 -40.21
C PHE B 165 -17.77 -13.49 -38.73
N ALA B 166 -18.43 -12.51 -38.13
CA ALA B 166 -18.59 -12.50 -36.69
C ALA B 166 -19.40 -13.67 -36.21
N GLU B 167 -20.45 -14.00 -36.92
CA GLU B 167 -21.23 -15.18 -36.60
C GLU B 167 -20.53 -16.47 -37.02
N TYR B 168 -19.77 -16.45 -38.11
CA TYR B 168 -18.86 -17.64 -38.42
C TYR B 168 -17.88 -17.86 -37.23
N SER B 169 -17.27 -16.76 -36.78
CA SER B 169 -16.41 -16.78 -35.59
C SER B 169 -17.01 -17.45 -34.29
N ARG B 170 -18.28 -17.12 -34.04
N ARG B 170 -18.29 -17.14 -34.07
CA ARG B 170 -19.00 -17.57 -32.84
CA ARG B 170 -19.08 -17.57 -32.88
C ARG B 170 -19.23 -19.07 -32.89
C ARG B 170 -19.23 -19.09 -32.90
N VAL B 171 -19.55 -19.59 -34.06
CA VAL B 171 -19.72 -21.02 -34.22
C VAL B 171 -18.45 -21.70 -33.79
N LEU B 172 -17.30 -21.12 -34.18
CA LEU B 172 -16.02 -21.77 -33.85
C LEU B 172 -15.72 -21.61 -32.42
N PHE B 173 -15.93 -20.40 -31.91
CA PHE B 173 -15.69 -20.17 -30.47
C PHE B 173 -16.57 -21.13 -29.63
N GLU B 174 -17.86 -21.19 -29.95
CA GLU B 174 -18.81 -22.09 -29.22
C GLU B 174 -18.39 -23.55 -29.20
N ASN B 175 -17.89 -24.06 -30.32
CA ASN B 175 -17.53 -25.47 -30.44
C ASN B 175 -16.11 -25.87 -30.02
N PHE B 176 -15.12 -24.97 -30.23
CA PHE B 176 -13.70 -25.33 -29.94
C PHE B 176 -13.07 -24.55 -28.80
N GLY B 177 -13.76 -23.48 -28.37
CA GLY B 177 -13.22 -22.52 -27.47
C GLY B 177 -13.04 -22.98 -26.03
N ASP B 178 -13.63 -24.11 -25.68
CA ASP B 178 -13.40 -24.80 -24.39
C ASP B 178 -12.02 -25.47 -24.33
N ARG B 179 -11.49 -25.80 -25.50
CA ARG B 179 -10.19 -26.43 -25.61
C ARG B 179 -9.13 -25.55 -26.26
N VAL B 180 -9.53 -24.68 -27.19
CA VAL B 180 -8.61 -23.86 -27.92
C VAL B 180 -8.68 -22.50 -27.29
N LYS B 181 -7.53 -22.12 -26.74
CA LYS B 181 -7.37 -20.88 -25.99
C LYS B 181 -6.50 -19.86 -26.69
N ASN B 182 -5.96 -20.19 -27.88
CA ASN B 182 -5.17 -19.21 -28.66
C ASN B 182 -5.68 -19.07 -30.05
N TRP B 183 -6.20 -17.87 -30.36
CA TRP B 183 -6.91 -17.58 -31.58
C TRP B 183 -6.33 -16.39 -32.36
N ILE B 184 -6.36 -16.55 -33.68
CA ILE B 184 -6.15 -15.51 -34.75
C ILE B 184 -7.41 -15.22 -35.66
N THR B 185 -7.78 -13.95 -35.76
CA THR B 185 -8.93 -13.62 -36.58
C THR B 185 -8.57 -13.71 -38.10
N LEU B 186 -7.59 -12.92 -38.54
CA LEU B 186 -7.29 -12.85 -39.92
C LEU B 186 -5.81 -13.19 -40.16
N ASN B 187 -5.55 -13.99 -41.21
CA ASN B 187 -4.19 -14.09 -41.83
C ASN B 187 -4.02 -13.13 -43.00
N GLU B 188 -3.16 -12.17 -42.74
CA GLU B 188 -2.63 -11.19 -43.68
C GLU B 188 -3.69 -10.48 -44.44
N PRO B 189 -4.48 -9.65 -43.77
CA PRO B 189 -5.52 -8.87 -44.48
C PRO B 189 -5.01 -7.96 -45.57
N TRP B 190 -3.74 -7.52 -45.51
CA TRP B 190 -3.19 -6.76 -46.64
C TRP B 190 -3.13 -7.70 -47.85
N VAL B 191 -2.76 -8.97 -47.65
CA VAL B 191 -2.78 -9.89 -48.79
C VAL B 191 -4.19 -10.06 -49.37
N VAL B 192 -5.13 -10.33 -48.48
CA VAL B 192 -6.51 -10.58 -48.87
C VAL B 192 -7.05 -9.39 -49.63
N ALA B 193 -6.85 -8.19 -49.12
CA ALA B 193 -7.32 -6.97 -49.84
C ALA B 193 -6.61 -6.59 -51.09
N ILE B 194 -5.28 -6.46 -51.06
CA ILE B 194 -4.58 -5.84 -52.16
C ILE B 194 -4.19 -6.88 -53.27
N VAL B 195 -3.68 -8.02 -52.86
CA VAL B 195 -3.40 -9.12 -53.82
C VAL B 195 -4.68 -9.74 -54.46
N GLY B 196 -5.72 -9.86 -53.61
CA GLY B 196 -7.05 -10.43 -53.99
C GLY B 196 -7.92 -9.52 -54.84
N HIS B 197 -7.88 -8.22 -54.51
CA HIS B 197 -8.82 -7.22 -55.12
C HIS B 197 -8.20 -6.08 -55.87
N LEU B 198 -6.90 -5.78 -55.64
CA LEU B 198 -6.21 -4.77 -56.46
C LEU B 198 -5.25 -5.37 -57.49
N TYR B 199 -4.31 -6.21 -57.09
CA TYR B 199 -3.45 -6.89 -58.11
C TYR B 199 -4.13 -8.05 -58.90
N GLY B 200 -5.21 -8.63 -58.37
CA GLY B 200 -5.95 -9.74 -59.04
C GLY B 200 -5.17 -11.05 -59.15
N VAL B 201 -4.11 -11.17 -58.37
CA VAL B 201 -3.23 -12.36 -58.42
C VAL B 201 -3.72 -13.47 -57.53
N HIS B 202 -4.51 -13.13 -56.51
CA HIS B 202 -5.12 -14.08 -55.61
C HIS B 202 -6.63 -13.98 -55.78
N ALA B 203 -7.34 -15.06 -55.43
CA ALA B 203 -8.79 -15.02 -55.27
C ALA B 203 -9.29 -13.82 -54.39
N PRO B 204 -10.32 -13.15 -54.79
CA PRO B 204 -11.21 -13.46 -55.93
C PRO B 204 -10.73 -12.95 -57.31
N GLY B 205 -9.54 -12.36 -57.42
CA GLY B 205 -8.89 -12.17 -58.76
C GLY B 205 -9.30 -10.90 -59.45
N MET B 206 -9.43 -9.88 -58.67
CA MET B 206 -10.15 -8.71 -59.05
C MET B 206 -9.14 -7.56 -59.01
N ARG B 207 -9.29 -6.56 -59.88
CA ARG B 207 -8.35 -5.43 -59.98
C ARG B 207 -9.15 -4.14 -60.00
N ASP B 208 -9.53 -3.70 -58.80
CA ASP B 208 -10.28 -2.48 -58.62
C ASP B 208 -9.88 -1.86 -57.25
N ILE B 209 -9.30 -0.65 -57.33
CA ILE B 209 -8.70 0.00 -56.18
C ILE B 209 -9.74 0.39 -55.19
N TYR B 210 -10.91 0.83 -55.62
CA TYR B 210 -11.99 1.17 -54.68
C TYR B 210 -12.52 -0.01 -53.85
N VAL B 211 -12.75 -1.14 -54.55
CA VAL B 211 -13.05 -2.39 -53.93
C VAL B 211 -11.95 -2.77 -52.98
N ALA B 212 -10.70 -2.69 -53.40
CA ALA B 212 -9.59 -3.07 -52.49
C ALA B 212 -9.60 -2.35 -51.14
N PHE B 213 -9.84 -1.04 -51.15
CA PHE B 213 -9.76 -0.29 -49.91
C PHE B 213 -11.03 -0.46 -49.09
N ARG B 214 -12.13 -0.86 -49.76
CA ARG B 214 -13.32 -1.31 -49.00
C ARG B 214 -13.05 -2.64 -48.28
N ALA B 215 -12.30 -3.55 -48.93
CA ALA B 215 -11.98 -4.78 -48.34
C ALA B 215 -11.07 -4.59 -47.13
N VAL B 216 -10.03 -3.77 -47.29
CA VAL B 216 -9.17 -3.31 -46.16
C VAL B 216 -10.06 -2.79 -45.01
N HIS B 217 -10.99 -1.90 -45.31
CA HIS B 217 -11.97 -1.42 -44.31
C HIS B 217 -12.85 -2.52 -43.65
N ASN B 218 -13.47 -3.36 -44.48
CA ASN B 218 -14.34 -4.38 -43.92
C ASN B 218 -13.63 -5.43 -43.17
N LEU B 219 -12.38 -5.67 -43.56
CA LEU B 219 -11.55 -6.63 -42.85
C LEU B 219 -11.37 -6.16 -41.38
N LEU B 220 -11.04 -4.88 -41.21
CA LEU B 220 -10.90 -4.29 -39.89
C LEU B 220 -12.19 -4.40 -39.13
N ARG B 221 -13.30 -4.01 -39.74
CA ARG B 221 -14.61 -4.16 -39.10
C ARG B 221 -14.85 -5.58 -38.64
N ALA B 222 -14.68 -6.50 -39.60
CA ALA B 222 -14.84 -7.92 -39.31
C ALA B 222 -13.95 -8.48 -38.19
N HIS B 223 -12.67 -8.08 -38.16
CA HIS B 223 -11.75 -8.44 -37.05
C HIS B 223 -12.32 -8.00 -35.74
N ALA B 224 -12.53 -6.70 -35.62
CA ALA B 224 -12.99 -6.16 -34.40
C ALA B 224 -14.33 -6.77 -33.93
N ARG B 225 -15.29 -6.98 -34.86
N ARG B 225 -15.28 -7.00 -34.86
CA ARG B 225 -16.57 -7.68 -34.54
CA ARG B 225 -16.55 -7.63 -34.51
C ARG B 225 -16.35 -9.03 -33.91
C ARG B 225 -16.39 -9.04 -33.94
N ALA B 226 -15.49 -9.83 -34.51
CA ALA B 226 -15.18 -11.17 -33.98
C ALA B 226 -14.51 -11.17 -32.61
N VAL B 227 -13.70 -10.15 -32.34
CA VAL B 227 -13.05 -10.03 -31.04
C VAL B 227 -14.10 -9.69 -29.91
N LYS B 228 -14.98 -8.73 -30.15
CA LYS B 228 -16.16 -8.53 -29.25
C LYS B 228 -16.89 -9.86 -28.96
N VAL B 229 -17.14 -10.61 -30.04
CA VAL B 229 -17.86 -11.85 -29.95
C VAL B 229 -17.03 -12.82 -29.11
N PHE B 230 -15.72 -12.77 -29.24
CA PHE B 230 -14.81 -13.61 -28.39
C PHE B 230 -14.90 -13.34 -26.86
N ARG B 231 -14.94 -12.06 -26.52
CA ARG B 231 -15.06 -11.64 -25.16
C ARG B 231 -16.38 -12.07 -24.55
N GLU B 232 -17.45 -12.11 -25.38
CA GLU B 232 -18.81 -12.55 -24.95
C GLU B 232 -18.93 -14.06 -24.80
N THR B 233 -17.86 -14.85 -25.10
CA THR B 233 -17.99 -16.32 -25.39
C THR B 233 -16.88 -17.32 -24.98
N VAL B 234 -15.60 -16.93 -24.94
CA VAL B 234 -14.49 -17.84 -24.50
C VAL B 234 -13.83 -17.26 -23.22
N LYS B 235 -13.63 -18.13 -22.24
CA LYS B 235 -13.05 -17.76 -20.95
C LYS B 235 -11.57 -18.16 -21.01
N ASP B 236 -10.69 -17.41 -20.32
CA ASP B 236 -9.23 -17.71 -20.31
C ASP B 236 -8.64 -17.92 -21.70
N GLY B 237 -9.04 -17.06 -22.64
CA GLY B 237 -8.54 -17.15 -24.02
C GLY B 237 -7.83 -15.87 -24.43
N LYS B 238 -6.93 -15.99 -25.38
CA LYS B 238 -6.32 -14.86 -26.04
C LYS B 238 -6.57 -14.86 -27.58
N ILE B 239 -6.78 -13.68 -28.12
CA ILE B 239 -7.13 -13.44 -29.50
C ILE B 239 -6.29 -12.28 -30.03
N GLY B 240 -5.81 -12.46 -31.25
CA GLY B 240 -4.95 -11.55 -31.92
C GLY B 240 -5.20 -11.58 -33.40
N ILE B 241 -4.27 -10.96 -34.10
CA ILE B 241 -4.42 -10.80 -35.52
C ILE B 241 -3.00 -10.89 -36.19
N VAL B 242 -2.95 -11.49 -37.39
CA VAL B 242 -1.70 -11.75 -38.08
C VAL B 242 -1.46 -10.84 -39.29
N PHE B 243 -0.27 -10.29 -39.35
CA PHE B 243 0.11 -9.40 -40.46
C PHE B 243 1.39 -9.86 -41.24
N ASN B 244 1.32 -9.79 -42.56
CA ASN B 244 2.55 -9.89 -43.42
C ASN B 244 3.40 -8.63 -43.21
N ASN B 245 4.70 -8.73 -43.23
CA ASN B 245 5.59 -7.54 -43.11
C ASN B 245 6.82 -7.74 -44.00
N GLY B 246 7.26 -6.71 -44.73
CA GLY B 246 8.58 -6.70 -45.33
C GLY B 246 9.53 -5.69 -44.65
N TYR B 247 10.84 -5.96 -44.74
CA TYR B 247 11.84 -4.95 -44.34
C TYR B 247 12.30 -4.06 -45.49
N PHE B 248 11.73 -2.85 -45.53
CA PHE B 248 11.95 -1.85 -46.55
C PHE B 248 13.11 -0.93 -46.24
N GLU B 249 13.95 -0.68 -47.21
CA GLU B 249 15.21 0.09 -46.98
C GLU B 249 15.32 1.07 -48.12
N PRO B 250 15.81 2.28 -47.83
CA PRO B 250 15.79 3.30 -48.85
C PRO B 250 16.90 3.12 -49.86
N ALA B 251 16.61 3.39 -51.11
CA ALA B 251 17.63 3.25 -52.18
C ALA B 251 18.80 4.24 -52.04
N SER B 252 18.48 5.49 -51.73
CA SER B 252 19.46 6.54 -51.36
C SER B 252 19.03 7.27 -50.08
N GLU B 253 19.88 8.17 -49.63
CA GLU B 253 19.62 8.99 -48.45
C GLU B 253 18.83 10.25 -48.77
N LYS B 254 18.44 10.41 -50.04
CA LYS B 254 17.34 11.31 -50.42
C LYS B 254 16.07 11.24 -49.56
N GLU B 255 15.62 12.42 -49.16
CA GLU B 255 14.36 12.69 -48.44
C GLU B 255 13.12 12.04 -49.10
N GLU B 256 12.99 12.18 -50.41
CA GLU B 256 11.95 11.49 -51.21
C GLU B 256 11.97 9.95 -51.12
N ASP B 257 13.17 9.35 -50.93
CA ASP B 257 13.32 7.90 -50.86
C ASP B 257 13.06 7.44 -49.45
N ILE B 258 13.70 8.09 -48.48
CA ILE B 258 13.54 7.69 -47.07
C ILE B 258 11.99 7.77 -46.76
N ARG B 259 11.28 8.73 -47.37
CA ARG B 259 9.77 8.83 -47.35
C ARG B 259 8.98 7.72 -48.11
N ALA B 260 9.57 7.17 -49.17
CA ALA B 260 8.97 6.05 -49.92
C ALA B 260 8.96 4.84 -49.03
N VAL B 261 10.07 4.59 -48.31
CA VAL B 261 10.12 3.60 -47.21
C VAL B 261 9.00 3.82 -46.16
N ARG B 262 8.83 5.09 -45.75
N ARG B 262 8.81 5.08 -45.74
CA ARG B 262 7.82 5.40 -44.74
CA ARG B 262 7.80 5.38 -44.74
C ARG B 262 6.45 4.99 -45.27
C ARG B 262 6.44 4.99 -45.27
N PHE B 263 6.17 5.33 -46.52
CA PHE B 263 4.90 4.94 -47.16
C PHE B 263 4.75 3.42 -47.17
N MET B 264 5.82 2.72 -47.61
CA MET B 264 5.72 1.33 -47.85
C MET B 264 5.36 0.61 -46.57
N HIS B 265 6.16 0.94 -45.55
CA HIS B 265 5.99 0.40 -44.19
C HIS B 265 4.60 0.67 -43.63
N GLN B 266 4.04 1.84 -43.93
CA GLN B 266 2.71 2.17 -43.44
C GLN B 266 1.60 1.33 -44.16
N PHE B 267 1.81 1.07 -45.43
CA PHE B 267 0.79 0.47 -46.30
C PHE B 267 0.82 -1.03 -46.19
N ASN B 268 2.01 -1.59 -46.26
CA ASN B 268 2.21 -2.96 -46.55
C ASN B 268 2.35 -3.69 -45.27
N ASN B 269 2.73 -2.97 -44.21
CA ASN B 269 3.09 -3.60 -42.97
C ASN B 269 1.95 -3.38 -41.97
N TYR B 270 2.09 -3.91 -40.75
CA TYR B 270 1.13 -3.80 -39.60
C TYR B 270 0.47 -2.42 -39.42
N PRO B 271 1.21 -1.31 -39.58
CA PRO B 271 0.52 -0.03 -39.30
C PRO B 271 -0.80 0.21 -39.97
N LEU B 272 -1.00 -0.38 -41.17
CA LEU B 272 -2.25 -0.05 -41.92
C LEU B 272 -3.49 -0.42 -41.11
N PHE B 273 -3.28 -1.41 -40.25
CA PHE B 273 -4.28 -2.04 -39.39
C PHE B 273 -4.11 -1.69 -37.93
N LEU B 274 -2.86 -1.61 -37.47
CA LEU B 274 -2.58 -1.29 -36.09
C LEU B 274 -2.75 0.18 -35.80
N ASN B 275 -2.39 1.05 -36.72
CA ASN B 275 -2.75 2.44 -36.43
C ASN B 275 -4.23 2.60 -36.17
N PRO B 276 -5.10 2.10 -37.08
CA PRO B 276 -6.53 2.13 -36.73
C PRO B 276 -6.84 1.46 -35.38
N ILE B 277 -6.33 0.25 -35.11
CA ILE B 277 -6.67 -0.50 -33.87
C ILE B 277 -6.27 0.24 -32.52
N TYR B 278 -5.09 0.82 -32.51
CA TYR B 278 -4.50 1.55 -31.37
C TYR B 278 -4.62 3.09 -31.40
N ARG B 279 -4.70 3.72 -32.58
CA ARG B 279 -4.81 5.21 -32.73
C ARG B 279 -6.04 5.78 -33.44
N GLY B 280 -7.08 4.96 -33.65
CA GLY B 280 -8.36 5.43 -34.19
C GLY B 280 -8.39 6.07 -35.58
N ASP B 281 -7.35 5.80 -36.41
CA ASP B 281 -7.32 6.18 -37.84
C ASP B 281 -6.23 5.47 -38.64
N TYR B 282 -6.37 5.49 -39.97
CA TYR B 282 -5.37 4.91 -40.89
C TYR B 282 -4.04 5.71 -40.80
N PRO B 283 -2.88 5.13 -41.20
CA PRO B 283 -1.62 5.87 -41.12
C PRO B 283 -1.51 6.96 -42.17
N GLU B 284 -0.92 8.08 -41.73
CA GLU B 284 -0.93 9.38 -42.42
C GLU B 284 -0.62 9.28 -43.94
N LEU B 285 0.47 8.58 -44.27
CA LEU B 285 0.87 8.40 -45.69
C LEU B 285 -0.10 7.56 -46.47
N VAL B 286 -0.75 6.60 -45.81
CA VAL B 286 -1.77 5.78 -46.49
C VAL B 286 -3.00 6.61 -46.88
N LEU B 287 -3.50 7.41 -45.92
CA LEU B 287 -4.59 8.39 -46.10
C LEU B 287 -4.28 9.42 -47.22
N GLU B 288 -3.06 9.95 -47.26
CA GLU B 288 -2.67 10.86 -48.39
C GLU B 288 -2.88 10.16 -49.77
N PHE B 289 -2.42 8.93 -49.84
CA PHE B 289 -2.60 8.11 -51.03
C PHE B 289 -4.07 7.71 -51.24
N ALA B 290 -4.70 7.19 -50.20
CA ALA B 290 -5.91 6.35 -50.40
C ALA B 290 -7.27 6.92 -49.97
N ARG B 291 -7.30 8.07 -49.32
CA ARG B 291 -8.56 8.64 -48.83
C ARG B 291 -9.66 8.65 -49.86
N GLU B 292 -9.30 8.89 -51.12
CA GLU B 292 -10.22 8.81 -52.28
C GLU B 292 -10.91 7.43 -52.44
N TYR B 293 -10.24 6.37 -52.02
CA TYR B 293 -10.74 5.03 -52.24
C TYR B 293 -11.43 4.37 -51.08
N LEU B 294 -11.25 4.92 -49.86
CA LEU B 294 -12.02 4.48 -48.66
C LEU B 294 -13.48 4.94 -48.75
N PRO B 295 -14.43 4.21 -48.08
CA PRO B 295 -15.81 4.77 -48.04
C PRO B 295 -15.83 6.11 -47.32
N GLU B 296 -16.86 6.91 -47.60
CA GLU B 296 -16.88 8.33 -47.23
C GLU B 296 -16.81 8.55 -45.72
N ASN B 297 -17.70 7.90 -44.99
CA ASN B 297 -17.78 7.99 -43.54
C ASN B 297 -17.00 6.89 -42.85
N TYR B 298 -15.89 6.44 -43.43
CA TYR B 298 -15.18 5.30 -42.88
C TYR B 298 -14.84 5.53 -41.40
N LYS B 299 -14.52 6.78 -41.06
CA LYS B 299 -14.09 7.14 -39.73
C LYS B 299 -15.16 7.01 -38.66
N ASP B 300 -16.44 6.89 -39.03
CA ASP B 300 -17.51 6.53 -38.09
C ASP B 300 -17.35 5.10 -37.55
N ASP B 301 -16.61 4.22 -38.25
CA ASP B 301 -16.42 2.84 -37.78
C ASP B 301 -15.27 2.71 -36.77
N MET B 302 -14.50 3.77 -36.56
CA MET B 302 -13.22 3.63 -35.87
C MET B 302 -13.31 3.30 -34.37
N SER B 303 -14.38 3.71 -33.66
CA SER B 303 -14.55 3.30 -32.21
C SER B 303 -14.66 1.79 -32.06
N GLU B 304 -15.62 1.20 -32.75
CA GLU B 304 -15.79 -0.25 -32.72
C GLU B 304 -14.46 -1.04 -33.08
N ILE B 305 -13.71 -0.56 -34.07
CA ILE B 305 -12.48 -1.23 -34.58
C ILE B 305 -11.40 -1.35 -33.51
N GLN B 306 -11.43 -0.41 -32.56
CA GLN B 306 -10.45 -0.37 -31.47
C GLN B 306 -10.70 -1.39 -30.36
N GLU B 307 -11.51 -2.41 -30.64
CA GLU B 307 -11.69 -3.54 -29.74
C GLU B 307 -10.29 -4.04 -29.24
N LYS B 308 -10.18 -4.34 -27.94
CA LYS B 308 -8.91 -4.75 -27.30
C LYS B 308 -8.42 -6.13 -27.72
N ILE B 309 -7.19 -6.20 -28.26
CA ILE B 309 -6.55 -7.48 -28.65
C ILE B 309 -5.42 -7.85 -27.73
N ASP B 310 -5.16 -9.17 -27.67
CA ASP B 310 -4.21 -9.79 -26.74
C ASP B 310 -2.80 -10.00 -27.23
N PHE B 311 -2.61 -10.11 -28.53
CA PHE B 311 -1.28 -10.13 -29.11
C PHE B 311 -1.34 -9.75 -30.57
N VAL B 312 -0.17 -9.55 -31.14
CA VAL B 312 -0.02 -9.27 -32.54
C VAL B 312 0.86 -10.42 -33.02
N GLY B 313 0.47 -11.03 -34.14
CA GLY B 313 1.25 -12.06 -34.81
C GLY B 313 1.92 -11.38 -36.03
N LEU B 314 3.26 -11.45 -36.10
CA LEU B 314 3.96 -11.02 -37.36
C LEU B 314 4.52 -12.17 -38.26
N ASN B 315 4.16 -12.12 -39.51
CA ASN B 315 4.77 -12.90 -40.55
C ASN B 315 5.79 -12.05 -41.20
N TYR B 316 6.95 -12.69 -41.45
CA TYR B 316 8.12 -12.09 -42.09
C TYR B 316 8.98 -13.11 -42.84
N TYR B 317 9.45 -12.68 -43.99
CA TYR B 317 10.20 -13.54 -44.94
C TYR B 317 11.41 -12.91 -45.65
N SER B 318 11.25 -11.62 -45.95
CA SER B 318 12.11 -10.96 -46.89
C SER B 318 12.16 -9.39 -46.88
N GLY B 319 13.20 -8.81 -47.50
CA GLY B 319 13.38 -7.33 -47.65
C GLY B 319 13.28 -6.78 -49.06
N HIS B 320 13.20 -5.45 -49.13
CA HIS B 320 12.99 -4.74 -50.39
C HIS B 320 13.68 -3.36 -50.33
N LEU B 321 14.32 -2.96 -51.43
CA LEU B 321 14.90 -1.63 -51.61
C LEU B 321 13.87 -0.83 -52.38
N VAL B 322 13.70 0.41 -51.96
CA VAL B 322 12.51 1.18 -52.18
C VAL B 322 12.98 2.55 -52.58
N LYS B 323 12.42 3.15 -53.62
CA LYS B 323 12.80 4.48 -54.03
C LYS B 323 11.59 5.22 -54.48
N PHE B 324 11.69 6.52 -54.49
CA PHE B 324 10.71 7.36 -55.10
C PHE B 324 10.79 7.20 -56.63
N ASP B 325 9.63 7.36 -57.25
CA ASP B 325 9.41 7.18 -58.71
C ASP B 325 8.08 7.84 -59.11
N PRO B 326 8.12 9.02 -59.79
CA PRO B 326 6.89 9.75 -60.12
C PRO B 326 5.87 8.98 -60.95
N ASP B 327 6.38 8.03 -61.76
CA ASP B 327 5.59 7.25 -62.69
C ASP B 327 5.55 5.77 -62.27
N ALA B 328 5.47 5.55 -60.97
CA ALA B 328 5.01 4.27 -60.48
C ALA B 328 3.65 4.58 -59.93
N PRO B 329 2.80 3.55 -59.86
CA PRO B 329 1.40 3.63 -59.50
C PRO B 329 1.13 4.48 -58.26
N ALA B 330 1.95 4.31 -57.21
CA ALA B 330 1.75 4.96 -55.90
C ALA B 330 2.90 5.93 -55.51
N LYS B 331 3.75 6.22 -56.48
CA LYS B 331 5.01 6.98 -56.36
C LYS B 331 6.19 6.22 -55.68
N VAL B 332 6.16 4.88 -55.77
CA VAL B 332 7.21 4.04 -55.21
C VAL B 332 7.54 2.86 -56.14
N SER B 333 8.84 2.56 -56.30
CA SER B 333 9.33 1.45 -57.10
C SER B 333 10.24 0.61 -56.29
N PHE B 334 10.28 -0.68 -56.58
CA PHE B 334 11.25 -1.61 -56.00
C PHE B 334 12.54 -1.58 -56.82
N VAL B 335 13.66 -1.95 -56.19
CA VAL B 335 14.98 -1.86 -56.78
C VAL B 335 15.74 -3.10 -56.36
N GLU B 336 16.15 -3.93 -57.34
CA GLU B 336 16.82 -5.20 -57.09
C GLU B 336 18.25 -5.03 -56.50
N ARG B 337 18.70 -6.04 -55.74
CA ARG B 337 20.04 -6.08 -55.16
C ARG B 337 20.67 -7.45 -55.39
N ASP B 338 22.00 -7.47 -55.38
CA ASP B 338 22.83 -8.67 -55.45
C ASP B 338 22.93 -9.31 -54.07
N LEU B 339 21.79 -9.82 -53.61
CA LEU B 339 21.65 -10.40 -52.26
C LEU B 339 21.28 -11.86 -52.43
N PRO B 340 21.67 -12.73 -51.50
CA PRO B 340 21.14 -14.08 -51.69
C PRO B 340 19.56 -14.14 -51.65
N LYS B 341 19.00 -15.15 -52.29
CA LYS B 341 17.63 -15.24 -52.70
C LYS B 341 17.11 -16.69 -52.53
N THR B 342 15.79 -16.77 -52.30
CA THR B 342 15.15 -18.05 -52.07
C THR B 342 14.67 -18.49 -53.45
N ALA B 343 14.04 -19.63 -53.54
CA ALA B 343 13.34 -20.00 -54.83
C ALA B 343 12.23 -19.08 -55.25
N MET B 344 11.57 -18.42 -54.27
CA MET B 344 10.53 -17.40 -54.53
C MET B 344 11.11 -16.14 -55.21
N GLY B 345 12.43 -15.97 -55.13
CA GLY B 345 13.04 -14.77 -55.65
C GLY B 345 13.07 -13.70 -54.57
N TRP B 346 12.91 -14.11 -53.31
CA TRP B 346 12.90 -13.14 -52.22
C TRP B 346 14.26 -12.99 -51.60
N GLU B 347 14.69 -11.74 -51.51
CA GLU B 347 15.97 -11.36 -50.90
C GLU B 347 16.00 -11.76 -49.45
N ILE B 348 17.03 -12.47 -49.06
CA ILE B 348 17.19 -13.03 -47.73
C ILE B 348 17.83 -11.88 -46.96
N VAL B 349 17.18 -11.40 -45.90
CA VAL B 349 17.71 -10.25 -45.09
C VAL B 349 17.30 -10.52 -43.65
N PRO B 350 18.10 -11.30 -42.94
CA PRO B 350 17.69 -11.75 -41.63
C PRO B 350 17.41 -10.60 -40.65
N GLU B 351 18.17 -9.51 -40.72
CA GLU B 351 17.98 -8.40 -39.76
C GLU B 351 16.60 -7.69 -39.89
N GLY B 352 15.91 -7.87 -41.01
CA GLY B 352 14.50 -7.48 -41.12
C GLY B 352 13.62 -8.00 -40.01
N ILE B 353 13.87 -9.21 -39.52
CA ILE B 353 12.96 -9.78 -38.50
C ILE B 353 13.18 -9.08 -37.10
N TYR B 354 14.45 -8.79 -36.83
CA TYR B 354 14.84 -7.90 -35.72
C TYR B 354 14.20 -6.53 -35.77
N TRP B 355 14.32 -5.88 -36.93
CA TRP B 355 13.82 -4.54 -37.08
C TRP B 355 12.24 -4.45 -36.95
N ILE B 356 11.51 -5.41 -37.52
CA ILE B 356 10.00 -5.36 -37.49
C ILE B 356 9.49 -5.50 -36.03
N LEU B 357 10.12 -6.44 -35.29
CA LEU B 357 10.06 -6.67 -33.83
C LEU B 357 10.28 -5.39 -32.94
N LYS B 358 11.43 -4.73 -33.07
CA LYS B 358 11.68 -3.43 -32.43
C LYS B 358 10.64 -2.40 -32.84
N LYS B 359 10.43 -2.28 -34.13
CA LYS B 359 9.47 -1.30 -34.63
C LYS B 359 8.04 -1.46 -34.09
N VAL B 360 7.54 -2.71 -34.02
CA VAL B 360 6.16 -2.93 -33.46
C VAL B 360 6.11 -2.56 -31.95
N LYS B 361 7.14 -3.01 -31.22
CA LYS B 361 7.36 -2.53 -29.85
C LYS B 361 7.34 -0.96 -29.80
N GLU B 362 8.10 -0.31 -30.66
CA GLU B 362 8.22 1.16 -30.58
C GLU B 362 6.94 1.85 -30.95
N GLU B 363 6.30 1.43 -32.02
CA GLU B 363 5.19 2.14 -32.61
C GLU B 363 3.92 2.03 -31.79
N TYR B 364 3.54 0.82 -31.39
CA TYR B 364 2.23 0.55 -30.77
C TYR B 364 2.30 -0.25 -29.47
N ASN B 365 3.51 -0.61 -29.03
CA ASN B 365 3.77 -1.36 -27.79
C ASN B 365 2.71 -2.41 -27.42
N PRO B 366 2.56 -3.48 -28.26
CA PRO B 366 1.60 -4.52 -27.86
C PRO B 366 2.18 -5.43 -26.75
N PRO B 367 1.27 -5.98 -25.94
CA PRO B 367 1.74 -6.62 -24.76
C PRO B 367 2.27 -7.99 -25.02
N GLU B 368 1.95 -8.54 -26.19
CA GLU B 368 2.56 -9.80 -26.67
C GLU B 368 2.68 -9.80 -28.16
N VAL B 369 3.77 -10.34 -28.65
CA VAL B 369 4.04 -10.49 -30.06
C VAL B 369 4.43 -11.93 -30.33
N TYR B 370 4.05 -12.40 -31.53
CA TYR B 370 4.41 -13.73 -32.02
C TYR B 370 4.91 -13.60 -33.44
N ILE B 371 5.96 -14.35 -33.71
CA ILE B 371 6.39 -14.61 -35.12
C ILE B 371 5.51 -15.75 -35.56
N THR B 372 4.45 -15.42 -36.23
CA THR B 372 3.50 -16.45 -36.67
C THR B 372 3.90 -17.16 -37.96
N GLU B 373 4.87 -16.62 -38.70
CA GLU B 373 5.41 -17.37 -39.86
C GLU B 373 6.77 -16.82 -40.19
N ASN B 374 7.75 -17.72 -40.31
CA ASN B 374 9.01 -17.41 -41.00
C ASN B 374 9.57 -18.68 -41.59
N GLY B 375 10.22 -18.55 -42.74
CA GLY B 375 10.73 -19.74 -43.49
C GLY B 375 11.05 -19.44 -44.88
N ALA B 376 11.31 -20.47 -45.70
CA ALA B 376 11.67 -20.22 -47.08
C ALA B 376 11.58 -21.43 -48.05
N ALA B 377 11.39 -21.07 -49.30
CA ALA B 377 11.25 -21.99 -50.40
C ALA B 377 12.62 -22.11 -51.08
N PHE B 378 13.09 -23.35 -51.14
CA PHE B 378 14.28 -23.76 -51.90
C PHE B 378 13.93 -25.01 -52.69
N ASP B 379 14.51 -25.15 -53.88
CA ASP B 379 14.22 -26.30 -54.75
C ASP B 379 14.85 -27.59 -54.17
N ASP B 380 14.14 -28.22 -53.25
CA ASP B 380 14.59 -29.39 -52.50
C ASP B 380 14.62 -30.67 -53.31
N VAL B 381 15.60 -31.54 -53.03
CA VAL B 381 15.63 -32.89 -53.64
C VAL B 381 15.80 -33.99 -52.63
N VAL B 382 15.21 -35.16 -52.94
CA VAL B 382 15.45 -36.35 -52.14
C VAL B 382 16.74 -36.90 -52.77
N SER B 383 17.75 -37.16 -51.94
CA SER B 383 19.04 -37.73 -52.37
C SER B 383 18.97 -39.26 -52.57
N GLU B 384 20.10 -39.83 -53.02
CA GLU B 384 20.28 -41.29 -53.11
C GLU B 384 20.03 -42.07 -51.81
N ASP B 385 20.19 -41.41 -50.65
CA ASP B 385 20.01 -42.04 -49.32
C ASP B 385 18.64 -41.82 -48.63
N GLY B 386 17.64 -41.30 -49.37
CA GLY B 386 16.30 -41.04 -48.79
C GLY B 386 16.13 -39.80 -47.89
N ARG B 387 17.16 -38.96 -47.86
CA ARG B 387 17.17 -37.77 -47.02
C ARG B 387 16.99 -36.54 -47.89
N VAL B 388 16.52 -35.47 -47.29
CA VAL B 388 16.49 -34.16 -47.95
C VAL B 388 17.47 -33.22 -47.24
N HIS B 389 18.58 -32.90 -47.92
CA HIS B 389 19.61 -31.99 -47.36
C HIS B 389 19.35 -30.50 -47.75
N ASP B 390 18.71 -29.77 -46.81
CA ASP B 390 18.31 -28.40 -47.06
C ASP B 390 19.05 -27.51 -46.06
N GLN B 391 20.39 -27.59 -46.15
CA GLN B 391 21.31 -26.78 -45.36
C GLN B 391 20.99 -25.33 -45.64
N ASN B 392 20.65 -25.00 -46.89
CA ASN B 392 20.14 -23.68 -47.26
C ASN B 392 18.91 -23.13 -46.44
N ARG B 393 18.00 -24.00 -46.06
CA ARG B 393 16.88 -23.57 -45.26
C ARG B 393 17.34 -23.49 -43.81
N ILE B 394 18.03 -24.53 -43.32
CA ILE B 394 18.73 -24.46 -42.03
C ILE B 394 19.42 -23.10 -41.85
N ASP B 395 20.18 -22.65 -42.86
CA ASP B 395 20.92 -21.40 -42.62
C ASP B 395 19.99 -20.20 -42.58
N TYR B 396 18.93 -20.27 -43.36
CA TYR B 396 17.94 -19.22 -43.41
C TYR B 396 17.33 -19.20 -42.03
N LEU B 397 16.89 -20.35 -41.50
CA LEU B 397 16.12 -20.36 -40.23
C LEU B 397 16.97 -19.86 -39.04
N LYS B 398 18.18 -20.44 -38.88
CA LYS B 398 19.20 -20.00 -37.88
CA LYS B 398 19.19 -20.02 -37.89
C LYS B 398 19.43 -18.49 -37.92
N ALA B 399 19.68 -17.93 -39.09
CA ALA B 399 19.88 -16.49 -39.13
C ALA B 399 18.63 -15.63 -38.62
N HIS B 400 17.40 -15.96 -39.04
CA HIS B 400 16.23 -15.24 -38.50
C HIS B 400 15.98 -15.43 -37.02
N ILE B 401 16.03 -16.62 -36.52
CA ILE B 401 15.84 -16.93 -35.10
C ILE B 401 16.92 -16.24 -34.21
N GLY B 402 18.16 -16.14 -34.70
CA GLY B 402 19.21 -15.44 -33.99
C GLY B 402 18.87 -13.96 -33.89
N GLN B 403 18.31 -13.41 -34.96
CA GLN B 403 17.77 -12.05 -34.90
C GLN B 403 16.55 -11.84 -33.97
N ALA B 404 15.75 -12.88 -33.80
CA ALA B 404 14.60 -12.79 -32.89
C ALA B 404 15.06 -12.84 -31.42
N TRP B 405 16.07 -13.66 -31.14
CA TRP B 405 16.70 -13.63 -29.86
C TRP B 405 17.31 -12.27 -29.46
N LYS B 406 17.77 -11.50 -30.43
CA LYS B 406 18.44 -10.23 -30.19
C LYS B 406 17.36 -9.21 -29.85
N ALA B 407 16.35 -9.14 -30.71
CA ALA B 407 15.10 -8.45 -30.39
C ALA B 407 14.55 -8.62 -28.93
N ILE B 408 14.40 -9.87 -28.47
CA ILE B 408 14.03 -10.21 -27.11
C ILE B 408 15.08 -9.67 -26.12
N GLN B 409 16.37 -9.85 -26.43
CA GLN B 409 17.41 -9.27 -25.54
C GLN B 409 17.22 -7.76 -25.29
N GLU B 410 16.82 -7.01 -26.31
CA GLU B 410 16.46 -5.57 -26.17
C GLU B 410 14.95 -5.24 -25.80
N GLY B 411 14.28 -6.19 -25.17
CA GLY B 411 12.98 -5.98 -24.56
C GLY B 411 11.71 -6.27 -25.36
N VAL B 412 11.79 -6.80 -26.60
CA VAL B 412 10.58 -7.02 -27.37
C VAL B 412 9.83 -8.19 -26.69
N PRO B 413 8.49 -8.07 -26.51
CA PRO B 413 7.75 -9.16 -25.82
C PRO B 413 7.40 -10.39 -26.71
N LEU B 414 8.42 -11.09 -27.24
CA LEU B 414 8.23 -12.16 -28.20
C LEU B 414 8.01 -13.43 -27.46
N LYS B 415 6.85 -14.05 -27.65
CA LYS B 415 6.40 -15.20 -26.85
C LYS B 415 6.50 -16.49 -27.60
N GLY B 416 6.57 -16.41 -28.93
CA GLY B 416 6.87 -17.60 -29.77
C GLY B 416 7.26 -17.32 -31.21
N TYR B 417 7.55 -18.39 -31.97
CA TYR B 417 8.06 -18.33 -33.32
C TYR B 417 7.62 -19.68 -34.01
N PHE B 418 6.95 -19.50 -35.12
CA PHE B 418 6.43 -20.56 -35.86
C PHE B 418 7.10 -20.67 -37.22
N VAL B 419 7.54 -21.86 -37.57
CA VAL B 419 8.08 -22.10 -38.90
C VAL B 419 7.00 -22.32 -39.96
N TRP B 420 7.06 -21.61 -41.09
CA TRP B 420 6.25 -21.86 -42.25
C TRP B 420 7.08 -22.73 -43.21
N SER B 421 6.72 -24.01 -43.51
CA SER B 421 5.54 -24.73 -42.98
C SER B 421 5.97 -26.04 -42.42
N LEU B 422 5.07 -26.73 -41.73
CA LEU B 422 5.31 -28.11 -41.37
C LEU B 422 5.58 -28.92 -42.67
N LEU B 423 4.83 -28.67 -43.75
CA LEU B 423 4.89 -29.48 -44.97
C LEU B 423 5.01 -28.60 -46.15
N ASP B 424 5.59 -29.14 -47.23
CA ASP B 424 5.46 -28.62 -48.64
C ASP B 424 3.98 -28.56 -48.97
N ASN B 425 3.53 -27.53 -49.68
CA ASN B 425 2.11 -27.37 -49.95
C ASN B 425 1.83 -26.54 -51.12
N PHE B 426 0.52 -26.35 -51.41
CA PHE B 426 0.03 -25.52 -52.51
C PHE B 426 0.35 -24.04 -52.27
N GLU B 427 1.48 -23.56 -52.84
CA GLU B 427 1.94 -22.21 -52.66
C GLU B 427 1.19 -21.24 -53.56
N TRP B 428 -0.13 -21.22 -53.30
CA TRP B 428 -1.10 -20.35 -53.92
C TRP B 428 -1.01 -20.22 -55.47
N ALA B 429 -0.87 -18.99 -56.00
CA ALA B 429 -0.64 -18.80 -57.42
C ALA B 429 0.70 -19.47 -57.91
N GLU B 430 1.63 -19.81 -57.02
CA GLU B 430 2.82 -20.58 -57.45
C GLU B 430 2.53 -22.11 -57.58
N GLY B 431 1.42 -22.57 -56.96
CA GLY B 431 1.02 -23.96 -57.08
C GLY B 431 1.99 -24.75 -56.26
N TYR B 432 2.22 -26.00 -56.67
CA TYR B 432 3.13 -26.92 -55.94
C TYR B 432 4.62 -26.75 -56.28
N SER B 433 4.99 -25.86 -57.21
CA SER B 433 6.40 -25.61 -57.57
C SER B 433 7.29 -24.98 -56.47
N LYS B 434 6.68 -24.50 -55.37
CA LYS B 434 7.44 -23.85 -54.32
C LYS B 434 7.30 -24.62 -53.00
N ARG B 435 8.44 -25.10 -52.50
CA ARG B 435 8.47 -25.97 -51.32
C ARG B 435 8.99 -25.24 -50.09
N PHE B 436 8.12 -24.97 -49.11
CA PHE B 436 8.46 -24.22 -47.87
C PHE B 436 8.53 -25.12 -46.64
N GLY B 437 8.37 -26.42 -46.81
CA GLY B 437 8.30 -27.26 -45.63
C GLY B 437 9.63 -27.71 -44.97
N ILE B 438 9.54 -28.07 -43.69
CA ILE B 438 10.62 -28.80 -42.99
C ILE B 438 10.46 -30.31 -43.15
N VAL B 439 9.28 -30.73 -43.66
CA VAL B 439 8.95 -32.13 -44.04
C VAL B 439 8.69 -32.13 -45.53
N TYR B 440 9.45 -32.91 -46.27
CA TYR B 440 9.22 -33.09 -47.71
C TYR B 440 7.96 -33.93 -47.99
N VAL B 441 7.13 -33.56 -48.98
CA VAL B 441 5.97 -34.37 -49.41
C VAL B 441 6.12 -34.80 -50.87
N ASP B 442 6.03 -36.11 -51.15
CA ASP B 442 6.05 -36.61 -52.54
C ASP B 442 4.62 -36.59 -52.97
N TYR B 443 4.26 -35.82 -53.99
CA TYR B 443 2.84 -35.58 -54.27
C TYR B 443 2.09 -36.78 -54.95
N SER B 444 2.80 -37.58 -55.73
CA SER B 444 2.14 -38.76 -56.31
C SER B 444 1.86 -39.90 -55.29
N THR B 445 2.67 -39.98 -54.24
CA THR B 445 2.57 -41.01 -53.18
C THR B 445 2.10 -40.45 -51.83
N GLN B 446 2.11 -39.12 -51.67
CA GLN B 446 1.85 -38.50 -50.37
C GLN B 446 2.77 -38.98 -49.23
N LYS B 447 3.98 -39.44 -49.56
CA LYS B 447 4.93 -39.88 -48.54
C LYS B 447 5.53 -38.61 -47.92
N ARG B 448 5.71 -38.61 -46.61
CA ARG B 448 6.37 -37.51 -45.87
C ARG B 448 7.80 -37.83 -45.50
N ILE B 449 8.74 -37.08 -46.01
CA ILE B 449 10.14 -37.25 -45.66
C ILE B 449 10.65 -36.04 -44.85
N VAL B 450 10.89 -36.25 -43.56
CA VAL B 450 11.45 -35.20 -42.67
C VAL B 450 12.79 -34.68 -43.16
N LYS B 451 12.83 -33.44 -43.65
CA LYS B 451 14.08 -32.85 -44.16
C LYS B 451 15.06 -32.56 -43.03
N ASP B 452 16.27 -32.18 -43.39
CA ASP B 452 17.34 -32.00 -42.39
C ASP B 452 16.94 -30.85 -41.46
N SER B 453 16.41 -29.76 -42.04
CA SER B 453 15.83 -28.64 -41.25
C SER B 453 14.85 -29.09 -40.19
N GLY B 454 13.99 -30.08 -40.46
CA GLY B 454 13.13 -30.66 -39.42
C GLY B 454 13.86 -31.20 -38.20
N TYR B 455 14.81 -32.12 -38.43
CA TYR B 455 15.73 -32.61 -37.35
C TYR B 455 16.51 -31.44 -36.69
N TRP B 456 17.01 -30.53 -37.52
CA TRP B 456 17.72 -29.37 -37.02
C TRP B 456 16.80 -28.55 -36.08
N TYR B 457 15.59 -28.24 -36.54
CA TYR B 457 14.64 -27.49 -35.74
C TYR B 457 14.26 -28.19 -34.46
N SER B 458 14.12 -29.50 -34.53
CA SER B 458 13.74 -30.29 -33.38
C SER B 458 14.71 -30.15 -32.26
N ASN B 459 15.98 -29.97 -32.61
CA ASN B 459 17.04 -29.77 -31.62
C ASN B 459 17.01 -28.39 -31.00
N VAL B 460 16.76 -27.38 -31.83
CA VAL B 460 16.51 -26.04 -31.31
C VAL B 460 15.39 -26.08 -30.27
N VAL B 461 14.31 -26.75 -30.61
CA VAL B 461 13.21 -26.88 -29.68
C VAL B 461 13.68 -27.44 -28.33
N LYS B 462 14.37 -28.56 -28.42
CA LYS B 462 14.97 -29.26 -27.29
C LYS B 462 16.01 -28.42 -26.53
N ASN B 463 16.89 -27.71 -27.24
CA ASN B 463 17.85 -26.75 -26.59
C ASN B 463 17.23 -25.43 -26.11
N ASN B 464 15.92 -25.23 -26.34
CA ASN B 464 15.24 -23.89 -26.24
C ASN B 464 16.12 -22.80 -26.81
N GLY B 465 16.73 -23.07 -27.95
CA GLY B 465 17.59 -22.05 -28.56
C GLY B 465 18.68 -22.53 -29.51
N LEU B 466 19.70 -21.71 -29.71
CA LEU B 466 20.78 -21.93 -30.66
C LEU B 466 22.16 -22.09 -30.03
N GLU B 467 22.94 -23.01 -30.58
CA GLU B 467 24.38 -23.09 -30.32
C GLU B 467 25.18 -22.29 -31.36
N LYS C 26 -20.99 -33.32 28.78
CA LYS C 26 -21.02 -32.85 27.35
C LYS C 26 -20.08 -33.62 26.42
N LYS C 27 -20.40 -34.89 26.21
CA LYS C 27 -19.65 -35.75 25.30
C LYS C 27 -20.01 -35.39 23.84
N PHE C 28 -19.00 -35.31 22.98
CA PHE C 28 -19.16 -35.02 21.54
C PHE C 28 -19.43 -36.31 20.74
N PRO C 29 -19.93 -36.20 19.48
CA PRO C 29 -20.18 -37.43 18.69
C PRO C 29 -18.89 -38.18 18.38
N GLU C 30 -19.01 -39.46 18.01
CA GLU C 30 -17.86 -40.29 17.59
C GLU C 30 -17.27 -39.77 16.25
N GLY C 31 -15.95 -39.96 16.07
CA GLY C 31 -15.21 -39.48 14.87
C GLY C 31 -14.70 -38.04 14.98
N PHE C 32 -15.38 -37.21 15.79
CA PHE C 32 -15.14 -35.75 15.98
C PHE C 32 -13.67 -35.41 16.16
N LEU C 33 -13.21 -34.41 15.40
CA LEU C 33 -11.81 -34.00 15.42
C LEU C 33 -11.50 -32.92 16.48
N TRP C 34 -10.52 -33.20 17.34
CA TRP C 34 -9.98 -32.21 18.26
C TRP C 34 -8.59 -31.86 17.79
N GLY C 35 -8.36 -30.57 17.52
CA GLY C 35 -7.11 -30.12 16.95
C GLY C 35 -6.48 -28.88 17.55
N VAL C 36 -5.24 -28.62 17.09
CA VAL C 36 -4.54 -27.36 17.35
C VAL C 36 -4.03 -26.78 16.02
N ALA C 37 -4.07 -25.45 15.90
CA ALA C 37 -3.70 -24.72 14.67
C ALA C 37 -2.42 -23.85 14.81
N THR C 38 -1.60 -23.83 13.75
CA THR C 38 -0.56 -22.78 13.53
C THR C 38 -0.49 -22.22 12.09
N ALA C 39 0.21 -21.08 11.98
CA ALA C 39 0.63 -20.45 10.74
C ALA C 39 2.17 -20.32 10.62
N SER C 40 2.68 -20.62 9.43
CA SER C 40 4.10 -20.70 9.09
C SER C 40 4.96 -19.49 9.51
N TYR C 41 4.54 -18.27 9.15
CA TYR C 41 5.34 -17.08 9.53
C TYR C 41 5.24 -16.73 11.00
N GLN C 42 4.18 -17.15 11.66
CA GLN C 42 4.05 -16.79 13.09
C GLN C 42 4.94 -17.65 13.99
N ILE C 43 5.34 -18.83 13.52
CA ILE C 43 6.09 -19.77 14.34
C ILE C 43 7.53 -19.99 13.87
N GLU C 44 7.73 -20.05 12.55
CA GLU C 44 8.84 -20.78 11.92
C GLU C 44 10.26 -20.24 12.10
N GLY C 45 10.41 -18.91 11.99
CA GLY C 45 11.73 -18.28 11.80
C GLY C 45 12.40 -18.69 10.49
N SER C 46 13.70 -18.38 10.37
CA SER C 46 14.51 -18.75 9.19
C SER C 46 13.75 -18.50 7.86
N PRO C 47 13.20 -17.27 7.71
CA PRO C 47 12.38 -16.91 6.57
C PRO C 47 13.10 -17.01 5.24
N LEU C 48 14.40 -16.72 5.24
CA LEU C 48 15.22 -16.74 4.03
C LEU C 48 16.09 -17.97 3.89
N ALA C 49 16.00 -18.88 4.84
CA ALA C 49 16.84 -20.06 4.84
C ALA C 49 16.57 -20.98 3.67
N ASP C 50 17.59 -21.82 3.39
CA ASP C 50 17.63 -22.84 2.32
C ASP C 50 16.92 -22.49 1.01
N GLY C 51 17.23 -21.30 0.49
CA GLY C 51 16.77 -20.84 -0.83
C GLY C 51 15.34 -20.29 -0.91
N ALA C 52 14.70 -20.09 0.25
CA ALA C 52 13.35 -19.56 0.29
C ALA C 52 13.33 -18.13 -0.25
N GLY C 53 12.28 -17.80 -0.98
CA GLY C 53 12.03 -16.42 -1.42
C GLY C 53 11.56 -15.59 -0.24
N MET C 54 11.75 -14.27 -0.37
CA MET C 54 11.12 -13.31 0.54
C MET C 54 9.58 -13.33 0.37
N SER C 55 8.86 -13.26 1.49
CA SER C 55 7.42 -12.98 1.55
C SER C 55 7.16 -11.53 1.85
N ILE C 56 5.90 -11.11 1.70
CA ILE C 56 5.48 -9.75 2.00
C ILE C 56 5.48 -9.45 3.48
N TRP C 57 5.40 -10.49 4.31
CA TRP C 57 5.48 -10.29 5.77
C TRP C 57 6.92 -9.97 6.18
N HIS C 58 7.86 -10.67 5.55
CA HIS C 58 9.27 -10.36 5.75
C HIS C 58 9.51 -8.86 5.51
N THR C 59 9.05 -8.36 4.36
CA THR C 59 9.39 -6.99 3.94
C THR C 59 8.58 -6.02 4.79
N PHE C 60 7.35 -6.44 5.15
CA PHE C 60 6.42 -5.53 5.89
C PHE C 60 6.91 -5.34 7.33
N SER C 61 7.31 -6.41 8.01
CA SER C 61 7.81 -6.32 9.39
C SER C 61 9.24 -5.79 9.48
N HIS C 62 10.03 -5.87 8.40
CA HIS C 62 11.28 -5.06 8.36
C HIS C 62 11.11 -3.57 8.00
N THR C 63 9.88 -3.06 7.88
CA THR C 63 9.66 -1.63 7.64
C THR C 63 9.40 -1.01 8.97
N PRO C 64 10.26 -0.10 9.43
CA PRO C 64 9.94 0.49 10.76
C PRO C 64 8.56 1.12 10.82
N GLY C 65 7.88 0.95 11.96
CA GLY C 65 6.58 1.55 12.22
C GLY C 65 5.44 0.54 12.05
N ASN C 66 5.76 -0.63 11.52
CA ASN C 66 4.70 -1.57 11.10
C ASN C 66 4.27 -2.60 12.20
N VAL C 67 5.26 -3.08 12.93
CA VAL C 67 5.06 -4.13 13.91
C VAL C 67 5.52 -3.53 15.23
N LYS C 68 4.78 -3.82 16.30
CA LYS C 68 5.16 -3.34 17.65
C LYS C 68 6.55 -3.85 18.07
N ASN C 69 7.29 -3.01 18.81
CA ASN C 69 8.72 -3.23 19.23
C ASN C 69 9.69 -3.52 18.10
N GLY C 70 9.26 -3.30 16.86
CA GLY C 70 10.06 -3.72 15.70
C GLY C 70 10.16 -5.22 15.53
N ASP C 71 9.20 -5.97 16.04
CA ASP C 71 9.26 -7.40 15.92
C ASP C 71 9.09 -7.82 14.48
N THR C 72 9.71 -8.95 14.15
CA THR C 72 9.68 -9.58 12.86
C THR C 72 9.51 -11.09 13.11
N GLY C 73 9.44 -11.86 12.03
CA GLY C 73 9.34 -13.32 12.13
C GLY C 73 10.61 -13.97 11.67
N ASP C 74 11.72 -13.23 11.73
CA ASP C 74 13.07 -13.77 11.54
C ASP C 74 13.33 -14.93 12.44
N VAL C 75 12.96 -14.81 13.71
CA VAL C 75 13.16 -15.94 14.63
C VAL C 75 11.85 -16.63 15.11
N ALA C 76 10.91 -15.86 15.62
CA ALA C 76 9.73 -16.42 16.32
C ALA C 76 10.07 -17.61 17.28
N CYS C 77 9.48 -18.79 17.06
CA CYS C 77 9.61 -19.97 17.95
C CYS C 77 10.58 -20.96 17.31
N ASP C 78 11.40 -20.48 16.39
CA ASP C 78 12.36 -21.31 15.70
C ASP C 78 11.80 -22.71 15.32
N HIS C 79 10.50 -22.77 14.97
CA HIS C 79 9.83 -24.06 14.65
C HIS C 79 10.45 -24.71 13.43
N TYR C 80 11.08 -23.90 12.57
CA TYR C 80 11.87 -24.42 11.46
C TYR C 80 13.01 -25.41 11.87
N ASN C 81 13.50 -25.25 13.11
CA ASN C 81 14.47 -26.19 13.70
C ASN C 81 13.90 -27.11 14.77
N ARG C 82 13.02 -26.57 15.61
CA ARG C 82 12.53 -27.29 16.79
C ARG C 82 11.21 -28.02 16.51
N TRP C 83 10.93 -28.34 15.24
CA TRP C 83 9.60 -28.87 14.82
C TRP C 83 9.22 -30.19 15.52
N LYS C 84 10.17 -31.13 15.57
CA LYS C 84 9.95 -32.46 16.20
C LYS C 84 9.49 -32.31 17.65
N GLU C 85 10.22 -31.54 18.44
CA GLU C 85 9.81 -31.16 19.81
C GLU C 85 8.40 -30.55 19.88
N ASP C 86 8.08 -29.69 18.90
CA ASP C 86 6.78 -29.04 18.82
C ASP C 86 5.68 -30.04 18.43
N ILE C 87 6.02 -30.95 17.52
CA ILE C 87 5.14 -32.01 17.04
C ILE C 87 5.05 -33.18 18.04
N GLU C 88 6.00 -33.21 18.99
CA GLU C 88 6.02 -34.13 20.14
C GLU C 88 5.19 -33.61 21.32
N ILE C 89 5.13 -32.30 21.50
CA ILE C 89 4.14 -31.71 22.44
C ILE C 89 2.71 -32.12 22.03
N ILE C 90 2.46 -32.24 20.73
CA ILE C 90 1.14 -32.64 20.21
C ILE C 90 0.85 -34.10 20.54
N GLU C 91 1.83 -34.97 20.29
CA GLU C 91 1.75 -36.43 20.51
C GLU C 91 1.49 -36.81 21.96
N LYS C 92 2.27 -36.24 22.88
CA LYS C 92 2.14 -36.52 24.31
C LYS C 92 0.85 -35.94 24.88
N LEU C 93 0.35 -34.84 24.30
CA LEU C 93 -0.97 -34.28 24.67
C LEU C 93 -2.15 -35.16 24.23
N GLY C 94 -1.95 -35.97 23.19
CA GLY C 94 -3.01 -36.81 22.62
C GLY C 94 -4.00 -36.07 21.72
N VAL C 95 -3.63 -34.88 21.24
CA VAL C 95 -4.43 -34.13 20.27
C VAL C 95 -4.29 -34.81 18.91
N LYS C 96 -5.41 -34.90 18.18
CA LYS C 96 -5.52 -35.77 16.98
C LYS C 96 -5.35 -35.06 15.63
N ALA C 97 -5.51 -33.73 15.62
CA ALA C 97 -5.42 -32.88 14.41
C ALA C 97 -4.48 -31.67 14.57
N TYR C 98 -3.58 -31.54 13.61
CA TYR C 98 -2.70 -30.39 13.53
C TYR C 98 -2.94 -29.60 12.21
N ARG C 99 -3.47 -28.40 12.37
CA ARG C 99 -3.67 -27.51 11.25
C ARG C 99 -2.43 -26.59 11.18
N PHE C 100 -1.64 -26.74 10.14
CA PHE C 100 -0.57 -25.81 9.86
C PHE C 100 -0.66 -25.22 8.44
N SER C 101 0.21 -24.23 8.19
CA SER C 101 0.27 -23.47 6.92
C SER C 101 1.59 -23.74 6.19
N ILE C 102 1.49 -23.78 4.86
CA ILE C 102 2.60 -23.90 3.94
C ILE C 102 3.02 -22.47 3.58
N SER C 103 4.34 -22.29 3.48
CA SER C 103 4.95 -21.04 3.06
C SER C 103 5.14 -21.18 1.57
N TRP C 104 4.38 -20.35 0.85
CA TRP C 104 4.42 -20.33 -0.59
C TRP C 104 5.87 -20.03 -1.02
N PRO C 105 6.52 -18.96 -0.49
CA PRO C 105 7.88 -18.74 -1.06
C PRO C 105 9.03 -19.67 -0.66
N ARG C 106 8.88 -20.54 0.35
CA ARG C 106 9.87 -21.62 0.59
C ARG C 106 9.72 -22.59 -0.52
N ILE C 107 8.46 -22.77 -0.95
CA ILE C 107 8.12 -23.64 -2.08
C ILE C 107 8.42 -23.08 -3.45
N LEU C 108 8.07 -21.83 -3.69
CA LEU C 108 8.25 -21.22 -5.00
C LEU C 108 8.74 -19.81 -4.72
N PRO C 109 10.08 -19.58 -4.73
CA PRO C 109 10.64 -18.31 -4.31
C PRO C 109 10.22 -17.12 -5.13
N GLU C 110 10.16 -17.32 -6.44
CA GLU C 110 9.67 -16.34 -7.44
C GLU C 110 8.15 -16.30 -7.62
N GLY C 111 7.40 -17.02 -6.81
CA GLY C 111 5.95 -17.06 -6.94
C GLY C 111 5.42 -18.10 -7.90
N THR C 112 6.00 -18.11 -9.09
CA THR C 112 5.68 -19.04 -10.17
C THR C 112 6.97 -19.72 -10.66
N GLY C 113 6.82 -20.82 -11.39
CA GLY C 113 7.96 -21.43 -12.08
C GLY C 113 8.71 -22.47 -11.26
N ARG C 114 9.93 -22.13 -10.85
CA ARG C 114 10.86 -23.14 -10.38
C ARG C 114 10.66 -23.47 -8.91
N VAL C 115 10.50 -24.75 -8.62
CA VAL C 115 10.29 -25.22 -7.26
C VAL C 115 11.62 -25.39 -6.51
N ASN C 116 11.56 -25.16 -5.19
CA ASN C 116 12.67 -25.37 -4.27
C ASN C 116 12.43 -26.71 -3.52
N GLN C 117 13.26 -27.70 -3.84
CA GLN C 117 13.20 -29.04 -3.18
C GLN C 117 13.33 -28.93 -1.69
N LYS C 118 14.24 -28.10 -1.24
CA LYS C 118 14.45 -27.85 0.19
C LYS C 118 13.16 -27.38 0.89
N GLY C 119 12.28 -26.73 0.14
CA GLY C 119 10.97 -26.34 0.63
C GLY C 119 10.04 -27.53 0.80
N LEU C 120 9.91 -28.31 -0.26
CA LEU C 120 9.11 -29.53 -0.25
C LEU C 120 9.57 -30.49 0.84
N ASP C 121 10.89 -30.74 0.88
CA ASP C 121 11.55 -31.60 1.88
C ASP C 121 11.13 -31.26 3.31
N PHE C 122 11.23 -29.98 3.65
CA PHE C 122 10.94 -29.52 5.02
C PHE C 122 9.52 -29.90 5.47
N TYR C 123 8.53 -29.48 4.71
CA TYR C 123 7.14 -29.88 5.01
C TYR C 123 6.91 -31.39 4.81
N ASN C 124 7.62 -32.03 3.89
CA ASN C 124 7.49 -33.50 3.73
C ASN C 124 7.85 -34.26 5.01
N ARG C 125 8.98 -33.90 5.61
CA ARG C 125 9.33 -34.43 6.94
C ARG C 125 8.18 -34.26 7.91
N ILE C 126 7.68 -33.03 8.02
CA ILE C 126 6.61 -32.70 8.96
C ILE C 126 5.38 -33.63 8.87
N ILE C 127 4.97 -33.94 7.66
CA ILE C 127 3.76 -34.72 7.36
C ILE C 127 3.94 -36.20 7.72
N ASP C 128 5.15 -36.71 7.51
CA ASP C 128 5.47 -38.10 7.84
C ASP C 128 5.47 -38.33 9.33
N THR C 129 6.22 -37.50 10.04
CA THR C 129 6.22 -37.50 11.50
C THR C 129 4.81 -37.39 12.10
N LEU C 130 3.91 -36.69 11.40
CA LEU C 130 2.48 -36.69 11.79
C LEU C 130 1.76 -38.02 11.53
N LEU C 131 1.94 -38.58 10.35
CA LEU C 131 1.25 -39.83 10.00
C LEU C 131 1.72 -41.00 10.83
N GLU C 132 3.00 -40.98 11.21
CA GLU C 132 3.55 -42.09 11.96
C GLU C 132 3.10 -42.06 13.40
N LYS C 133 2.95 -40.85 13.96
CA LYS C 133 2.44 -40.68 15.32
C LYS C 133 0.92 -40.49 15.39
N GLY C 134 0.21 -40.89 14.33
CA GLY C 134 -1.26 -40.90 14.33
C GLY C 134 -1.96 -39.56 14.56
N ILE C 135 -1.53 -38.57 13.79
CA ILE C 135 -2.13 -37.22 13.83
C ILE C 135 -2.52 -36.75 12.44
N THR C 136 -3.76 -36.29 12.29
CA THR C 136 -4.28 -35.83 10.97
C THR C 136 -3.85 -34.36 10.65
N PRO C 137 -3.12 -34.18 9.53
CA PRO C 137 -2.80 -32.85 9.05
C PRO C 137 -3.94 -32.15 8.31
N PHE C 138 -4.35 -30.99 8.82
CA PHE C 138 -5.03 -30.00 8.01
C PHE C 138 -4.04 -28.96 7.52
N VAL C 139 -3.75 -28.95 6.20
CA VAL C 139 -2.90 -27.95 5.54
C VAL C 139 -3.68 -26.71 5.02
N THR C 140 -3.38 -25.56 5.59
CA THR C 140 -3.74 -24.26 4.98
C THR C 140 -2.72 -23.91 3.93
N ILE C 141 -3.18 -23.72 2.69
CA ILE C 141 -2.30 -23.33 1.56
C ILE C 141 -1.84 -21.87 1.68
N TYR C 142 -2.76 -20.99 2.04
CA TYR C 142 -2.35 -19.58 2.15
C TYR C 142 -2.72 -18.98 3.49
N HIS C 143 -1.72 -18.83 4.36
CA HIS C 143 -1.93 -18.06 5.58
C HIS C 143 -1.05 -16.78 5.57
N TRP C 144 -1.14 -16.03 4.48
CA TRP C 144 -0.81 -14.61 4.37
C TRP C 144 0.58 -14.22 3.95
N ASP C 145 1.45 -15.18 3.76
CA ASP C 145 2.85 -14.87 3.50
C ASP C 145 3.12 -15.04 2.00
N LEU C 146 2.47 -14.17 1.22
CA LEU C 146 2.58 -14.08 -0.23
C LEU C 146 4.00 -13.83 -0.71
N PRO C 147 4.49 -14.55 -1.74
CA PRO C 147 5.87 -14.24 -2.25
C PRO C 147 6.04 -12.77 -2.63
N PHE C 148 7.19 -12.20 -2.28
CA PHE C 148 7.43 -10.76 -2.50
C PHE C 148 7.40 -10.53 -3.99
N ALA C 149 8.07 -11.45 -4.73
CA ALA C 149 8.07 -11.44 -6.16
C ALA C 149 6.71 -11.07 -6.77
N LEU C 150 5.65 -11.69 -6.29
CA LEU C 150 4.33 -11.44 -6.76
C LEU C 150 3.71 -10.14 -6.26
N GLN C 151 4.19 -9.58 -5.17
CA GLN C 151 3.70 -8.27 -4.76
C GLN C 151 4.18 -7.19 -5.75
N LEU C 152 5.44 -7.33 -6.17
CA LEU C 152 6.00 -6.51 -7.27
C LEU C 152 5.11 -6.42 -8.51
N LYS C 153 4.32 -7.45 -8.80
CA LYS C 153 3.35 -7.45 -9.97
C LYS C 153 1.88 -7.15 -9.62
N GLY C 154 1.62 -6.68 -8.39
CA GLY C 154 0.31 -6.27 -7.87
C GLY C 154 -0.32 -7.17 -6.85
N GLY C 155 0.22 -8.35 -6.66
CA GLY C 155 -0.31 -9.26 -5.67
C GLY C 155 -1.78 -9.51 -5.85
N TRP C 156 -2.55 -9.43 -4.77
CA TRP C 156 -4.01 -9.75 -4.90
C TRP C 156 -4.83 -8.74 -5.74
N ALA C 157 -4.26 -7.59 -6.04
CA ALA C 157 -4.88 -6.66 -7.01
C ALA C 157 -4.85 -7.13 -8.45
N ASN C 158 -3.97 -8.08 -8.75
CA ASN C 158 -3.74 -8.50 -10.12
C ASN C 158 -4.58 -9.75 -10.42
N ARG C 159 -5.42 -9.59 -11.43
CA ARG C 159 -6.27 -10.64 -12.00
C ARG C 159 -5.54 -11.96 -12.29
N GLU C 160 -4.27 -11.86 -12.71
CA GLU C 160 -3.41 -13.01 -12.88
C GLU C 160 -3.15 -13.90 -11.65
N ILE C 161 -3.34 -13.40 -10.45
CA ILE C 161 -3.08 -14.21 -9.24
C ILE C 161 -3.81 -15.59 -9.12
N ALA C 162 -5.03 -15.68 -9.62
CA ALA C 162 -5.76 -16.93 -9.76
C ALA C 162 -4.98 -18.06 -10.44
N ASP C 163 -4.24 -17.72 -11.49
CA ASP C 163 -3.39 -18.66 -12.19
C ASP C 163 -2.17 -18.94 -11.32
N TRP C 164 -1.58 -17.90 -10.74
CA TRP C 164 -0.38 -18.11 -9.93
C TRP C 164 -0.67 -19.00 -8.74
N PHE C 165 -1.83 -18.77 -8.15
CA PHE C 165 -2.24 -19.50 -6.97
C PHE C 165 -2.67 -20.93 -7.29
N ALA C 166 -3.36 -21.12 -8.40
CA ALA C 166 -3.75 -22.45 -8.90
C ALA C 166 -2.54 -23.34 -9.28
N GLU C 167 -1.55 -22.73 -9.95
N GLU C 167 -1.52 -22.75 -9.91
CA GLU C 167 -0.24 -23.36 -10.25
CA GLU C 167 -0.28 -23.47 -10.25
C GLU C 167 0.49 -23.79 -8.97
C GLU C 167 0.66 -23.71 -9.03
N TYR C 168 0.52 -22.89 -7.99
CA TYR C 168 1.09 -23.19 -6.65
C TYR C 168 0.39 -24.37 -5.91
N SER C 169 -0.90 -24.24 -5.65
CA SER C 169 -1.68 -25.29 -5.03
C SER C 169 -1.42 -26.64 -5.74
N ARG C 170 -1.42 -26.63 -7.09
CA ARG C 170 -1.14 -27.80 -7.96
C ARG C 170 0.08 -28.55 -7.48
N VAL C 171 1.19 -27.79 -7.28
CA VAL C 171 2.47 -28.29 -6.75
C VAL C 171 2.31 -28.88 -5.35
N LEU C 172 1.48 -28.26 -4.50
CA LEU C 172 1.19 -28.84 -3.18
C LEU C 172 0.35 -30.14 -3.29
N PHE C 173 -0.60 -30.23 -4.23
CA PHE C 173 -1.42 -31.44 -4.36
C PHE C 173 -0.61 -32.63 -4.94
N GLU C 174 0.15 -32.42 -5.99
CA GLU C 174 0.98 -33.48 -6.58
C GLU C 174 2.19 -33.99 -5.71
N ASN C 175 2.58 -33.27 -4.67
CA ASN C 175 3.70 -33.67 -3.77
C ASN C 175 3.25 -34.16 -2.39
N PHE C 176 2.25 -33.51 -1.81
CA PHE C 176 1.69 -33.90 -0.52
C PHE C 176 0.33 -34.56 -0.58
N GLY C 177 -0.28 -34.59 -1.76
CA GLY C 177 -1.70 -35.01 -1.85
C GLY C 177 -1.97 -36.46 -1.51
N ASP C 178 -0.96 -37.31 -1.79
CA ASP C 178 -0.94 -38.75 -1.44
C ASP C 178 -1.16 -39.00 0.05
N ARG C 179 -0.59 -38.13 0.88
CA ARG C 179 -0.69 -38.23 2.33
C ARG C 179 -1.72 -37.27 2.92
N VAL C 180 -1.73 -36.01 2.44
CA VAL C 180 -2.61 -34.97 3.00
C VAL C 180 -3.97 -34.95 2.30
N LYS C 181 -5.03 -35.03 3.10
CA LYS C 181 -6.43 -35.19 2.64
C LYS C 181 -7.41 -34.19 3.23
N ASN C 182 -6.94 -33.21 3.98
CA ASN C 182 -7.80 -32.15 4.45
C ASN C 182 -7.06 -30.86 4.22
N TRP C 183 -7.59 -30.10 3.25
CA TRP C 183 -6.95 -28.91 2.71
C TRP C 183 -7.80 -27.69 2.95
N ILE C 184 -7.15 -26.54 3.03
CA ILE C 184 -7.79 -25.23 3.08
C ILE C 184 -7.10 -24.32 2.04
N THR C 185 -7.87 -23.79 1.08
CA THR C 185 -7.40 -22.75 0.12
C THR C 185 -6.80 -21.50 0.79
N LEU C 186 -7.60 -20.83 1.60
CA LEU C 186 -7.21 -19.53 2.19
C LEU C 186 -7.62 -19.46 3.65
N ASN C 187 -6.79 -18.81 4.47
CA ASN C 187 -7.15 -18.43 5.80
C ASN C 187 -7.58 -16.97 5.77
N GLU C 188 -8.83 -16.75 6.09
CA GLU C 188 -9.44 -15.41 6.32
C GLU C 188 -9.22 -14.35 5.22
N PRO C 189 -9.76 -14.56 4.01
CA PRO C 189 -9.56 -13.59 2.89
C PRO C 189 -10.12 -12.18 3.12
N TRP C 190 -11.05 -12.01 4.04
CA TRP C 190 -11.46 -10.67 4.41
C TRP C 190 -10.31 -9.98 5.13
N VAL C 191 -9.54 -10.68 5.92
CA VAL C 191 -8.33 -10.07 6.53
C VAL C 191 -7.32 -9.68 5.44
N VAL C 192 -6.93 -10.66 4.64
CA VAL C 192 -6.00 -10.43 3.54
C VAL C 192 -6.40 -9.23 2.68
N ALA C 193 -7.68 -9.12 2.35
CA ALA C 193 -8.19 -8.02 1.49
C ALA C 193 -8.33 -6.69 2.22
N ILE C 194 -9.05 -6.68 3.34
CA ILE C 194 -9.42 -5.46 4.03
C ILE C 194 -8.33 -4.88 5.00
N VAL C 195 -7.63 -5.74 5.70
CA VAL C 195 -6.63 -5.30 6.65
C VAL C 195 -5.35 -5.07 5.87
N GLY C 196 -5.05 -5.93 4.90
CA GLY C 196 -3.93 -5.68 3.98
C GLY C 196 -4.03 -4.50 2.99
N HIS C 197 -5.20 -4.24 2.45
CA HIS C 197 -5.37 -3.33 1.34
C HIS C 197 -6.26 -2.12 1.53
N LEU C 198 -7.04 -2.08 2.59
CA LEU C 198 -7.81 -0.88 2.90
C LEU C 198 -7.35 -0.22 4.20
N TYR C 199 -7.26 -0.98 5.28
CA TYR C 199 -6.80 -0.42 6.58
C TYR C 199 -5.26 -0.23 6.67
N GLY C 200 -4.49 -1.04 5.94
CA GLY C 200 -3.02 -0.90 5.85
C GLY C 200 -2.26 -1.34 7.10
N VAL C 201 -2.87 -2.27 7.85
CA VAL C 201 -2.41 -2.71 9.20
C VAL C 201 -1.56 -3.98 9.06
N HIS C 202 -1.96 -4.81 8.09
CA HIS C 202 -1.17 -5.94 7.68
C HIS C 202 -0.58 -5.69 6.31
N ALA C 203 0.29 -6.59 5.90
CA ALA C 203 0.97 -6.54 4.64
C ALA C 203 -0.02 -6.80 3.48
N PRO C 204 0.09 -6.12 2.36
CA PRO C 204 1.24 -5.24 2.02
C PRO C 204 1.12 -3.78 2.47
N GLY C 205 0.12 -3.47 3.31
CA GLY C 205 0.04 -2.17 3.99
C GLY C 205 -0.53 -1.05 3.13
N MET C 206 -1.52 -1.39 2.29
N MET C 206 -1.49 -1.40 2.27
CA MET C 206 -2.15 -0.46 1.35
CA MET C 206 -2.10 -0.44 1.35
C MET C 206 -3.31 0.20 2.04
C MET C 206 -3.31 0.17 2.00
N ARG C 207 -3.67 1.38 1.56
CA ARG C 207 -4.93 2.01 1.94
C ARG C 207 -5.65 2.43 0.68
N ASP C 208 -6.42 1.51 0.05
CA ASP C 208 -7.14 1.84 -1.27
C ASP C 208 -8.37 0.95 -1.48
N ILE C 209 -9.55 1.54 -1.44
CA ILE C 209 -10.72 0.71 -1.35
C ILE C 209 -11.04 -0.04 -2.66
N TYR C 210 -10.64 0.52 -3.81
CA TYR C 210 -10.72 -0.12 -5.13
C TYR C 210 -9.82 -1.33 -5.28
N VAL C 211 -8.64 -1.25 -4.72
CA VAL C 211 -7.76 -2.37 -4.68
C VAL C 211 -8.30 -3.41 -3.70
N ALA C 212 -8.83 -2.98 -2.53
CA ALA C 212 -9.33 -3.87 -1.50
C ALA C 212 -10.34 -4.86 -2.04
N PHE C 213 -11.34 -4.32 -2.77
CA PHE C 213 -12.45 -5.12 -3.28
C PHE C 213 -12.03 -5.95 -4.52
N ARG C 214 -11.00 -5.49 -5.22
CA ARG C 214 -10.41 -6.30 -6.24
C ARG C 214 -9.73 -7.52 -5.68
N ALA C 215 -9.01 -7.29 -4.59
CA ALA C 215 -8.44 -8.41 -3.82
C ALA C 215 -9.53 -9.34 -3.33
N VAL C 216 -10.67 -8.82 -2.83
CA VAL C 216 -11.72 -9.78 -2.37
C VAL C 216 -12.01 -10.72 -3.54
N HIS C 217 -12.31 -10.11 -4.68
CA HIS C 217 -12.79 -10.79 -5.86
C HIS C 217 -11.77 -11.74 -6.38
N ASN C 218 -10.55 -11.29 -6.51
CA ASN C 218 -9.44 -12.16 -6.94
C ASN C 218 -9.15 -13.29 -5.94
N LEU C 219 -9.43 -13.03 -4.64
CA LEU C 219 -9.35 -14.09 -3.61
C LEU C 219 -10.31 -15.23 -3.87
N LEU C 220 -11.56 -14.90 -4.13
CA LEU C 220 -12.52 -15.91 -4.53
C LEU C 220 -12.20 -16.68 -5.85
N ARG C 221 -11.71 -15.98 -6.86
CA ARG C 221 -11.39 -16.63 -8.16
C ARG C 221 -10.21 -17.54 -7.99
N ALA C 222 -9.19 -17.07 -7.28
CA ALA C 222 -8.06 -17.90 -6.86
C ALA C 222 -8.53 -19.14 -6.12
N HIS C 223 -9.36 -18.93 -5.13
CA HIS C 223 -9.89 -20.04 -4.37
C HIS C 223 -10.58 -21.08 -5.27
N ALA C 224 -11.48 -20.64 -6.16
CA ALA C 224 -12.23 -21.60 -6.96
C ALA C 224 -11.34 -22.33 -7.96
N ARG C 225 -10.31 -21.64 -8.46
N ARG C 225 -10.31 -21.64 -8.45
CA ARG C 225 -9.40 -22.25 -9.44
CA ARG C 225 -9.36 -22.22 -9.38
C ARG C 225 -8.59 -23.40 -8.81
C ARG C 225 -8.61 -23.41 -8.79
N ALA C 226 -8.13 -23.20 -7.57
CA ALA C 226 -7.44 -24.24 -6.80
C ALA C 226 -8.32 -25.44 -6.46
N VAL C 227 -9.61 -25.22 -6.15
CA VAL C 227 -10.56 -26.33 -5.89
C VAL C 227 -10.71 -27.14 -7.16
N LYS C 228 -10.87 -26.45 -8.29
CA LYS C 228 -10.91 -27.08 -9.60
C LYS C 228 -9.68 -27.98 -9.86
N VAL C 229 -8.49 -27.42 -9.66
CA VAL C 229 -7.26 -28.22 -9.78
C VAL C 229 -7.26 -29.38 -8.78
N PHE C 230 -7.56 -29.08 -7.51
CA PHE C 230 -7.73 -30.10 -6.44
C PHE C 230 -8.51 -31.34 -6.93
N ARG C 231 -9.65 -31.13 -7.60
CA ARG C 231 -10.44 -32.25 -8.16
C ARG C 231 -9.75 -33.09 -9.22
N GLU C 232 -8.61 -32.66 -9.78
CA GLU C 232 -7.84 -33.51 -10.74
C GLU C 232 -6.55 -34.08 -10.11
N THR C 233 -6.49 -34.22 -8.79
CA THR C 233 -5.21 -34.51 -8.12
C THR C 233 -5.35 -35.35 -6.83
N ASP C 236 -8.34 -38.93 -2.86
CA ASP C 236 -9.61 -38.97 -2.14
C ASP C 236 -9.59 -38.13 -0.88
N GLY C 237 -9.45 -36.81 -1.06
CA GLY C 237 -9.45 -35.81 0.04
C GLY C 237 -10.57 -34.76 0.00
N LYS C 238 -10.58 -33.91 1.03
CA LYS C 238 -11.62 -32.90 1.29
C LYS C 238 -10.97 -31.50 1.22
N ILE C 239 -11.69 -30.52 0.63
CA ILE C 239 -11.17 -29.17 0.48
C ILE C 239 -12.19 -28.10 0.97
N GLY C 240 -11.69 -27.12 1.70
CA GLY C 240 -12.48 -26.07 2.25
C GLY C 240 -11.74 -24.73 2.32
N ILE C 241 -12.35 -23.81 3.04
CA ILE C 241 -11.91 -22.43 3.06
C ILE C 241 -12.29 -21.89 4.41
N VAL C 242 -11.42 -21.05 4.96
CA VAL C 242 -11.55 -20.52 6.34
C VAL C 242 -11.97 -19.04 6.37
N PHE C 243 -12.95 -18.72 7.23
CA PHE C 243 -13.45 -17.34 7.42
C PHE C 243 -13.37 -16.85 8.89
N ASN C 244 -12.99 -15.58 9.04
CA ASN C 244 -13.07 -14.90 10.34
C ASN C 244 -14.49 -14.44 10.50
N ASN C 245 -14.91 -14.45 11.77
CA ASN C 245 -16.26 -14.20 12.13
C ASN C 245 -16.28 -13.55 13.51
N GLY C 246 -17.03 -12.49 13.65
CA GLY C 246 -17.37 -11.87 14.93
C GLY C 246 -18.88 -11.94 15.20
N TYR C 247 -19.28 -11.85 16.46
CA TYR C 247 -20.67 -11.88 16.84
C TYR C 247 -21.07 -10.47 17.10
N PHE C 248 -21.84 -9.91 16.18
CA PHE C 248 -22.30 -8.50 16.29
C PHE C 248 -23.73 -8.49 16.84
N GLU C 249 -24.00 -7.52 17.73
CA GLU C 249 -25.29 -7.37 18.43
C GLU C 249 -25.68 -5.93 18.31
N PRO C 250 -26.97 -5.63 18.14
CA PRO C 250 -27.31 -4.21 18.02
C PRO C 250 -27.29 -3.47 19.37
N ALA C 251 -26.92 -2.19 19.34
CA ALA C 251 -26.90 -1.32 20.51
C ALA C 251 -28.31 -1.18 21.08
N SER C 252 -29.21 -0.61 20.28
CA SER C 252 -30.66 -0.53 20.58
C SER C 252 -31.47 -1.43 19.64
N GLU C 253 -32.80 -1.35 19.73
CA GLU C 253 -33.71 -2.06 18.82
C GLU C 253 -34.16 -1.17 17.65
N LYS C 254 -33.70 0.09 17.61
CA LYS C 254 -33.85 0.98 16.44
C LYS C 254 -33.51 0.26 15.12
N GLU C 255 -34.30 0.55 14.07
CA GLU C 255 -34.13 -0.06 12.75
C GLU C 255 -32.69 0.09 12.22
N GLU C 256 -32.19 1.32 12.28
CA GLU C 256 -30.84 1.64 11.75
C GLU C 256 -29.73 0.91 12.49
N ASP C 257 -29.95 0.55 13.76
CA ASP C 257 -28.98 -0.25 14.50
C ASP C 257 -28.99 -1.73 14.14
N ILE C 258 -30.16 -2.27 13.83
CA ILE C 258 -30.24 -3.69 13.46
C ILE C 258 -29.69 -3.82 12.04
N ARG C 259 -29.93 -2.78 11.23
CA ARG C 259 -29.43 -2.73 9.86
C ARG C 259 -27.89 -2.74 9.93
N ALA C 260 -27.33 -1.88 10.79
CA ALA C 260 -25.89 -1.88 11.05
C ALA C 260 -25.31 -3.27 11.40
N VAL C 261 -26.00 -4.05 12.20
CA VAL C 261 -25.58 -5.44 12.47
C VAL C 261 -25.58 -6.30 11.20
N ARG C 262 -26.58 -6.08 10.32
CA ARG C 262 -26.76 -6.88 9.08
C ARG C 262 -25.59 -6.67 8.09
N PHE C 263 -25.23 -5.42 7.90
CA PHE C 263 -24.05 -5.05 7.14
C PHE C 263 -22.79 -5.69 7.65
N MET C 264 -22.57 -5.60 8.97
CA MET C 264 -21.35 -6.14 9.56
C MET C 264 -21.21 -7.67 9.43
N HIS C 265 -22.32 -8.36 9.53
CA HIS C 265 -22.34 -9.77 9.29
C HIS C 265 -22.11 -10.11 7.81
N GLN C 266 -22.78 -9.37 6.92
CA GLN C 266 -22.63 -9.55 5.47
C GLN C 266 -21.21 -9.18 5.00
N PHE C 267 -20.63 -8.10 5.52
CA PHE C 267 -19.22 -7.67 5.18
C PHE C 267 -18.07 -8.49 5.82
N ASN C 268 -18.14 -8.61 7.16
CA ASN C 268 -17.02 -9.18 7.99
C ASN C 268 -17.03 -10.66 8.15
N ASN C 269 -18.23 -11.28 8.13
CA ASN C 269 -18.30 -12.72 8.40
C ASN C 269 -18.43 -13.45 7.09
N TYR C 270 -18.56 -14.77 7.15
CA TYR C 270 -18.65 -15.62 5.96
C TYR C 270 -19.49 -15.18 4.72
N PRO C 271 -20.64 -14.50 4.88
CA PRO C 271 -21.43 -14.23 3.66
C PRO C 271 -20.74 -13.52 2.51
N LEU C 272 -19.76 -12.64 2.80
CA LEU C 272 -19.04 -11.91 1.77
C LEU C 272 -18.52 -12.85 0.73
N PHE C 273 -18.06 -13.99 1.21
CA PHE C 273 -17.54 -15.04 0.37
C PHE C 273 -18.47 -16.23 0.13
N LEU C 274 -19.27 -16.63 1.15
CA LEU C 274 -20.22 -17.72 0.95
C LEU C 274 -21.43 -17.40 0.09
N ASN C 275 -21.92 -16.17 0.13
CA ASN C 275 -22.94 -15.75 -0.85
C ASN C 275 -22.48 -15.91 -2.35
N PRO C 276 -21.25 -15.47 -2.73
CA PRO C 276 -20.69 -15.86 -4.04
C PRO C 276 -20.61 -17.36 -4.28
N ILE C 277 -20.04 -18.11 -3.33
CA ILE C 277 -19.80 -19.55 -3.51
C ILE C 277 -21.08 -20.38 -3.65
N TYR C 278 -22.07 -20.05 -2.84
CA TYR C 278 -23.34 -20.76 -2.79
C TYR C 278 -24.47 -20.15 -3.56
N ARG C 279 -24.37 -18.86 -3.90
CA ARG C 279 -25.49 -18.12 -4.47
C ARG C 279 -25.20 -17.33 -5.73
N GLY C 280 -23.90 -17.14 -6.06
CA GLY C 280 -23.52 -16.46 -7.25
C GLY C 280 -23.44 -14.96 -7.30
N ASP C 281 -23.41 -14.32 -6.15
CA ASP C 281 -23.24 -12.86 -6.11
C ASP C 281 -22.86 -12.53 -4.69
N TYR C 282 -22.26 -11.34 -4.49
CA TYR C 282 -21.99 -10.81 -3.17
C TYR C 282 -23.34 -10.40 -2.51
N PRO C 283 -23.38 -10.43 -1.16
CA PRO C 283 -24.59 -10.03 -0.40
C PRO C 283 -25.11 -8.64 -0.70
N GLU C 284 -26.42 -8.47 -0.51
CA GLU C 284 -27.15 -7.30 -0.97
C GLU C 284 -26.55 -6.02 -0.40
N LEU C 285 -26.31 -5.97 0.92
CA LEU C 285 -25.76 -4.74 1.56
C LEU C 285 -24.24 -4.43 1.30
N VAL C 286 -23.41 -5.45 1.14
CA VAL C 286 -22.08 -5.24 0.54
C VAL C 286 -22.21 -4.49 -0.78
N LEU C 287 -23.10 -4.99 -1.64
CA LEU C 287 -23.30 -4.34 -2.95
C LEU C 287 -23.82 -2.91 -2.88
N GLU C 288 -24.75 -2.59 -2.01
CA GLU C 288 -25.11 -1.16 -1.77
C GLU C 288 -23.88 -0.30 -1.34
N PHE C 289 -23.03 -0.83 -0.49
CA PHE C 289 -21.80 -0.18 -0.05
C PHE C 289 -20.75 -0.12 -1.17
N ALA C 290 -20.52 -1.25 -1.85
CA ALA C 290 -19.24 -1.50 -2.57
C ALA C 290 -19.25 -1.75 -4.07
N ARG C 291 -20.42 -1.68 -4.69
N ARG C 291 -20.42 -1.67 -4.71
N ARG C 291 -20.42 -1.70 -4.71
CA ARG C 291 -20.56 -1.97 -6.13
CA ARG C 291 -20.56 -1.98 -6.16
CA ARG C 291 -20.55 -2.00 -6.14
C ARG C 291 -19.61 -1.12 -6.95
C ARG C 291 -19.59 -1.12 -6.97
C ARG C 291 -19.63 -1.11 -6.98
N GLU C 292 -19.48 0.15 -6.56
CA GLU C 292 -18.56 1.07 -7.21
C GLU C 292 -17.06 0.62 -7.17
N TYR C 293 -16.66 -0.15 -6.16
CA TYR C 293 -15.25 -0.58 -6.02
C TYR C 293 -14.91 -1.92 -6.67
N LEU C 294 -15.92 -2.71 -7.00
CA LEU C 294 -15.72 -4.02 -7.63
C LEU C 294 -15.33 -3.84 -9.08
N PRO C 295 -14.56 -4.78 -9.69
CA PRO C 295 -14.31 -4.65 -11.15
C PRO C 295 -15.58 -4.69 -11.98
N GLU C 296 -15.59 -4.02 -13.13
CA GLU C 296 -16.81 -3.78 -13.93
C GLU C 296 -17.64 -5.04 -14.19
N ASN C 297 -16.98 -6.08 -14.68
CA ASN C 297 -17.71 -7.28 -15.08
C ASN C 297 -17.47 -8.42 -14.11
N TYR C 298 -17.60 -8.12 -12.82
CA TYR C 298 -17.32 -9.14 -11.80
C TYR C 298 -18.21 -10.37 -11.94
N LYS C 299 -19.43 -10.13 -12.43
CA LYS C 299 -20.46 -11.18 -12.53
C LYS C 299 -20.05 -12.27 -13.49
N ASP C 300 -19.29 -11.90 -14.52
CA ASP C 300 -18.66 -12.86 -15.42
C ASP C 300 -17.91 -13.98 -14.78
N ASP C 301 -17.41 -13.81 -13.57
CA ASP C 301 -16.57 -14.87 -12.88
C ASP C 301 -17.32 -15.70 -11.85
N MET C 302 -18.56 -15.28 -11.52
CA MET C 302 -19.35 -15.91 -10.50
C MET C 302 -19.74 -17.38 -10.80
N SER C 303 -19.93 -17.78 -12.03
CA SER C 303 -20.09 -19.19 -12.31
C SER C 303 -18.89 -20.07 -11.88
N GLU C 304 -17.67 -19.68 -12.23
CA GLU C 304 -16.47 -20.40 -11.78
C GLU C 304 -16.39 -20.38 -10.23
N ILE C 305 -16.65 -19.24 -9.62
CA ILE C 305 -16.55 -19.12 -8.14
C ILE C 305 -17.50 -20.08 -7.39
N GLN C 306 -18.62 -20.44 -8.04
CA GLN C 306 -19.53 -21.44 -7.50
C GLN C 306 -19.01 -22.87 -7.47
N GLU C 307 -17.71 -23.09 -7.71
CA GLU C 307 -17.09 -24.45 -7.60
C GLU C 307 -17.34 -25.12 -6.19
N LYS C 308 -17.77 -26.38 -6.19
CA LYS C 308 -18.20 -27.08 -4.94
C LYS C 308 -17.06 -27.31 -3.93
N ILE C 309 -17.34 -26.94 -2.68
CA ILE C 309 -16.41 -27.16 -1.55
C ILE C 309 -17.01 -28.22 -0.63
N ASP C 310 -16.15 -28.90 0.14
CA ASP C 310 -16.59 -29.97 1.06
C ASP C 310 -16.80 -29.52 2.49
N PHE C 311 -16.23 -28.39 2.89
CA PHE C 311 -16.47 -27.85 4.21
C PHE C 311 -16.12 -26.36 4.28
N VAL C 312 -16.68 -25.70 5.29
CA VAL C 312 -16.44 -24.32 5.69
C VAL C 312 -15.77 -24.36 7.08
N GLY C 313 -14.66 -23.65 7.20
CA GLY C 313 -13.89 -23.54 8.42
C GLY C 313 -14.24 -22.20 8.97
N LEU C 314 -14.78 -22.15 10.18
CA LEU C 314 -15.09 -20.87 10.78
C LEU C 314 -14.11 -20.59 11.92
N ASN C 315 -13.61 -19.36 11.97
CA ASN C 315 -12.74 -18.89 13.03
C ASN C 315 -13.56 -17.93 13.85
N TYR C 316 -13.50 -18.04 15.18
CA TYR C 316 -14.23 -17.08 16.05
C TYR C 316 -13.41 -16.71 17.27
N TYR C 317 -13.47 -15.45 17.67
CA TYR C 317 -12.81 -15.05 18.91
C TYR C 317 -13.61 -14.18 19.85
N SER C 318 -14.49 -13.38 19.29
CA SER C 318 -14.96 -12.25 20.00
C SER C 318 -16.27 -11.76 19.45
N GLY C 319 -16.87 -10.85 20.23
CA GLY C 319 -18.12 -10.20 19.93
C GLY C 319 -17.98 -8.70 20.03
N HIS C 320 -18.93 -8.02 19.37
CA HIS C 320 -18.90 -6.59 19.16
C HIS C 320 -20.31 -6.00 19.23
N LEU C 321 -20.43 -4.79 19.72
CA LEU C 321 -21.69 -4.11 19.82
C LEU C 321 -21.60 -3.00 18.79
N VAL C 322 -22.59 -2.92 17.91
CA VAL C 322 -22.51 -1.99 16.79
C VAL C 322 -23.74 -1.11 16.74
N LYS C 323 -23.51 0.11 16.26
CA LYS C 323 -24.48 1.18 16.13
C LYS C 323 -24.35 1.72 14.72
N PHE C 324 -25.47 2.17 14.15
CA PHE C 324 -25.48 3.09 13.03
C PHE C 324 -24.83 4.42 13.47
N ASP C 325 -23.98 4.97 12.60
CA ASP C 325 -23.23 6.22 12.87
C ASP C 325 -22.80 6.80 11.54
N PRO C 326 -23.38 7.96 11.12
CA PRO C 326 -23.22 8.45 9.73
C PRO C 326 -21.95 9.26 9.44
N ASP C 327 -21.08 9.44 10.42
CA ASP C 327 -19.82 10.14 10.24
C ASP C 327 -18.73 9.09 10.02
N ALA C 328 -19.10 7.83 10.25
CA ALA C 328 -18.20 6.69 10.06
C ALA C 328 -18.13 6.25 8.60
N PRO C 329 -16.96 5.68 8.22
CA PRO C 329 -16.55 5.35 6.86
C PRO C 329 -17.46 4.37 6.12
N ALA C 330 -18.19 3.54 6.88
CA ALA C 330 -19.20 2.64 6.30
C ALA C 330 -20.59 2.73 6.96
N LYS C 331 -20.84 3.79 7.72
CA LYS C 331 -22.10 3.97 8.48
C LYS C 331 -22.23 3.14 9.78
N VAL C 332 -21.17 2.50 10.25
CA VAL C 332 -21.19 1.62 11.44
C VAL C 332 -20.03 1.88 12.43
N SER C 333 -20.30 1.92 13.74
CA SER C 333 -19.23 1.99 14.76
C SER C 333 -19.37 1.00 15.90
N PHE C 334 -18.24 0.59 16.46
CA PHE C 334 -18.27 -0.16 17.68
C PHE C 334 -18.60 0.74 18.87
N VAL C 335 -19.33 0.16 19.80
CA VAL C 335 -19.62 0.71 21.12
C VAL C 335 -18.89 -0.23 22.02
N GLU C 336 -17.91 0.27 22.75
CA GLU C 336 -17.20 -0.56 23.74
C GLU C 336 -18.19 -0.96 24.85
N ARG C 337 -18.01 -2.18 25.38
CA ARG C 337 -18.88 -2.69 26.45
C ARG C 337 -18.03 -3.01 27.68
N ASP C 338 -18.59 -2.75 28.85
CA ASP C 338 -17.99 -3.21 30.09
C ASP C 338 -18.33 -4.69 30.32
N LEU C 339 -17.56 -5.52 29.64
CA LEU C 339 -17.59 -6.97 29.82
C LEU C 339 -16.13 -7.40 29.84
N PRO C 340 -15.83 -8.65 30.23
CA PRO C 340 -14.43 -9.08 30.30
C PRO C 340 -13.68 -9.14 28.94
N LYS C 341 -12.41 -8.72 28.97
CA LYS C 341 -11.56 -8.55 27.76
C LYS C 341 -10.27 -9.42 27.83
N THR C 342 -9.74 -9.78 26.66
CA THR C 342 -8.46 -10.48 26.55
C THR C 342 -7.33 -9.42 26.56
N ALA C 343 -6.08 -9.85 26.52
CA ALA C 343 -4.96 -8.88 26.22
C ALA C 343 -5.19 -8.02 24.91
N MET C 344 -5.91 -8.58 23.95
CA MET C 344 -6.21 -7.86 22.68
C MET C 344 -7.17 -6.67 22.84
N GLY C 345 -7.88 -6.61 23.97
CA GLY C 345 -9.10 -5.76 24.12
C GLY C 345 -10.38 -6.43 23.58
N TRP C 346 -10.31 -7.72 23.27
CA TRP C 346 -11.47 -8.42 22.70
C TRP C 346 -12.37 -8.97 23.77
N GLU C 347 -13.66 -8.72 23.60
CA GLU C 347 -14.67 -9.17 24.56
C GLU C 347 -14.94 -10.66 24.39
N ILE C 348 -15.14 -11.31 25.53
CA ILE C 348 -15.34 -12.74 25.56
C ILE C 348 -16.82 -13.01 25.58
N VAL C 349 -17.39 -13.28 24.40
CA VAL C 349 -18.81 -13.60 24.23
C VAL C 349 -18.89 -15.01 23.67
N PRO C 350 -18.98 -16.00 24.56
CA PRO C 350 -19.02 -17.36 24.03
C PRO C 350 -20.33 -17.76 23.33
N GLU C 351 -21.43 -17.07 23.57
CA GLU C 351 -22.68 -17.35 22.84
C GLU C 351 -22.55 -17.06 21.30
N GLY C 352 -21.60 -16.19 20.95
CA GLY C 352 -21.28 -15.89 19.59
C GLY C 352 -20.83 -17.05 18.73
N ILE C 353 -20.16 -18.07 19.28
CA ILE C 353 -19.68 -19.21 18.50
C ILE C 353 -20.80 -20.19 18.14
N TYR C 354 -21.86 -20.17 18.97
CA TYR C 354 -23.10 -20.94 18.75
C TYR C 354 -23.94 -20.27 17.65
N TRP C 355 -24.19 -18.97 17.86
CA TRP C 355 -24.87 -18.11 16.86
C TRP C 355 -24.30 -18.31 15.43
N ILE C 356 -23.01 -18.02 15.27
CA ILE C 356 -22.34 -18.12 13.99
C ILE C 356 -22.53 -19.49 13.33
N LEU C 357 -22.49 -20.56 14.13
CA LEU C 357 -22.62 -21.94 13.61
C LEU C 357 -24.06 -22.30 13.21
N LYS C 358 -25.03 -21.88 14.02
N LYS C 358 -25.01 -21.88 14.05
CA LYS C 358 -26.45 -22.03 13.67
CA LYS C 358 -26.44 -21.91 13.77
C LYS C 358 -26.76 -21.21 12.42
C LYS C 358 -26.74 -21.21 12.45
N LYS C 359 -26.16 -20.02 12.31
CA LYS C 359 -26.49 -19.11 11.23
C LYS C 359 -25.92 -19.51 9.88
N VAL C 360 -24.78 -20.20 9.85
CA VAL C 360 -24.23 -20.62 8.57
C VAL C 360 -25.04 -21.82 8.03
N LYS C 361 -25.49 -22.67 8.96
CA LYS C 361 -26.34 -23.81 8.62
C LYS C 361 -27.70 -23.33 8.04
N GLU C 362 -28.27 -22.24 8.58
CA GLU C 362 -29.56 -21.71 8.11
C GLU C 362 -29.45 -20.81 6.81
N GLU C 363 -28.27 -20.25 6.53
CA GLU C 363 -28.11 -19.37 5.38
C GLU C 363 -27.58 -20.21 4.17
N TYR C 364 -26.68 -21.14 4.42
CA TYR C 364 -25.91 -21.79 3.33
C TYR C 364 -25.77 -23.28 3.47
N ASN C 365 -25.93 -23.76 4.71
CA ASN C 365 -26.06 -25.15 4.99
C ASN C 365 -24.95 -25.92 4.35
N PRO C 366 -23.69 -25.56 4.69
CA PRO C 366 -22.62 -26.39 4.13
C PRO C 366 -22.79 -27.82 4.62
N PRO C 367 -22.33 -28.82 3.85
CA PRO C 367 -22.34 -30.22 4.32
C PRO C 367 -21.47 -30.56 5.57
N GLU C 368 -20.49 -29.71 5.89
CA GLU C 368 -19.62 -29.91 7.05
C GLU C 368 -19.12 -28.57 7.46
N VAL C 369 -19.01 -28.35 8.77
CA VAL C 369 -18.32 -27.17 9.34
C VAL C 369 -17.18 -27.62 10.27
N TYR C 370 -16.17 -26.79 10.38
CA TYR C 370 -15.08 -26.92 11.37
C TYR C 370 -14.87 -25.57 12.03
N ILE C 371 -14.72 -25.52 13.34
CA ILE C 371 -14.20 -24.32 14.00
C ILE C 371 -12.70 -24.49 13.83
N THR C 372 -12.16 -23.81 12.82
CA THR C 372 -10.76 -23.98 12.41
C THR C 372 -9.79 -23.12 13.27
N GLU C 373 -10.37 -22.14 13.99
CA GLU C 373 -9.67 -21.40 15.04
C GLU C 373 -10.61 -20.91 16.14
N ASN C 374 -10.16 -21.12 17.39
CA ASN C 374 -10.77 -20.54 18.63
C ASN C 374 -9.66 -20.47 19.67
N GLY C 375 -9.64 -19.39 20.44
CA GLY C 375 -8.47 -19.10 21.30
C GLY C 375 -8.47 -17.73 21.96
N ALA C 376 -7.48 -17.49 22.83
CA ALA C 376 -7.43 -16.21 23.57
C ALA C 376 -6.06 -15.79 24.02
N ALA C 377 -5.96 -14.48 24.22
CA ALA C 377 -4.69 -13.83 24.52
C ALA C 377 -4.75 -13.40 25.97
N PHE C 378 -3.82 -13.91 26.78
CA PHE C 378 -3.76 -13.52 28.19
C PHE C 378 -2.36 -13.18 28.67
N ASP C 379 -2.31 -12.39 29.72
CA ASP C 379 -1.09 -11.70 30.14
C ASP C 379 -0.23 -12.66 30.90
N ASP C 380 -0.05 -13.83 30.31
CA ASP C 380 0.66 -14.94 30.89
C ASP C 380 1.86 -14.46 31.71
C GLY C 386 6.51 -23.67 35.05
N ARG C 387 5.31 -23.28 35.50
CA ARG C 387 4.06 -23.89 35.02
C ARG C 387 3.07 -22.78 34.63
N VAL C 388 2.33 -22.97 33.55
CA VAL C 388 1.50 -21.87 33.03
C VAL C 388 0.18 -21.91 33.76
N HIS C 389 -0.05 -20.95 34.65
CA HIS C 389 -1.24 -20.94 35.51
C HIS C 389 -2.41 -20.39 34.73
N ASP C 390 -2.66 -20.99 33.57
CA ASP C 390 -3.49 -20.41 32.51
C ASP C 390 -4.91 -20.97 32.54
N GLN C 391 -5.64 -20.63 33.61
CA GLN C 391 -7.05 -21.03 33.80
C GLN C 391 -8.02 -19.94 33.33
N ASN C 392 -7.55 -18.70 33.27
CA ASN C 392 -8.18 -17.64 32.42
C ASN C 392 -8.35 -18.13 30.93
N ARG C 393 -7.33 -18.80 30.38
CA ARG C 393 -7.43 -19.40 29.03
C ARG C 393 -8.32 -20.62 29.04
N ASP C 395 -10.61 -21.40 31.09
CA ASP C 395 -12.04 -21.12 31.16
C ASP C 395 -12.56 -20.75 29.77
N TYR C 396 -11.93 -19.72 29.18
CA TYR C 396 -12.33 -19.20 27.89
C TYR C 396 -12.64 -20.37 26.93
N LEU C 397 -11.62 -21.19 26.66
CA LEU C 397 -11.87 -22.34 25.83
C LEU C 397 -13.18 -23.04 26.27
N LYS C 398 -13.22 -23.47 27.54
CA LYS C 398 -14.29 -24.33 28.08
C LYS C 398 -15.69 -23.82 27.75
N ALA C 399 -15.93 -22.52 27.95
CA ALA C 399 -17.23 -21.93 27.61
C ALA C 399 -17.60 -22.02 26.08
N HIS C 400 -16.64 -21.70 25.19
CA HIS C 400 -16.86 -21.79 23.74
C HIS C 400 -17.13 -23.23 23.29
N ILE C 401 -16.31 -24.17 23.78
CA ILE C 401 -16.51 -25.61 23.54
C ILE C 401 -17.91 -26.10 23.96
N GLY C 402 -18.47 -25.54 25.03
CA GLY C 402 -19.85 -25.84 25.41
C GLY C 402 -20.89 -25.31 24.43
N GLN C 403 -20.69 -24.07 23.96
CA GLN C 403 -21.55 -23.45 22.98
C GLN C 403 -21.44 -24.06 21.57
N ALA C 404 -20.31 -24.67 21.26
CA ALA C 404 -20.19 -25.45 20.05
C ALA C 404 -20.98 -26.74 20.23
N TRP C 405 -20.82 -27.37 21.40
CA TRP C 405 -21.61 -28.56 21.77
C TRP C 405 -23.11 -28.29 21.65
N LYS C 406 -23.55 -27.17 22.19
CA LYS C 406 -24.97 -26.82 22.12
C LYS C 406 -25.49 -26.83 20.66
N ALA C 407 -24.69 -26.25 19.76
CA ALA C 407 -25.01 -26.21 18.33
C ALA C 407 -24.97 -27.59 17.67
N ILE C 408 -24.06 -28.48 18.09
CA ILE C 408 -24.10 -29.88 17.58
C ILE C 408 -25.43 -30.55 17.94
N GLN C 409 -25.93 -30.29 19.13
CA GLN C 409 -27.18 -30.88 19.57
C GLN C 409 -28.37 -30.39 18.72
N GLU C 410 -28.32 -29.14 18.26
CA GLU C 410 -29.42 -28.52 17.49
C GLU C 410 -29.31 -28.60 15.94
N GLY C 411 -28.51 -29.55 15.39
CA GLY C 411 -28.44 -29.79 13.93
C GLY C 411 -27.12 -29.63 13.18
N VAL C 412 -26.27 -28.71 13.64
CA VAL C 412 -25.15 -28.21 12.84
C VAL C 412 -24.06 -29.28 12.65
N PRO C 413 -23.69 -29.61 11.41
CA PRO C 413 -22.80 -30.70 11.11
C PRO C 413 -21.32 -30.37 11.32
N LEU C 414 -20.96 -30.15 12.60
CA LEU C 414 -19.63 -29.69 13.03
C LEU C 414 -18.79 -30.89 13.34
N LYS C 415 -17.72 -31.07 12.59
CA LYS C 415 -16.92 -32.28 12.63
C LYS C 415 -15.65 -32.09 13.41
N GLY C 416 -15.39 -30.87 13.88
CA GLY C 416 -14.15 -30.59 14.54
C GLY C 416 -14.02 -29.19 15.08
N TYR C 417 -13.07 -29.06 16.01
CA TYR C 417 -12.72 -27.82 16.67
C TYR C 417 -11.20 -27.80 16.88
N PHE C 418 -10.57 -26.65 16.52
CA PHE C 418 -9.11 -26.42 16.54
C PHE C 418 -8.78 -25.25 17.45
N VAL C 419 -7.77 -25.47 18.30
CA VAL C 419 -7.33 -24.45 19.24
C VAL C 419 -6.30 -23.56 18.53
N TRP C 420 -6.46 -22.25 18.68
CA TRP C 420 -5.43 -21.26 18.28
C TRP C 420 -4.75 -20.77 19.58
N SER C 421 -3.51 -21.14 19.89
CA SER C 421 -2.58 -21.93 19.05
C SER C 421 -1.82 -22.91 19.90
N LEU C 422 -1.17 -23.85 19.23
CA LEU C 422 -0.19 -24.73 19.88
C LEU C 422 0.77 -23.94 20.79
N LEU C 423 1.59 -23.09 20.18
CA LEU C 423 2.62 -22.27 20.87
C LEU C 423 2.23 -20.78 20.85
N ASP C 424 2.73 -20.03 21.86
CA ASP C 424 2.87 -18.58 21.74
C ASP C 424 3.77 -18.32 20.50
N ASN C 425 3.54 -17.19 19.82
CA ASN C 425 4.11 -16.96 18.46
C ASN C 425 4.11 -15.45 18.02
N PHE C 426 4.54 -15.19 16.79
CA PHE C 426 4.44 -13.88 16.13
C PHE C 426 2.97 -13.46 15.76
N GLU C 427 2.33 -12.66 16.62
CA GLU C 427 0.98 -12.12 16.42
C GLU C 427 0.86 -10.91 15.43
N TRP C 428 1.44 -11.06 14.25
CA TRP C 428 1.27 -10.09 13.16
C TRP C 428 1.69 -8.75 13.66
N ALA C 429 0.83 -7.74 13.58
CA ALA C 429 1.26 -6.39 13.94
C ALA C 429 1.41 -6.15 15.45
N GLU C 430 0.98 -7.10 16.28
CA GLU C 430 1.23 -6.99 17.72
C GLU C 430 2.58 -7.59 18.14
N GLY C 431 3.33 -8.14 17.17
CA GLY C 431 4.60 -8.81 17.42
C GLY C 431 4.39 -9.86 18.48
N TYR C 432 5.44 -10.11 19.26
CA TYR C 432 5.45 -11.18 20.28
C TYR C 432 4.72 -10.89 21.56
N SER C 433 4.38 -9.63 21.82
CA SER C 433 3.70 -9.23 23.06
C SER C 433 2.40 -10.01 23.39
N LYS C 434 1.66 -10.45 22.37
CA LYS C 434 0.42 -11.19 22.54
C LYS C 434 0.62 -12.68 22.49
N ARG C 435 0.06 -13.38 23.48
CA ARG C 435 0.24 -14.82 23.62
C ARG C 435 -1.11 -15.56 23.50
N PHE C 436 -1.21 -16.51 22.56
CA PHE C 436 -2.43 -17.33 22.26
C PHE C 436 -2.28 -18.83 22.48
N GLY C 437 -1.03 -19.26 22.64
CA GLY C 437 -0.70 -20.62 23.02
C GLY C 437 -1.41 -21.21 24.25
N ILE C 438 -1.61 -22.50 24.16
CA ILE C 438 -1.81 -23.35 25.31
C ILE C 438 -0.40 -23.63 25.86
N VAL C 439 0.56 -23.83 24.95
CA VAL C 439 1.97 -23.99 25.30
C VAL C 439 2.58 -22.59 25.39
N TYR C 440 3.13 -22.25 26.56
CA TYR C 440 3.92 -21.01 26.74
C TYR C 440 5.29 -21.14 26.09
N VAL C 441 5.78 -20.07 25.45
CA VAL C 441 7.12 -20.05 24.84
C VAL C 441 7.95 -18.90 25.38
N ASP C 442 8.90 -19.23 26.25
CA ASP C 442 9.91 -18.27 26.73
C ASP C 442 10.90 -18.13 25.60
N TYR C 443 10.95 -16.94 25.01
CA TYR C 443 11.79 -16.73 23.83
C TYR C 443 13.29 -16.83 24.23
N SER C 444 13.74 -18.06 24.42
CA SER C 444 15.09 -18.40 24.87
C SER C 444 15.21 -19.89 25.20
N VAL C 450 4.32 -26.16 28.29
CA VAL C 450 2.94 -26.64 28.33
C VAL C 450 2.23 -26.01 29.56
N LYS C 451 1.34 -25.05 29.30
CA LYS C 451 0.59 -24.38 30.35
C LYS C 451 -0.60 -25.25 30.75
N ASP C 452 -1.37 -24.76 31.71
CA ASP C 452 -2.49 -25.54 32.23
C ASP C 452 -3.68 -25.45 31.31
N SER C 453 -3.67 -24.43 30.45
CA SER C 453 -4.47 -24.42 29.22
C SER C 453 -4.32 -25.74 28.45
N GLY C 454 -3.07 -26.22 28.35
CA GLY C 454 -2.69 -27.37 27.52
C GLY C 454 -2.97 -28.75 28.05
N TYR C 455 -2.67 -28.99 29.34
CA TYR C 455 -3.03 -30.28 30.01
C TYR C 455 -4.54 -30.42 30.19
N TRP C 456 -5.22 -29.31 30.55
CA TRP C 456 -6.69 -29.25 30.57
C TRP C 456 -7.32 -29.70 29.24
N TYR C 457 -6.84 -29.12 28.14
CA TYR C 457 -7.32 -29.47 26.78
C TYR C 457 -6.92 -30.90 26.42
N SER C 458 -5.77 -31.39 26.91
CA SER C 458 -5.38 -32.82 26.77
C SER C 458 -6.49 -33.80 27.24
N ASN C 459 -7.18 -33.43 28.33
CA ASN C 459 -8.25 -34.25 28.92
C ASN C 459 -9.55 -34.19 28.12
N VAL C 460 -9.96 -32.99 27.69
CA VAL C 460 -11.11 -32.80 26.78
C VAL C 460 -11.07 -33.76 25.59
N VAL C 461 -9.87 -33.95 25.03
CA VAL C 461 -9.70 -34.87 23.92
C VAL C 461 -9.86 -36.30 24.37
N LYS C 462 -9.04 -36.71 25.35
CA LYS C 462 -9.12 -38.05 25.93
C LYS C 462 -10.56 -38.43 26.26
N ASN C 463 -11.26 -37.52 26.94
CA ASN C 463 -12.67 -37.71 27.28
C ASN C 463 -13.66 -37.39 26.14
N ASN C 464 -13.19 -36.75 25.07
CA ASN C 464 -14.02 -36.34 23.89
C ASN C 464 -15.23 -35.50 24.29
N GLY C 465 -14.99 -34.52 25.15
CA GLY C 465 -16.04 -33.60 25.58
C GLY C 465 -15.64 -32.88 26.85
N LEU C 466 -16.61 -32.23 27.47
CA LEU C 466 -16.45 -31.74 28.83
C LEU C 466 -16.97 -32.85 29.79
N GLU C 467 -16.09 -33.33 30.68
CA GLU C 467 -16.45 -34.41 31.61
C GLU C 467 -17.42 -33.92 32.67
N VAL D 25 -1.45 18.04 12.80
CA VAL D 25 -2.17 18.70 13.92
C VAL D 25 -2.80 17.64 14.82
N LYS D 26 -3.02 18.00 16.08
CA LYS D 26 -3.56 17.06 17.09
C LYS D 26 -4.58 17.78 17.98
N LYS D 27 -5.83 17.82 17.55
CA LYS D 27 -6.93 18.51 18.27
C LYS D 27 -7.48 17.61 19.39
N PHE D 28 -7.89 18.24 20.50
CA PHE D 28 -8.45 17.56 21.67
C PHE D 28 -9.99 17.66 21.65
N PRO D 29 -10.70 16.83 22.47
CA PRO D 29 -12.17 16.95 22.49
C PRO D 29 -12.65 18.28 23.09
N GLU D 30 -13.92 18.64 22.83
CA GLU D 30 -14.47 19.93 23.31
C GLU D 30 -14.62 19.81 24.82
N GLY D 31 -14.38 20.90 25.56
CA GLY D 31 -14.41 20.88 27.03
C GLY D 31 -13.19 20.31 27.77
N PHE D 32 -12.22 19.73 27.03
CA PHE D 32 -10.94 19.27 27.58
C PHE D 32 -10.28 20.36 28.44
N LEU D 33 -9.79 19.96 29.61
CA LEU D 33 -9.37 20.95 30.61
C LEU D 33 -7.85 21.05 30.64
N TRP D 34 -7.34 22.26 30.39
CA TRP D 34 -5.91 22.55 30.38
C TRP D 34 -5.62 23.28 31.67
N GLY D 35 -4.52 22.89 32.34
CA GLY D 35 -4.25 23.38 33.68
C GLY D 35 -2.79 23.58 34.01
N VAL D 36 -2.58 24.29 35.11
CA VAL D 36 -1.27 24.44 35.75
C VAL D 36 -1.42 24.06 37.24
N ALA D 37 -0.35 23.56 37.84
CA ALA D 37 -0.40 23.01 39.21
C ALA D 37 0.67 23.58 40.15
N THR D 38 0.27 23.93 41.39
CA THR D 38 1.23 24.18 42.50
C THR D 38 0.95 23.36 43.79
N ALA D 39 1.94 23.40 44.70
CA ALA D 39 1.91 22.85 46.07
C ALA D 39 2.22 23.96 47.11
N SER D 40 1.38 24.06 48.13
CA SER D 40 1.41 25.16 49.10
C SER D 40 2.79 25.51 49.70
N TYR D 41 3.53 24.52 50.20
CA TYR D 41 4.86 24.75 50.77
C TYR D 41 5.90 25.10 49.74
N GLN D 42 5.72 24.65 48.50
CA GLN D 42 6.68 24.89 47.45
C GLN D 42 6.70 26.39 47.08
N ILE D 43 5.56 27.05 47.16
CA ILE D 43 5.42 28.39 46.63
C ILE D 43 5.13 29.46 47.66
N GLU D 44 4.35 29.16 48.70
CA GLU D 44 3.81 30.20 49.56
C GLU D 44 4.87 31.02 50.31
N GLY D 45 5.68 30.34 51.12
CA GLY D 45 6.42 31.01 52.20
C GLY D 45 5.53 31.51 53.33
N SER D 46 6.12 32.25 54.25
CA SER D 46 5.44 32.70 55.48
C SER D 46 4.71 31.49 56.12
N PRO D 47 5.47 30.42 56.43
CA PRO D 47 4.87 29.19 56.98
C PRO D 47 4.16 29.41 58.35
N LEU D 48 4.66 30.41 59.10
CA LEU D 48 4.15 30.75 60.42
C LEU D 48 3.29 32.02 60.53
N ALA D 49 3.09 32.74 59.43
CA ALA D 49 2.24 33.93 59.43
C ALA D 49 0.81 33.64 59.92
N ASP D 50 0.20 34.70 60.45
CA ASP D 50 -1.26 34.78 60.75
C ASP D 50 -1.86 33.56 61.47
N GLY D 51 -1.11 33.06 62.44
CA GLY D 51 -1.61 32.02 63.36
C GLY D 51 -1.44 30.57 62.88
N ALA D 52 -0.69 30.36 61.81
CA ALA D 52 -0.48 29.01 61.27
C ALA D 52 0.36 28.13 62.22
N GLY D 53 0.06 26.83 62.22
CA GLY D 53 0.84 25.85 62.99
C GLY D 53 2.00 25.48 62.15
N MET D 54 3.06 24.94 62.76
CA MET D 54 4.20 24.43 62.00
C MET D 54 3.76 23.16 61.24
N SER D 55 4.30 23.00 60.03
CA SER D 55 4.16 21.75 59.27
C SER D 55 5.41 20.94 59.48
N ILE D 56 5.36 19.66 59.14
CA ILE D 56 6.60 18.85 59.15
C ILE D 56 7.66 19.25 58.14
N TRP D 57 7.31 19.92 57.05
CA TRP D 57 8.29 20.40 56.10
C TRP D 57 9.04 21.61 56.68
N HIS D 58 8.35 22.34 57.56
CA HIS D 58 9.04 23.42 58.29
C HIS D 58 10.23 22.85 59.09
N THR D 59 9.93 21.81 59.90
CA THR D 59 10.86 21.30 60.92
C THR D 59 11.96 20.52 60.21
N PHE D 60 11.53 19.76 59.20
CA PHE D 60 12.41 18.91 58.41
C PHE D 60 13.39 19.78 57.62
N SER D 61 12.90 20.87 57.02
CA SER D 61 13.77 21.76 56.23
C SER D 61 14.65 22.56 57.19
N HIS D 62 14.13 22.91 58.36
CA HIS D 62 15.01 23.57 59.35
C HIS D 62 16.05 22.67 60.06
N THR D 63 16.02 21.36 59.82
CA THR D 63 17.03 20.46 60.35
C THR D 63 18.23 20.49 59.38
N PRO D 64 19.42 20.81 59.88
CA PRO D 64 20.55 20.83 58.93
C PRO D 64 20.85 19.43 58.42
N GLY D 65 21.30 19.32 57.18
CA GLY D 65 21.56 18.05 56.52
C GLY D 65 20.48 17.54 55.58
N ASN D 66 19.24 17.98 55.78
CA ASN D 66 18.09 17.34 55.10
C ASN D 66 17.80 17.93 53.69
N VAL D 67 18.04 19.23 53.52
CA VAL D 67 17.75 19.93 52.26
C VAL D 67 19.04 20.58 51.72
N LYS D 68 19.22 20.51 50.38
CA LYS D 68 20.46 21.01 49.71
C LYS D 68 20.56 22.54 49.83
N ASN D 69 21.78 23.07 50.00
CA ASN D 69 22.08 24.53 50.33
C ASN D 69 21.41 25.06 51.59
N GLY D 70 21.06 24.19 52.53
CA GLY D 70 20.26 24.66 53.69
C GLY D 70 18.89 25.24 53.35
N ASP D 71 18.40 24.97 52.15
CA ASP D 71 17.20 25.58 51.65
C ASP D 71 16.00 25.20 52.49
N THR D 72 15.05 26.10 52.58
CA THR D 72 13.87 25.88 53.34
C THR D 72 12.73 26.60 52.62
N GLY D 73 11.52 26.53 53.17
CA GLY D 73 10.36 27.13 52.54
C GLY D 73 9.91 28.41 53.20
N ASP D 74 10.83 29.08 53.90
CA ASP D 74 10.50 30.30 54.66
C ASP D 74 10.09 31.41 53.72
N VAL D 75 10.79 31.50 52.60
CA VAL D 75 10.52 32.53 51.58
C VAL D 75 9.81 31.92 50.35
N ALA D 76 10.51 31.01 49.69
CA ALA D 76 10.10 30.39 48.42
C ALA D 76 9.78 31.43 47.31
N CYS D 77 8.54 31.39 46.77
CA CYS D 77 8.07 32.26 45.68
C CYS D 77 7.26 33.43 46.25
N ASP D 78 7.29 33.57 47.57
CA ASP D 78 6.43 34.49 48.28
C ASP D 78 5.08 34.62 47.58
N HIS D 79 4.45 33.47 47.27
CA HIS D 79 3.08 33.41 46.71
C HIS D 79 2.10 33.87 47.76
N TYR D 80 2.46 33.71 49.04
CA TYR D 80 1.60 34.14 50.16
C TYR D 80 1.29 35.66 50.15
N ASN D 81 2.22 36.45 49.60
CA ASN D 81 1.98 37.88 49.37
C ASN D 81 1.57 38.21 47.94
N ARG D 82 2.20 37.56 46.96
CA ARG D 82 2.03 37.88 45.55
C ARG D 82 1.06 36.95 44.83
N TRP D 83 -0.08 36.68 45.46
CA TRP D 83 -1.08 35.75 44.89
C TRP D 83 -1.92 36.32 43.73
N LYS D 84 -2.15 37.64 43.75
CA LYS D 84 -2.85 38.33 42.66
C LYS D 84 -2.03 38.26 41.38
N GLU D 85 -0.78 38.71 41.45
CA GLU D 85 0.15 38.60 40.31
C GLU D 85 0.24 37.19 39.75
N ASP D 86 0.33 36.20 40.64
CA ASP D 86 0.56 34.82 40.24
C ASP D 86 -0.66 34.26 39.51
N ILE D 87 -1.86 34.50 40.03
CA ILE D 87 -3.11 34.19 39.30
C ILE D 87 -3.18 34.98 37.97
N GLU D 88 -2.84 36.27 38.01
CA GLU D 88 -2.80 37.13 36.82
C GLU D 88 -1.91 36.58 35.70
N ILE D 89 -0.73 36.05 36.02
CA ILE D 89 0.06 35.29 35.04
C ILE D 89 -0.75 34.16 34.37
N ILE D 90 -1.65 33.52 35.13
CA ILE D 90 -2.50 32.43 34.62
C ILE D 90 -3.58 32.99 33.68
N GLU D 91 -4.27 34.06 34.11
CA GLU D 91 -5.39 34.66 33.35
C GLU D 91 -4.94 35.13 31.96
N LYS D 92 -3.88 35.94 31.96
CA LYS D 92 -3.26 36.43 30.74
C LYS D 92 -2.84 35.26 29.81
N LEU D 93 -2.35 34.16 30.39
CA LEU D 93 -1.97 33.00 29.56
C LEU D 93 -3.14 32.24 28.90
N GLY D 94 -4.37 32.40 29.41
CA GLY D 94 -5.54 31.74 28.83
C GLY D 94 -5.87 30.42 29.51
N VAL D 95 -5.07 30.06 30.51
CA VAL D 95 -5.17 28.76 31.20
C VAL D 95 -6.43 28.61 32.03
N LYS D 96 -7.17 27.53 31.80
CA LYS D 96 -8.54 27.42 32.30
C LYS D 96 -8.64 26.84 33.72
N ALA D 97 -7.57 26.17 34.16
CA ALA D 97 -7.54 25.45 35.42
C ALA D 97 -6.26 25.68 36.25
N TYR D 98 -6.47 26.00 37.54
CA TYR D 98 -5.41 26.07 38.55
C TYR D 98 -5.58 24.99 39.63
N ARG D 99 -4.65 24.04 39.63
CA ARG D 99 -4.51 23.03 40.68
C ARG D 99 -3.56 23.53 41.78
N PHE D 100 -4.10 23.81 42.96
CA PHE D 100 -3.32 24.24 44.09
C PHE D 100 -3.74 23.45 45.36
N SER D 101 -2.93 23.58 46.41
CA SER D 101 -3.13 22.87 47.69
C SER D 101 -3.32 23.82 48.85
N ILE D 102 -3.88 23.23 49.91
CA ILE D 102 -4.18 23.95 51.13
C ILE D 102 -3.26 23.39 52.20
N SER D 103 -2.51 24.26 52.85
CA SER D 103 -1.74 23.91 54.03
C SER D 103 -2.74 23.63 55.17
N TRP D 104 -2.70 22.38 55.64
CA TRP D 104 -3.44 21.88 56.80
C TRP D 104 -3.18 22.74 58.05
N PRO D 105 -1.92 23.00 58.40
CA PRO D 105 -1.74 23.77 59.63
C PRO D 105 -2.00 25.32 59.57
N ARG D 106 -2.16 25.90 58.37
CA ARG D 106 -2.73 27.26 58.28
C ARG D 106 -4.17 27.21 58.72
N ILE D 107 -4.83 26.09 58.39
CA ILE D 107 -6.27 25.93 58.58
C ILE D 107 -6.61 25.45 59.96
N LEU D 108 -5.85 24.49 60.48
CA LEU D 108 -6.10 23.88 61.77
C LEU D 108 -4.72 23.75 62.33
N PRO D 109 -4.22 24.83 62.98
CA PRO D 109 -2.83 24.93 63.44
C PRO D 109 -2.32 23.80 64.29
N GLU D 110 -3.19 23.27 65.15
CA GLU D 110 -2.88 22.13 66.02
C GLU D 110 -3.33 20.78 65.42
N GLY D 111 -3.62 20.70 64.11
CA GLY D 111 -4.10 19.44 63.50
C GLY D 111 -5.59 19.10 63.55
N THR D 112 -6.18 19.26 64.74
CA THR D 112 -7.58 19.01 65.04
C THR D 112 -8.07 20.18 65.90
N GLY D 113 -9.38 20.39 66.00
CA GLY D 113 -9.95 21.36 66.96
C GLY D 113 -10.19 22.77 66.40
N ARG D 114 -9.55 23.77 66.99
CA ARG D 114 -9.77 25.17 66.62
C ARG D 114 -9.38 25.48 65.17
N VAL D 115 -10.29 26.14 64.44
CA VAL D 115 -10.01 26.65 63.07
C VAL D 115 -9.45 28.09 63.05
N ASN D 116 -8.46 28.29 62.19
CA ASN D 116 -7.85 29.58 61.92
C ASN D 116 -8.54 30.32 60.71
N GLN D 117 -9.39 31.30 61.04
CA GLN D 117 -10.05 32.14 60.07
C GLN D 117 -9.05 32.79 59.10
N LYS D 118 -7.93 33.26 59.61
CA LYS D 118 -6.87 33.81 58.75
C LYS D 118 -6.51 32.85 57.58
N GLY D 119 -6.49 31.57 57.85
CA GLY D 119 -6.24 30.56 56.81
C GLY D 119 -7.41 30.41 55.86
N LEU D 120 -8.61 30.31 56.42
CA LEU D 120 -9.87 30.27 55.65
C LEU D 120 -10.03 31.43 54.66
N ASP D 121 -9.87 32.66 55.16
CA ASP D 121 -9.84 33.90 54.37
C ASP D 121 -8.78 33.82 53.29
N PHE D 122 -7.56 33.39 53.65
CA PHE D 122 -6.44 33.35 52.70
C PHE D 122 -6.73 32.54 51.44
N TYR D 123 -7.28 31.34 51.61
CA TYR D 123 -7.70 30.54 50.43
C TYR D 123 -9.05 30.96 49.84
N ASN D 124 -9.96 31.52 50.66
CA ASN D 124 -11.28 31.96 50.16
C ASN D 124 -11.18 33.00 49.04
N ARG D 125 -10.29 33.97 49.23
CA ARG D 125 -9.98 34.98 48.20
C ARG D 125 -9.37 34.36 46.94
N ILE D 126 -8.36 33.51 47.11
CA ILE D 126 -7.79 32.74 45.99
C ILE D 126 -8.85 32.05 45.12
N ILE D 127 -9.74 31.31 45.78
CA ILE D 127 -10.92 30.69 45.12
C ILE D 127 -11.80 31.75 44.43
N ASP D 128 -12.02 32.86 45.13
CA ASP D 128 -12.93 33.93 44.67
C ASP D 128 -12.41 34.73 43.49
N THR D 129 -11.08 34.89 43.43
CA THR D 129 -10.41 35.52 42.30
C THR D 129 -10.24 34.57 41.10
N LEU D 130 -10.15 33.27 41.33
CA LEU D 130 -10.13 32.31 40.23
C LEU D 130 -11.50 32.22 39.54
N LEU D 131 -12.57 32.30 40.33
CA LEU D 131 -13.94 32.34 39.77
C LEU D 131 -14.20 33.62 38.94
N GLU D 132 -14.04 34.79 39.56
CA GLU D 132 -14.18 36.11 38.90
C GLU D 132 -13.52 36.16 37.53
N LYS D 133 -12.32 35.59 37.43
CA LYS D 133 -11.51 35.58 36.20
C LYS D 133 -11.64 34.31 35.34
N GLY D 134 -12.74 33.59 35.49
CA GLY D 134 -13.02 32.39 34.68
C GLY D 134 -12.14 31.15 34.78
N ILE D 135 -11.43 30.98 35.90
CA ILE D 135 -10.50 29.84 36.07
C ILE D 135 -11.06 28.81 37.08
N THR D 136 -11.07 27.55 36.65
CA THR D 136 -11.61 26.43 37.45
C THR D 136 -10.55 25.89 38.49
N PRO D 137 -10.89 25.92 39.81
CA PRO D 137 -10.01 25.37 40.85
C PRO D 137 -10.08 23.85 41.04
N PHE D 138 -8.91 23.20 41.05
CA PHE D 138 -8.74 21.84 41.57
C PHE D 138 -7.96 21.96 42.87
N VAL D 139 -8.54 21.47 43.98
CA VAL D 139 -7.93 21.51 45.31
C VAL D 139 -7.33 20.14 45.73
N THR D 140 -6.01 20.13 45.85
CA THR D 140 -5.31 19.13 46.64
C THR D 140 -5.50 19.44 48.16
N ILE D 141 -6.25 18.58 48.86
CA ILE D 141 -6.41 18.68 50.32
C ILE D 141 -5.09 18.46 51.05
N TYR D 142 -4.26 17.55 50.56
CA TYR D 142 -2.98 17.24 51.18
C TYR D 142 -1.87 17.06 50.14
N HIS D 143 -0.87 17.96 50.18
CA HIS D 143 0.34 17.85 49.37
C HIS D 143 1.48 18.06 50.35
N TRP D 144 1.45 17.25 51.41
CA TRP D 144 2.65 16.78 52.15
C TRP D 144 3.02 17.56 53.42
N ASP D 145 2.36 18.69 53.64
CA ASP D 145 2.72 19.62 54.75
C ASP D 145 1.81 19.39 55.97
N LEU D 146 1.94 18.16 56.48
CA LEU D 146 1.24 17.71 57.70
C LEU D 146 1.49 18.58 58.93
N PRO D 147 0.45 18.96 59.68
CA PRO D 147 0.80 19.71 60.91
C PRO D 147 1.76 18.94 61.79
N PHE D 148 2.68 19.67 62.43
CA PHE D 148 3.72 19.09 63.33
C PHE D 148 3.15 18.44 64.54
N ALA D 149 2.14 19.14 65.11
CA ALA D 149 1.35 18.67 66.26
C ALA D 149 0.89 17.24 66.12
N LEU D 150 0.45 16.91 64.91
CA LEU D 150 0.07 15.57 64.60
C LEU D 150 1.24 14.65 64.41
N GLN D 151 2.41 15.14 64.02
CA GLN D 151 3.61 14.27 63.95
C GLN D 151 4.03 13.84 65.34
N LEU D 152 3.84 14.74 66.32
CA LEU D 152 4.14 14.38 67.71
C LEU D 152 3.36 13.16 68.20
N LYS D 153 2.22 12.88 67.56
CA LYS D 153 1.35 11.73 67.88
C LYS D 153 1.49 10.56 66.89
N GLY D 154 2.57 10.53 66.11
CA GLY D 154 2.81 9.45 65.09
C GLY D 154 2.50 9.79 63.64
N GLY D 155 1.88 10.94 63.39
CA GLY D 155 1.37 11.24 62.07
C GLY D 155 0.84 10.02 61.27
N TRP D 156 1.22 9.90 60.00
CA TRP D 156 0.70 8.81 59.19
C TRP D 156 0.79 7.38 59.74
N ALA D 157 1.55 7.18 60.79
CA ALA D 157 1.72 5.89 61.42
C ALA D 157 0.63 5.56 62.39
N ASN D 158 -0.09 6.58 62.84
CA ASN D 158 -1.14 6.45 63.84
C ASN D 158 -2.47 6.24 63.15
N ARG D 159 -3.14 5.14 63.47
CA ARG D 159 -4.51 4.80 63.01
C ARG D 159 -5.54 5.95 63.08
N GLU D 160 -5.49 6.72 64.16
CA GLU D 160 -6.29 7.94 64.25
C GLU D 160 -6.20 8.97 63.11
N ILE D 161 -5.12 8.97 62.32
CA ILE D 161 -4.97 10.03 61.30
C ILE D 161 -6.17 10.06 60.35
N ALA D 162 -6.80 8.88 60.08
CA ALA D 162 -8.07 8.76 59.36
C ALA D 162 -9.19 9.61 59.88
N ASP D 163 -9.35 9.67 61.18
CA ASP D 163 -10.29 10.58 61.81
C ASP D 163 -9.84 12.04 61.67
N TRP D 164 -8.55 12.28 61.88
CA TRP D 164 -7.99 13.62 61.78
C TRP D 164 -8.13 14.18 60.37
N PHE D 165 -7.84 13.31 59.40
CA PHE D 165 -7.90 13.69 58.00
C PHE D 165 -9.33 14.05 57.64
N ALA D 166 -10.29 13.22 58.03
CA ALA D 166 -11.71 13.37 57.64
C ALA D 166 -12.34 14.67 58.16
N GLU D 167 -12.16 14.89 59.47
CA GLU D 167 -12.48 16.13 60.17
C GLU D 167 -11.78 17.36 59.67
N TYR D 168 -10.55 17.27 59.15
CA TYR D 168 -9.92 18.40 58.42
C TYR D 168 -10.56 18.64 57.02
N SER D 169 -10.69 17.59 56.24
CA SER D 169 -11.40 17.70 54.96
C SER D 169 -12.81 18.26 55.18
N ARG D 170 -13.48 17.83 56.25
CA ARG D 170 -14.85 18.26 56.50
CA ARG D 170 -14.85 18.25 56.52
C ARG D 170 -14.87 19.78 56.52
N VAL D 171 -13.92 20.37 57.26
CA VAL D 171 -13.72 21.86 57.34
C VAL D 171 -13.57 22.52 55.96
N LEU D 172 -12.84 21.84 55.06
CA LEU D 172 -12.60 22.33 53.70
C LEU D 172 -13.88 22.25 52.88
N PHE D 173 -14.68 21.20 53.10
CA PHE D 173 -15.91 21.01 52.34
C PHE D 173 -17.05 22.00 52.75
N GLU D 174 -17.14 22.36 54.03
CA GLU D 174 -18.13 23.31 54.56
C GLU D 174 -17.78 24.81 54.35
N ASN D 175 -16.54 25.11 53.97
CA ASN D 175 -16.14 26.50 53.69
C ASN D 175 -15.81 26.77 52.25
N PHE D 176 -15.30 25.78 51.54
CA PHE D 176 -14.96 25.95 50.13
C PHE D 176 -15.85 25.21 49.15
N GLY D 177 -16.66 24.28 49.62
CA GLY D 177 -17.36 23.34 48.71
C GLY D 177 -18.50 23.87 47.85
N ASP D 178 -19.13 24.95 48.33
CA ASP D 178 -20.09 25.80 47.55
C ASP D 178 -19.51 26.41 46.25
N ARG D 179 -18.20 26.62 46.25
CA ARG D 179 -17.47 27.21 45.12
C ARG D 179 -16.47 26.24 44.50
N VAL D 180 -15.74 25.46 45.30
CA VAL D 180 -14.82 24.45 44.72
C VAL D 180 -15.58 23.13 44.54
N LYS D 181 -15.49 22.60 43.32
CA LYS D 181 -16.22 21.38 42.89
C LYS D 181 -15.36 20.25 42.38
N ASN D 182 -14.08 20.47 42.21
CA ASN D 182 -13.16 19.45 41.79
C ASN D 182 -12.09 19.35 42.89
N TRP D 183 -12.01 18.15 43.48
CA TRP D 183 -11.27 17.95 44.70
C TRP D 183 -10.33 16.75 44.58
N ILE D 184 -9.20 16.82 45.28
CA ILE D 184 -8.22 15.75 45.32
C ILE D 184 -7.88 15.55 46.78
N THR D 185 -7.99 14.29 47.28
CA THR D 185 -7.64 13.87 48.69
C THR D 185 -6.14 13.93 48.94
N LEU D 186 -5.38 13.15 48.21
CA LEU D 186 -3.95 13.00 48.46
C LEU D 186 -3.15 13.11 47.17
N ASN D 187 -2.03 13.83 47.22
CA ASN D 187 -1.08 13.87 46.17
C ASN D 187 0.03 12.92 46.46
N GLU D 188 0.19 11.97 45.55
CA GLU D 188 1.27 10.96 45.65
C GLU D 188 1.49 10.26 47.04
N PRO D 189 0.50 9.51 47.57
CA PRO D 189 0.72 8.82 48.86
C PRO D 189 1.86 7.81 48.92
N TRP D 190 2.24 7.17 47.79
CA TRP D 190 3.45 6.39 47.75
C TRP D 190 4.66 7.22 48.15
N VAL D 191 4.79 8.42 47.64
CA VAL D 191 5.88 9.30 48.11
C VAL D 191 5.73 9.62 49.63
N VAL D 192 4.53 9.90 50.10
CA VAL D 192 4.41 10.33 51.49
C VAL D 192 4.90 9.19 52.38
N ALA D 193 4.44 7.96 52.07
CA ALA D 193 4.74 6.80 52.88
C ALA D 193 6.18 6.33 52.74
N ILE D 194 6.64 6.16 51.49
CA ILE D 194 7.89 5.50 51.20
C ILE D 194 9.12 6.42 51.26
N VAL D 195 9.07 7.52 50.54
CA VAL D 195 10.19 8.47 50.60
C VAL D 195 10.19 9.14 52.00
N GLY D 196 9.02 9.40 52.59
CA GLY D 196 8.92 9.98 53.93
C GLY D 196 9.21 9.08 55.16
N HIS D 197 8.87 7.80 55.08
CA HIS D 197 8.97 6.89 56.20
C HIS D 197 9.85 5.70 55.94
N LEU D 198 10.24 5.43 54.69
CA LEU D 198 11.23 4.33 54.45
C LEU D 198 12.63 4.84 54.05
N TYR D 199 12.72 5.70 53.06
CA TYR D 199 14.04 6.18 52.58
C TYR D 199 14.55 7.31 53.44
N GLY D 200 13.66 8.04 54.09
CA GLY D 200 14.08 9.14 55.01
C GLY D 200 14.46 10.43 54.32
N VAL D 201 14.13 10.54 53.02
CA VAL D 201 14.56 11.67 52.17
C VAL D 201 13.58 12.86 52.26
N HIS D 202 12.30 12.54 52.45
CA HIS D 202 11.32 13.53 52.67
C HIS D 202 10.94 13.53 54.15
N ALA D 203 10.27 14.57 54.57
CA ALA D 203 9.71 14.69 55.88
C ALA D 203 8.61 13.63 56.09
N PRO D 204 8.61 12.90 57.21
CA PRO D 204 9.30 13.31 58.45
C PRO D 204 10.71 12.75 58.66
N GLY D 205 11.28 12.07 57.63
CA GLY D 205 12.66 11.63 57.60
C GLY D 205 12.92 10.38 58.43
N MET D 206 12.04 9.39 58.33
CA MET D 206 12.16 8.10 59.05
C MET D 206 12.66 7.02 58.13
N ARG D 207 13.24 5.99 58.73
CA ARG D 207 13.59 4.80 57.99
C ARG D 207 13.13 3.55 58.75
N ASP D 208 11.86 3.19 58.51
CA ASP D 208 11.25 2.06 59.21
C ASP D 208 10.16 1.49 58.31
N ILE D 209 10.39 0.28 57.82
CA ILE D 209 9.54 -0.30 56.81
C ILE D 209 8.16 -0.70 57.32
N TYR D 210 8.10 -1.05 58.59
CA TYR D 210 6.84 -1.32 59.33
C TYR D 210 5.95 -0.09 59.42
N VAL D 211 6.58 1.04 59.68
CA VAL D 211 5.93 2.34 59.74
C VAL D 211 5.52 2.74 58.32
N ALA D 212 6.38 2.52 57.31
CA ALA D 212 6.08 2.96 55.93
C ALA D 212 4.78 2.35 55.35
N PHE D 213 4.69 1.03 55.50
CA PHE D 213 3.48 0.28 55.14
C PHE D 213 2.26 0.50 56.08
N ARG D 214 2.45 0.85 57.36
CA ARG D 214 1.33 1.42 58.13
C ARG D 214 0.85 2.72 57.54
N ALA D 215 1.82 3.55 57.12
CA ALA D 215 1.51 4.76 56.41
C ALA D 215 0.74 4.54 55.13
N VAL D 216 1.14 3.56 54.32
CA VAL D 216 0.40 3.29 53.04
C VAL D 216 -1.06 3.01 53.44
N HIS D 217 -1.24 2.06 54.37
CA HIS D 217 -2.59 1.65 54.78
C HIS D 217 -3.41 2.83 55.35
N ASN D 218 -2.84 3.61 56.25
CA ASN D 218 -3.55 4.73 56.86
C ASN D 218 -3.85 5.82 55.89
N LEU D 219 -3.00 5.99 54.89
CA LEU D 219 -3.32 6.94 53.75
C LEU D 219 -4.61 6.59 53.02
N LEU D 220 -4.74 5.33 52.66
CA LEU D 220 -5.94 4.79 52.00
C LEU D 220 -7.22 4.94 52.78
N ARG D 221 -7.15 4.58 54.08
CA ARG D 221 -8.29 4.71 54.99
C ARG D 221 -8.65 6.18 55.22
N ALA D 222 -7.66 7.06 55.30
CA ALA D 222 -7.92 8.50 55.43
C ALA D 222 -8.57 9.03 54.16
N HIS D 223 -7.99 8.64 53.01
CA HIS D 223 -8.54 9.00 51.69
C HIS D 223 -9.99 8.63 51.63
N ALA D 224 -10.29 7.37 51.96
CA ALA D 224 -11.66 6.84 51.84
C ALA D 224 -12.63 7.51 52.81
N ARG D 225 -12.17 7.78 54.03
N ARG D 225 -12.17 7.79 54.02
CA ARG D 225 -12.95 8.49 55.04
CA ARG D 225 -12.96 8.44 55.06
C ARG D 225 -13.36 9.87 54.59
C ARG D 225 -13.33 9.89 54.67
N ALA D 226 -12.43 10.59 53.97
CA ALA D 226 -12.70 11.93 53.45
C ALA D 226 -13.59 11.93 52.21
N VAL D 227 -13.49 10.90 51.36
CA VAL D 227 -14.53 10.67 50.31
C VAL D 227 -15.96 10.56 50.93
N LYS D 228 -16.12 9.81 52.01
CA LYS D 228 -17.44 9.66 52.65
C LYS D 228 -18.07 10.98 53.12
N VAL D 229 -17.26 11.74 53.85
CA VAL D 229 -17.69 13.01 54.38
C VAL D 229 -18.04 13.88 53.17
N PHE D 230 -17.19 13.84 52.12
CA PHE D 230 -17.48 14.53 50.83
C PHE D 230 -18.90 14.28 50.26
N ARG D 231 -19.37 13.03 50.26
CA ARG D 231 -20.75 12.67 49.82
C ARG D 231 -21.87 13.31 50.63
N GLU D 232 -21.62 13.58 51.91
CA GLU D 232 -22.60 14.15 52.84
C GLU D 232 -22.57 15.68 52.82
N THR D 233 -21.52 16.28 52.28
CA THR D 233 -21.29 17.73 52.42
C THR D 233 -21.43 18.51 51.11
N VAL D 234 -20.59 18.21 50.12
CA VAL D 234 -20.54 18.95 48.85
C VAL D 234 -21.55 18.42 47.82
N LYS D 235 -22.37 19.35 47.32
CA LYS D 235 -23.45 19.06 46.38
C LYS D 235 -22.86 19.30 44.98
N ASP D 236 -23.02 18.32 44.10
CA ASP D 236 -22.62 18.43 42.68
C ASP D 236 -21.10 18.55 42.48
N GLY D 237 -20.32 17.89 43.35
CA GLY D 237 -18.84 17.88 43.25
C GLY D 237 -18.23 16.59 42.70
N LYS D 238 -16.96 16.61 42.32
CA LYS D 238 -16.23 15.44 41.83
C LYS D 238 -14.96 15.29 42.67
N ILE D 239 -14.68 14.08 43.16
CA ILE D 239 -13.54 13.85 44.00
C ILE D 239 -12.61 12.71 43.51
N GLY D 240 -11.31 12.92 43.67
CA GLY D 240 -10.29 12.03 43.20
C GLY D 240 -9.02 11.97 44.05
N ILE D 241 -8.02 11.33 43.49
CA ILE D 241 -6.83 11.02 44.20
C ILE D 241 -5.67 11.01 43.20
N VAL D 242 -4.51 11.48 43.63
CA VAL D 242 -3.35 11.57 42.70
C VAL D 242 -2.28 10.55 43.03
N PHE D 243 -1.78 9.87 42.01
CA PHE D 243 -0.62 8.97 42.12
C PHE D 243 0.60 9.39 41.25
N ASN D 244 1.80 9.20 41.77
CA ASN D 244 3.00 9.31 40.94
C ASN D 244 3.11 8.03 40.13
N ASN D 245 3.74 8.16 38.97
CA ASN D 245 3.90 7.04 38.03
C ASN D 245 5.19 7.15 37.24
N GLY D 246 5.86 6.03 37.08
CA GLY D 246 7.07 5.94 36.25
C GLY D 246 6.91 4.80 35.24
N TYR D 247 7.57 4.91 34.10
CA TYR D 247 7.41 3.94 33.02
C TYR D 247 8.56 2.99 33.17
N PHE D 248 8.31 1.80 33.68
CA PHE D 248 9.40 0.82 33.85
C PHE D 248 9.43 -0.09 32.64
N GLU D 249 10.64 -0.38 32.16
CA GLU D 249 10.86 -1.27 31.02
C GLU D 249 11.98 -2.17 31.43
N PRO D 250 12.02 -3.40 30.89
CA PRO D 250 12.99 -4.38 31.38
C PRO D 250 14.36 -4.32 30.66
N ALA D 251 15.44 -4.55 31.43
CA ALA D 251 16.84 -4.62 30.93
C ALA D 251 17.19 -5.79 30.00
N SER D 252 16.33 -6.81 30.00
CA SER D 252 16.44 -7.95 29.09
C SER D 252 15.04 -8.52 28.97
N GLU D 253 14.89 -9.65 28.29
CA GLU D 253 13.60 -10.36 28.22
C GLU D 253 13.52 -11.59 29.14
N LYS D 254 14.63 -11.91 29.83
CA LYS D 254 14.72 -12.95 30.89
C LYS D 254 13.58 -12.94 31.92
N GLU D 256 12.56 -12.90 34.90
CA GLU D 256 13.14 -12.30 36.11
C GLU D 256 13.27 -10.77 35.99
N ASP D 257 13.55 -10.26 34.79
CA ASP D 257 13.60 -8.82 34.51
C ASP D 257 12.21 -8.30 34.23
N ILE D 258 11.43 -9.09 33.49
CA ILE D 258 10.03 -8.76 33.21
C ILE D 258 9.28 -8.69 34.53
N ARG D 259 9.54 -9.66 35.41
CA ARG D 259 8.94 -9.74 36.73
C ARG D 259 9.41 -8.62 37.66
N ALA D 260 10.61 -8.08 37.43
CA ALA D 260 11.05 -6.88 38.15
C ALA D 260 10.23 -5.66 37.73
N VAL D 261 9.97 -5.54 36.42
CA VAL D 261 9.01 -4.54 35.89
C VAL D 261 7.61 -4.64 36.50
N ARG D 262 7.12 -5.87 36.68
CA ARG D 262 5.79 -6.12 37.28
C ARG D 262 5.73 -5.64 38.75
N PHE D 263 6.76 -5.97 39.52
CA PHE D 263 6.84 -5.53 40.92
C PHE D 263 6.95 -4.01 41.01
N MET D 264 7.77 -3.41 40.16
CA MET D 264 7.91 -1.96 40.20
C MET D 264 6.66 -1.23 39.78
N HIS D 265 5.98 -1.75 38.79
CA HIS D 265 4.71 -1.16 38.41
C HIS D 265 3.67 -1.27 39.54
N GLN D 266 3.54 -2.45 40.14
CA GLN D 266 2.60 -2.72 41.23
C GLN D 266 2.99 -2.00 42.54
N PHE D 267 4.27 -1.71 42.75
CA PHE D 267 4.70 -1.03 43.99
C PHE D 267 4.75 0.51 43.87
N ASN D 268 5.46 1.02 42.86
CA ASN D 268 5.62 2.51 42.59
C ASN D 268 4.48 3.22 41.93
N ASN D 269 3.72 2.54 41.06
CA ASN D 269 2.67 3.23 40.32
C ASN D 269 1.33 3.05 41.03
N TYR D 270 0.28 3.56 40.41
CA TYR D 270 -1.10 3.48 40.95
C TYR D 270 -1.73 2.17 41.56
N PRO D 271 -1.31 0.92 41.16
CA PRO D 271 -1.98 -0.27 41.69
C PRO D 271 -1.92 -0.41 43.18
N LEU D 272 -0.80 0.06 43.77
CA LEU D 272 -0.61 -0.03 45.21
C LEU D 272 -1.82 0.41 45.97
N PHE D 273 -2.41 1.47 45.44
CA PHE D 273 -3.60 2.11 45.96
C PHE D 273 -4.90 1.83 45.17
N LEU D 274 -4.76 1.64 43.82
CA LEU D 274 -5.90 1.35 42.99
C LEU D 274 -6.40 -0.08 43.09
N ASN D 275 -5.51 -1.05 43.19
CA ASN D 275 -5.94 -2.40 43.58
C ASN D 275 -6.82 -2.36 44.86
N PRO D 276 -6.37 -1.70 45.98
CA PRO D 276 -7.29 -1.61 47.11
C PRO D 276 -8.60 -0.93 46.81
N ILE D 277 -8.58 0.18 46.09
CA ILE D 277 -9.81 0.93 45.87
C ILE D 277 -10.80 0.20 44.99
N TYR D 278 -10.31 -0.54 44.01
CA TYR D 278 -11.15 -1.19 43.00
C TYR D 278 -11.34 -2.69 43.15
N ARG D 279 -10.41 -3.39 43.80
CA ARG D 279 -10.50 -4.85 44.01
C ARG D 279 -10.42 -5.32 45.46
N GLY D 280 -10.14 -4.41 46.37
CA GLY D 280 -10.24 -4.72 47.77
C GLY D 280 -9.07 -5.37 48.43
N ASP D 281 -7.88 -5.27 47.83
CA ASP D 281 -6.67 -5.87 48.42
C ASP D 281 -5.52 -5.19 47.70
N TYR D 282 -4.32 -5.23 48.32
CA TYR D 282 -3.08 -4.79 47.71
C TYR D 282 -2.68 -5.77 46.58
N PRO D 283 -1.97 -5.26 45.55
CA PRO D 283 -1.66 -6.16 44.44
C PRO D 283 -0.72 -7.24 44.87
N GLU D 284 -0.67 -8.30 44.06
CA GLU D 284 -0.20 -9.59 44.54
C GLU D 284 1.30 -9.60 44.83
N LEU D 285 2.11 -8.93 43.98
CA LEU D 285 3.56 -8.89 44.22
C LEU D 285 3.96 -7.92 45.35
N VAL D 286 3.18 -6.88 45.58
CA VAL D 286 3.33 -6.08 46.83
C VAL D 286 3.21 -7.01 48.06
N LEU D 287 2.20 -7.90 48.07
CA LEU D 287 1.99 -8.84 49.22
C LEU D 287 3.05 -9.89 49.51
N GLU D 288 3.57 -10.54 48.47
CA GLU D 288 4.73 -11.43 48.54
C GLU D 288 5.92 -10.74 49.30
N PHE D 289 6.25 -9.51 48.89
CA PHE D 289 7.30 -8.66 49.49
C PHE D 289 6.95 -8.14 50.91
N ALA D 290 5.70 -7.70 51.14
CA ALA D 290 5.38 -6.71 52.23
C ALA D 290 4.32 -7.07 53.24
N ARG D 291 3.77 -8.27 53.20
CA ARG D 291 2.65 -8.68 54.12
C ARG D 291 3.11 -8.66 55.58
N GLU D 292 4.36 -9.02 55.83
CA GLU D 292 4.98 -8.97 57.16
C GLU D 292 4.87 -7.57 57.80
N TYR D 293 4.90 -6.55 56.94
CA TYR D 293 4.97 -5.15 57.31
C TYR D 293 3.65 -4.46 57.39
N LEU D 294 2.61 -5.03 56.81
CA LEU D 294 1.26 -4.51 56.95
C LEU D 294 0.72 -4.81 58.31
N PRO D 295 -0.12 -3.91 58.86
CA PRO D 295 -0.80 -4.28 60.15
C PRO D 295 -1.54 -5.60 60.13
N GLU D 296 -1.61 -6.32 61.26
CA GLU D 296 -2.19 -7.69 61.33
C GLU D 296 -3.52 -7.88 60.51
N ASN D 297 -4.58 -7.23 60.92
CA ASN D 297 -5.86 -7.45 60.26
C ASN D 297 -6.16 -6.33 59.28
N TYR D 298 -5.21 -5.97 58.41
CA TYR D 298 -5.44 -4.86 57.40
C TYR D 298 -6.72 -5.02 56.53
N LYS D 299 -7.04 -6.25 56.16
CA LYS D 299 -8.21 -6.55 55.26
C LYS D 299 -9.60 -6.11 55.83
N ASP D 300 -9.69 -6.04 57.13
CA ASP D 300 -10.86 -5.50 57.81
C ASP D 300 -11.28 -4.14 57.35
N ASP D 301 -10.32 -3.31 56.94
CA ASP D 301 -10.56 -1.96 56.44
C ASP D 301 -10.84 -1.90 54.94
N MET D 302 -10.60 -3.01 54.20
CA MET D 302 -10.66 -2.97 52.76
C MET D 302 -12.07 -2.68 52.18
N SER D 303 -13.12 -3.21 52.79
CA SER D 303 -14.48 -2.82 52.39
C SER D 303 -14.67 -1.29 52.40
N GLU D 304 -14.34 -0.64 53.49
CA GLU D 304 -14.40 0.84 53.59
C GLU D 304 -13.52 1.55 52.50
N ILE D 305 -12.32 1.01 52.31
CA ILE D 305 -11.36 1.56 51.37
C ILE D 305 -11.93 1.63 49.94
N GLN D 306 -12.84 0.71 49.61
CA GLN D 306 -13.53 0.67 48.33
C GLN D 306 -14.56 1.78 48.06
N GLU D 307 -14.58 2.85 48.84
CA GLU D 307 -15.49 4.00 48.57
C GLU D 307 -15.23 4.54 47.15
N LYS D 308 -16.31 4.83 46.46
CA LYS D 308 -16.26 5.20 45.04
C LYS D 308 -15.58 6.55 44.89
N ILE D 309 -14.79 6.66 43.86
CA ILE D 309 -14.17 7.90 43.44
C ILE D 309 -14.66 8.24 42.00
N ASP D 310 -14.59 9.52 41.66
CA ASP D 310 -15.06 10.04 40.38
C ASP D 310 -13.96 10.14 39.36
N PHE D 311 -12.70 10.22 39.81
CA PHE D 311 -11.56 10.25 38.90
C PHE D 311 -10.26 9.90 39.58
N VAL D 312 -9.32 9.46 38.75
CA VAL D 312 -7.94 9.18 39.04
C VAL D 312 -7.07 10.25 38.37
N GLY D 313 -6.10 10.74 39.14
CA GLY D 313 -5.14 11.77 38.73
C GLY D 313 -3.84 11.06 38.62
N LEU D 314 -3.12 11.28 37.53
CA LEU D 314 -1.89 10.55 37.31
C LEU D 314 -0.82 11.57 37.05
N ASN D 315 0.28 11.45 37.81
CA ASN D 315 1.43 12.32 37.62
C ASN D 315 2.46 11.50 36.87
N TYR D 316 3.07 12.05 35.82
CA TYR D 316 4.18 11.34 35.11
C TYR D 316 5.30 12.26 34.72
N TYR D 317 6.52 11.78 34.88
CA TYR D 317 7.71 12.55 34.48
C TYR D 317 8.67 11.80 33.60
N SER D 318 9.03 10.60 34.04
CA SER D 318 10.17 9.92 33.52
C SER D 318 9.92 8.45 33.40
N GLY D 319 10.87 7.82 32.72
CA GLY D 319 10.99 6.39 32.58
C GLY D 319 12.29 5.90 33.19
N HIS D 320 12.31 4.61 33.47
CA HIS D 320 13.42 3.95 34.10
C HIS D 320 13.53 2.59 33.45
N LEU D 321 14.76 2.13 33.27
CA LEU D 321 15.07 0.77 32.84
C LEU D 321 15.49 0.01 34.11
N VAL D 322 14.90 -1.18 34.30
CA VAL D 322 15.10 -1.92 35.54
C VAL D 322 15.42 -3.37 35.26
N LYS D 323 16.10 -3.97 36.24
CA LYS D 323 16.48 -5.37 36.17
C LYS D 323 16.34 -5.98 37.54
N PHE D 324 16.15 -7.30 37.54
CA PHE D 324 16.37 -8.13 38.71
C PHE D 324 17.84 -8.03 39.16
N ASP D 325 18.07 -8.22 40.47
CA ASP D 325 19.42 -8.22 41.11
C ASP D 325 19.28 -8.68 42.56
N PRO D 326 20.00 -9.74 42.98
CA PRO D 326 19.82 -10.27 44.35
C PRO D 326 20.31 -9.36 45.49
N ASP D 327 21.32 -8.53 45.23
CA ASP D 327 21.90 -7.64 46.23
C ASP D 327 20.94 -6.56 46.74
N ALA D 328 20.01 -6.12 45.89
CA ALA D 328 19.16 -4.94 46.14
C ALA D 328 18.03 -5.17 47.14
N PRO D 329 17.69 -4.15 47.97
CA PRO D 329 16.80 -4.34 49.13
C PRO D 329 15.43 -4.96 48.82
N ALA D 330 14.89 -4.70 47.63
CA ALA D 330 13.64 -5.34 47.13
C ALA D 330 13.84 -6.14 45.82
N LYS D 331 15.06 -6.67 45.62
CA LYS D 331 15.46 -7.47 44.44
C LYS D 331 15.32 -6.81 43.03
N VAL D 332 15.28 -5.47 43.00
CA VAL D 332 15.17 -4.68 41.77
C VAL D 332 16.10 -3.43 41.84
N SER D 333 17.05 -3.30 40.92
CA SER D 333 17.83 -2.05 40.81
C SER D 333 17.72 -1.45 39.41
N PHE D 334 17.80 -0.12 39.34
CA PHE D 334 17.81 0.60 38.08
C PHE D 334 19.14 0.43 37.34
N VAL D 335 19.06 0.63 36.02
CA VAL D 335 20.18 0.54 35.06
C VAL D 335 20.08 1.85 34.30
N GLU D 336 21.05 2.75 34.47
CA GLU D 336 21.03 4.04 33.76
C GLU D 336 21.08 3.89 32.22
N ARG D 337 20.40 4.81 31.51
CA ARG D 337 20.41 4.82 30.03
C ARG D 337 21.00 6.09 29.41
N ASP D 338 21.84 5.87 28.40
CA ASP D 338 22.39 6.90 27.54
C ASP D 338 21.28 7.46 26.64
N LEU D 339 20.44 8.30 27.27
CA LEU D 339 19.32 9.01 26.64
C LEU D 339 19.15 10.35 27.35
N PRO D 340 18.49 11.32 26.73
CA PRO D 340 18.55 12.69 27.27
C PRO D 340 17.87 12.83 28.65
N LYS D 341 18.41 13.73 29.48
CA LYS D 341 18.06 13.86 30.91
C LYS D 341 17.69 15.31 31.31
N THR D 342 16.87 15.43 32.35
CA THR D 342 16.50 16.72 32.92
C THR D 342 17.59 17.16 33.88
N ALA D 343 17.46 18.35 34.46
CA ALA D 343 18.29 18.78 35.61
C ALA D 343 18.30 17.71 36.75
N MET D 344 17.15 17.06 36.93
CA MET D 344 16.97 16.00 37.94
C MET D 344 17.79 14.76 37.72
N GLY D 345 18.27 14.50 36.49
CA GLY D 345 18.77 13.16 36.10
C GLY D 345 17.75 12.14 35.56
N TRP D 346 16.48 12.57 35.49
CA TRP D 346 15.38 11.76 34.99
C TRP D 346 15.33 11.76 33.46
N GLU D 347 15.25 10.55 32.91
CA GLU D 347 15.31 10.30 31.47
C GLU D 347 13.98 10.49 30.82
N ILE D 348 13.99 11.21 29.69
CA ILE D 348 12.80 11.76 29.02
C ILE D 348 12.18 10.80 28.01
N VAL D 349 11.14 10.07 28.47
CA VAL D 349 10.54 8.99 27.71
C VAL D 349 9.08 9.35 27.57
N PRO D 350 8.74 10.11 26.52
CA PRO D 350 7.35 10.50 26.40
C PRO D 350 6.34 9.35 26.18
N GLU D 351 6.77 8.22 25.64
CA GLU D 351 5.81 7.12 25.41
C GLU D 351 5.26 6.56 26.74
N GLY D 352 5.99 6.79 27.84
CA GLY D 352 5.58 6.40 29.16
C GLY D 352 4.24 6.95 29.60
N ILE D 353 3.95 8.21 29.30
CA ILE D 353 2.68 8.81 29.69
C ILE D 353 1.51 8.17 28.96
N TYR D 354 1.81 7.63 27.75
CA TYR D 354 0.86 6.90 26.93
C TYR D 354 0.58 5.57 27.55
N TRP D 355 1.65 4.79 27.78
CA TRP D 355 1.57 3.46 28.43
C TRP D 355 0.74 3.49 29.75
N ILE D 356 1.04 4.42 30.63
CA ILE D 356 0.35 4.56 31.94
C ILE D 356 -1.16 4.84 31.79
N LEU D 357 -1.54 5.58 30.75
CA LEU D 357 -2.96 5.92 30.54
C LEU D 357 -3.73 4.75 29.96
N LYS D 358 -3.05 3.99 29.10
CA LYS D 358 -3.66 2.81 28.51
C LYS D 358 -3.75 1.74 29.58
N LYS D 359 -2.73 1.65 30.42
CA LYS D 359 -2.64 0.59 31.43
C LYS D 359 -3.68 0.81 32.53
N VAL D 360 -3.98 2.06 32.89
CA VAL D 360 -5.00 2.29 33.95
C VAL D 360 -6.39 1.89 33.43
N LYS D 361 -6.68 2.36 32.22
CA LYS D 361 -7.86 1.93 31.47
C LYS D 361 -8.03 0.39 31.44
N GLU D 362 -6.98 -0.37 31.12
CA GLU D 362 -7.14 -1.83 30.97
C GLU D 362 -7.14 -2.63 32.33
N GLU D 363 -6.52 -2.08 33.38
CA GLU D 363 -6.46 -2.78 34.66
C GLU D 363 -7.67 -2.40 35.53
N TYR D 364 -8.03 -1.14 35.53
CA TYR D 364 -9.01 -0.59 36.50
C TYR D 364 -10.09 0.31 35.89
N ASN D 365 -9.88 0.75 34.65
CA ASN D 365 -10.93 1.45 33.89
C ASN D 365 -11.61 2.51 34.73
N PRO D 366 -10.83 3.41 35.31
CA PRO D 366 -11.56 4.52 35.94
C PRO D 366 -12.55 5.20 34.97
N PRO D 367 -13.61 5.81 35.49
CA PRO D 367 -14.57 6.54 34.62
C PRO D 367 -14.04 7.87 34.03
N GLU D 368 -13.06 8.48 34.67
CA GLU D 368 -12.42 9.71 34.20
C GLU D 368 -10.97 9.69 34.67
N VAL D 369 -10.04 10.15 33.85
CA VAL D 369 -8.64 10.34 34.28
C VAL D 369 -8.20 11.78 34.02
N TYR D 370 -7.21 12.26 34.77
CA TYR D 370 -6.54 13.55 34.51
C TYR D 370 -5.06 13.36 34.63
N ILE D 371 -4.28 14.00 33.76
CA ILE D 371 -2.84 14.13 34.01
C ILE D 371 -2.76 15.32 34.90
N THR D 372 -2.42 15.05 36.15
CA THR D 372 -2.55 16.03 37.24
C THR D 372 -1.20 16.75 37.45
N GLU D 373 -0.11 16.14 36.93
CA GLU D 373 1.18 16.77 36.81
C GLU D 373 2.03 16.17 35.68
N ASN D 374 2.61 17.05 34.84
CA ASN D 374 3.69 16.66 33.85
C ASN D 374 4.63 17.83 33.63
N GLY D 375 5.92 17.57 33.58
CA GLY D 375 6.89 18.66 33.47
C GLY D 375 8.31 18.21 33.61
N ALA D 376 9.21 19.19 33.62
CA ALA D 376 10.65 18.87 33.73
C ALA D 376 11.47 20.05 34.22
N ALA D 377 12.64 19.69 34.69
CA ALA D 377 13.60 20.58 35.32
C ALA D 377 14.73 20.77 34.33
N PHE D 378 15.03 22.04 34.04
CA PHE D 378 16.16 22.40 33.16
C PHE D 378 16.89 23.65 33.72
N ASP D 379 18.18 23.76 33.42
CA ASP D 379 19.03 24.83 34.00
C ASP D 379 18.80 26.15 33.27
N ASP D 380 17.62 26.70 33.49
CA ASP D 380 17.14 27.90 32.83
C ASP D 380 18.01 29.10 33.20
N VAL D 381 18.08 30.06 32.27
CA VAL D 381 18.93 31.25 32.38
C VAL D 381 18.28 32.41 31.67
N VAL D 382 18.50 33.61 32.17
CA VAL D 382 17.98 34.79 31.49
C VAL D 382 19.06 35.39 30.59
N ARG D 387 13.75 37.41 29.37
CA ARG D 387 13.08 36.49 28.45
C ARG D 387 13.72 35.10 28.55
N VAL D 388 12.94 34.08 28.88
CA VAL D 388 13.50 32.73 29.11
C VAL D 388 13.14 31.76 27.97
N HIS D 389 14.14 31.18 27.35
CA HIS D 389 13.93 30.40 26.15
C HIS D 389 14.34 28.95 26.34
N ASP D 390 13.52 28.22 27.09
CA ASP D 390 13.74 26.80 27.29
C ASP D 390 12.88 26.12 26.24
N GLN D 391 13.52 25.76 25.13
CA GLN D 391 12.88 25.05 24.04
C GLN D 391 13.07 23.58 24.34
N ASN D 392 14.07 23.27 25.17
CA ASN D 392 14.19 21.96 25.79
C ASN D 392 12.94 21.64 26.64
N ARG D 393 12.36 22.63 27.34
CA ARG D 393 11.14 22.39 28.11
C ARG D 393 9.92 22.37 27.22
N ILE D 394 9.95 23.18 26.17
CA ILE D 394 8.90 23.17 25.13
C ILE D 394 8.78 21.81 24.50
N ASP D 395 9.92 21.34 24.03
CA ASP D 395 10.03 20.05 23.40
C ASP D 395 9.34 19.00 24.28
N TYR D 396 9.84 18.86 25.51
CA TYR D 396 9.25 18.01 26.56
C TYR D 396 7.71 18.08 26.63
N LEU D 397 7.17 19.25 26.96
CA LEU D 397 5.74 19.36 27.11
C LEU D 397 4.97 18.89 25.82
N LYS D 398 5.24 19.54 24.66
CA LYS D 398 4.68 19.09 23.36
C LYS D 398 4.74 17.56 23.12
N ALA D 399 5.91 16.94 23.36
CA ALA D 399 6.01 15.47 23.19
C ALA D 399 5.07 14.61 24.11
N HIS D 400 4.72 15.11 25.30
CA HIS D 400 3.87 14.42 26.25
C HIS D 400 2.40 14.64 25.90
N ILE D 401 2.02 15.90 25.69
CA ILE D 401 0.70 16.22 25.18
C ILE D 401 0.33 15.42 23.90
N GLY D 402 1.31 15.12 23.06
CA GLY D 402 1.09 14.32 21.86
C GLY D 402 0.88 12.83 22.12
N GLN D 403 1.59 12.29 23.10
CA GLN D 403 1.29 10.96 23.61
C GLN D 403 -0.09 10.92 24.36
N ALA D 404 -0.40 11.94 25.13
CA ALA D 404 -1.72 12.02 25.75
C ALA D 404 -2.86 12.04 24.72
N TRP D 405 -2.72 12.84 23.64
CA TRP D 405 -3.68 12.88 22.53
C TRP D 405 -3.95 11.49 21.99
N LYS D 406 -2.86 10.74 21.74
CA LYS D 406 -2.95 9.45 21.09
C LYS D 406 -3.83 8.48 21.90
N ALA D 407 -3.57 8.43 23.22
CA ALA D 407 -4.29 7.56 24.12
C ALA D 407 -5.72 8.00 24.18
N ILE D 408 -5.97 9.30 24.06
CA ILE D 408 -7.36 9.77 23.96
C ILE D 408 -8.02 9.13 22.73
N GLN D 409 -7.36 9.21 21.57
CA GLN D 409 -8.01 8.72 20.35
C GLN D 409 -8.33 7.23 20.56
N GLU D 410 -7.50 6.52 21.33
CA GLU D 410 -7.76 5.12 21.69
C GLU D 410 -8.75 4.86 22.86
N GLY D 411 -9.56 5.85 23.21
CA GLY D 411 -10.66 5.66 24.14
C GLY D 411 -10.43 5.81 25.64
N VAL D 412 -9.20 6.13 26.06
CA VAL D 412 -8.90 6.48 27.47
C VAL D 412 -9.65 7.78 27.82
N PRO D 413 -10.45 7.80 28.90
CA PRO D 413 -11.32 8.93 29.22
C PRO D 413 -10.62 10.14 29.86
N LEU D 414 -9.46 10.52 29.34
CA LEU D 414 -8.66 11.66 29.85
C LEU D 414 -9.38 12.98 29.66
N LYS D 415 -9.64 13.71 30.74
CA LYS D 415 -10.41 14.94 30.65
C LYS D 415 -9.53 16.16 30.79
N GLY D 416 -8.23 15.96 31.00
CA GLY D 416 -7.37 17.07 31.38
C GLY D 416 -5.91 16.77 31.57
N TYR D 417 -5.16 17.86 31.68
CA TYR D 417 -3.71 17.86 31.68
C TYR D 417 -3.27 19.11 32.37
N PHE D 418 -2.36 18.97 33.33
CA PHE D 418 -1.87 20.09 34.17
C PHE D 418 -0.37 20.09 34.10
N VAL D 419 0.17 21.29 33.92
CA VAL D 419 1.59 21.48 33.80
C VAL D 419 2.05 21.68 35.22
N TRP D 420 3.08 20.90 35.58
CA TRP D 420 3.88 21.15 36.74
C TRP D 420 5.14 21.83 36.19
N SER D 421 5.46 23.06 36.63
CA SER D 421 4.63 23.88 37.54
C SER D 421 4.50 25.25 36.93
N LEU D 422 3.56 26.02 37.44
CA LEU D 422 3.40 27.40 37.02
C LEU D 422 4.71 28.21 37.28
N LEU D 423 5.06 28.33 38.56
CA LEU D 423 6.24 29.03 39.00
C LEU D 423 7.32 28.00 39.28
N ASP D 424 8.58 28.40 39.04
CA ASP D 424 9.75 27.79 39.69
C ASP D 424 9.50 27.86 41.20
N ASN D 425 9.90 26.80 41.92
CA ASN D 425 9.62 26.74 43.38
C ASN D 425 10.62 25.91 44.17
N PHE D 426 10.39 25.86 45.49
CA PHE D 426 11.05 24.94 46.42
C PHE D 426 10.76 23.49 46.05
N GLU D 427 11.77 22.79 45.56
CA GLU D 427 11.71 21.38 45.13
C GLU D 427 12.15 20.34 46.19
N TRP D 428 11.46 20.37 47.30
CA TRP D 428 11.71 19.48 48.42
C TRP D 428 13.17 19.42 48.81
N ALA D 429 13.77 18.25 48.84
CA ALA D 429 15.12 18.10 49.33
C ALA D 429 16.23 18.55 48.34
N GLU D 430 15.85 18.94 47.11
CA GLU D 430 16.74 19.60 46.14
C GLU D 430 16.71 21.12 46.29
N GLY D 431 15.82 21.64 47.13
CA GLY D 431 15.76 23.06 47.40
C GLY D 431 15.43 23.83 46.15
N TYR D 432 15.91 25.07 46.06
CA TYR D 432 15.59 25.95 44.92
C TYR D 432 16.38 25.78 43.63
N SER D 433 17.36 24.88 43.61
CA SER D 433 18.22 24.63 42.44
C SER D 433 17.65 23.82 41.26
N LYS D 434 16.36 23.48 41.30
CA LYS D 434 15.74 22.73 40.24
C LYS D 434 14.52 23.51 39.89
N ARG D 435 14.46 23.91 38.59
CA ARG D 435 13.43 24.82 38.10
C ARG D 435 12.44 24.09 37.15
N PHE D 436 11.22 23.87 37.63
CA PHE D 436 10.10 23.16 36.88
C PHE D 436 9.11 24.13 36.23
N GLY D 437 9.24 25.40 36.57
CA GLY D 437 8.35 26.43 36.03
C GLY D 437 8.28 26.52 34.51
N ILE D 438 7.12 27.00 34.06
CA ILE D 438 6.97 27.68 32.78
C ILE D 438 7.16 29.20 33.02
N VAL D 439 7.24 29.60 34.29
CA VAL D 439 7.56 30.96 34.68
C VAL D 439 8.88 30.88 35.42
N TYR D 440 9.83 31.75 35.08
CA TYR D 440 11.09 31.88 35.83
C TYR D 440 10.81 32.71 37.06
N VAL D 441 11.46 32.38 38.17
CA VAL D 441 11.46 33.25 39.34
C VAL D 441 12.91 33.57 39.70
N ASP D 442 13.26 34.86 39.57
CA ASP D 442 14.53 35.38 40.05
C ASP D 442 14.33 35.49 41.55
N TYR D 443 15.05 34.67 42.31
CA TYR D 443 14.89 34.61 43.78
C TYR D 443 15.60 35.73 44.56
N SER D 444 16.44 36.53 43.90
CA SER D 444 16.96 37.79 44.47
C SER D 444 15.83 38.82 44.62
N THR D 445 15.15 39.10 43.51
CA THR D 445 14.07 40.10 43.46
C THR D 445 12.67 39.53 43.73
N GLN D 446 12.44 38.28 43.30
CA GLN D 446 11.10 37.65 43.22
C GLN D 446 10.45 37.90 41.85
N VAL D 450 8.21 34.92 32.55
CA VAL D 450 7.50 33.95 31.71
C VAL D 450 8.45 33.41 30.66
N LYS D 451 8.55 32.11 30.52
CA LYS D 451 9.51 31.49 29.59
C LYS D 451 8.84 30.91 28.33
N TYR D 455 5.02 30.94 26.61
CA TYR D 455 3.95 31.35 25.69
C TYR D 455 3.44 30.25 24.73
N TRP D 456 4.27 29.24 24.48
CA TRP D 456 3.84 28.06 23.74
C TRP D 456 2.63 27.37 24.35
N TYR D 457 2.58 27.31 25.69
CA TYR D 457 1.46 26.67 26.38
C TYR D 457 0.18 27.50 26.26
N SER D 458 0.29 28.83 26.36
CA SER D 458 -0.87 29.71 26.18
C SER D 458 -1.52 29.57 24.78
N ASN D 459 -0.71 29.25 23.77
CA ASN D 459 -1.21 28.94 22.41
C ASN D 459 -1.97 27.57 22.34
N VAL D 460 -1.45 26.55 23.03
CA VAL D 460 -2.11 25.23 23.12
C VAL D 460 -3.56 25.33 23.65
N VAL D 461 -3.76 26.11 24.71
CA VAL D 461 -5.07 26.20 25.33
C VAL D 461 -6.02 26.79 24.30
N LYS D 462 -5.66 27.97 23.79
CA LYS D 462 -6.40 28.69 22.75
C LYS D 462 -6.83 27.77 21.61
N ASN D 463 -5.87 27.09 20.99
CA ASN D 463 -6.18 26.15 19.92
C ASN D 463 -6.78 24.80 20.38
N ASN D 464 -6.70 24.51 21.67
CA ASN D 464 -7.27 23.27 22.27
C ASN D 464 -6.56 22.05 21.67
N GLY D 465 -5.25 22.17 21.48
CA GLY D 465 -4.47 21.17 20.79
C GLY D 465 -3.08 21.63 20.39
N LEU D 466 -2.37 20.71 19.73
CA LEU D 466 -1.00 20.93 19.27
C LEU D 466 -1.00 21.52 17.85
C1 EDO E . 27.81 21.04 -21.45
O1 EDO E . 27.54 19.79 -20.82
C2 EDO E . 28.01 22.23 -20.54
O2 EDO E . 27.93 21.84 -19.13
C1 EDO F . 29.24 22.29 7.69
O1 EDO F . 29.73 21.13 7.01
C2 EDO F . 28.65 21.92 9.04
O2 EDO F . 28.34 20.52 9.08
C1 EDO G . 30.03 13.47 -5.90
O1 EDO G . 29.24 12.38 -5.42
C2 EDO G . 29.10 14.63 -6.19
O2 EDO G . 29.46 15.89 -5.59
CL CL H . -10.42 3.18 -15.58
CL CL I . 9.38 -6.82 -11.20
N1 IMD J . -14.07 22.55 -5.78
C2 IMD J . -13.07 21.85 -5.24
N3 IMD J . -13.53 21.29 -4.11
C4 IMD J . -14.82 21.66 -3.92
C5 IMD J . -15.15 22.43 -5.00
O3 8P5 K . 2.11 19.16 -6.52
O3 8P5 K . 2.15 19.16 -6.45
C4 8P5 K . 2.56 20.08 -4.37
C4 8P5 K . 2.70 20.00 -4.27
C5 8P5 K . 3.61 20.78 -3.53
C5 8P5 K . 3.71 20.81 -3.51
O4 8P5 K . 1.37 20.89 -4.41
O4 8P5 K . 1.43 20.68 -4.21
C6 8P5 K . 3.13 20.87 -2.12
C6 8P5 K . 3.17 20.85 -2.11
N1 8P5 K . 10.05 14.65 4.05
N1 8P5 K . 5.31 13.10 4.71
C7 8P5 K . 4.91 20.01 -3.49
C7 8P5 K . 5.01 20.06 -3.43
C8 8P5 K . 4.70 18.51 -3.15
C8 8P5 K . 4.73 18.60 -3.03
C9 8P5 K . 5.50 18.04 -1.97
C9 8P5 K . 5.65 17.76 -2.14
O6 8P5 K . 2.78 22.22 -1.83
O6 8P5 K . 2.90 22.20 -1.76
C12 8P5 K . 7.71 18.28 -1.20
C12 8P5 K . 4.01 17.41 -0.38
C13 8P5 K . 8.14 17.10 -0.39
C13 8P5 K . 4.63 17.74 1.00
C14 8P5 K . 7.68 17.24 1.04
C14 8P5 K . 4.03 17.00 2.21
C15 8P5 K . 7.93 15.91 1.71
C15 8P5 K . 5.05 16.20 3.01
O10 8P5 K . 5.01 18.10 -0.83
O10 8P5 K . 6.88 17.91 -2.14
N11 8P5 K . 6.77 17.83 -2.19
N11 8P5 K . 5.12 16.96 -1.19
N16 8P5 K . 9.35 15.64 1.85
N16 8P5 K . 4.94 14.76 2.81
N17 8P5 K . 9.79 15.10 3.03
N17 8P5 K . 5.17 13.86 3.83
C1 8P5 K . 5.29 18.95 -4.50
C1 8P5 K . 5.32 18.95 -4.42
C2 8P5 K . 4.43 18.87 -5.77
C2 8P5 K . 4.46 18.87 -5.70
O2 8P5 K . 5.27 19.19 -6.89
O2 8P5 K . 5.28 19.19 -6.84
C3 8P5 K . 3.16 19.78 -5.76
C3 8P5 K . 3.21 19.77 -5.69
C1 PEG L . 30.94 18.76 -4.36
O1 PEG L . 32.20 18.09 -4.55
C2 PEG L . 30.28 18.43 -3.04
O2 PEG L . 31.07 18.82 -1.92
C3 PEG L . 30.94 17.92 -0.81
C4 PEG L . 29.49 17.67 -0.37
O4 PEG L . 28.96 16.54 -1.10
C1 EDO M . 11.28 3.30 -41.29
O1 EDO M . 11.76 3.71 -40.00
C2 EDO M . 10.36 4.38 -41.87
O2 EDO M . 9.00 4.38 -41.40
C1 EDO N . -0.30 -32.19 -56.42
C1 EDO N . -0.62 -32.51 -57.04
O1 EDO N . -0.57 -33.53 -56.85
O1 EDO N . -1.18 -31.26 -57.46
C2 EDO N . -0.83 -32.03 -55.02
C2 EDO N . -0.79 -32.64 -55.54
O2 EDO N . -0.99 -33.31 -54.42
O2 EDO N . 0.05 -31.66 -54.95
C1 EDO O . -27.20 -26.11 -47.50
O1 EDO O . -28.16 -25.79 -46.48
C2 EDO O . -25.77 -26.00 -46.96
O2 EDO O . -25.06 -27.23 -47.16
C1 EDO P . 22.81 -24.14 -35.02
O1 EDO P . 23.33 -25.36 -35.55
C2 EDO P . 22.01 -24.53 -33.79
O2 EDO P . 22.91 -24.50 -32.69
C1 EDO Q . 0.32 -0.55 -55.33
O1 EDO Q . 0.19 -1.33 -54.14
C2 EDO Q . -0.41 0.77 -55.15
O2 EDO Q . -0.24 1.60 -56.33
C1 EDO R . 4.82 -32.96 -28.41
O1 EDO R . 5.87 -32.66 -29.31
C2 EDO R . 5.28 -32.86 -26.96
O2 EDO R . 5.47 -34.17 -26.39
C1 EDO S . 7.21 -13.98 -57.38
O1 EDO S . 8.24 -14.49 -58.24
C2 EDO S . 6.81 -15.09 -56.41
O2 EDO S . 5.57 -14.77 -55.76
C1 EDO T . -5.36 -3.09 -28.28
O1 EDO T . -6.38 -3.58 -29.17
C2 EDO T . -4.75 -4.28 -27.58
O2 EDO T . -3.41 -4.20 -27.07
CL CL U . 10.93 -23.90 -21.55
CL CL V . -21.18 -24.82 -52.85
O3 8P5 W . -0.15 -18.95 -46.70
C4 8P5 W . 1.88 -18.26 -47.84
C5 8P5 W . 3.14 -17.50 -47.57
O4 8P5 W . 2.25 -19.57 -48.34
C6 8P5 W . 3.96 -17.49 -48.85
N1 8P5 W . 5.18 -6.62 -53.19
C7 8P5 W . 2.94 -16.07 -47.18
C8 8P5 W . 1.97 -15.20 -48.04
C9 8P5 W . 2.08 -13.67 -48.30
O6 8P5 W . 4.94 -18.51 -48.76
C12 8P5 W . 3.18 -11.43 -48.48
C13 8P5 W . 4.03 -11.20 -49.77
C14 8P5 W . 3.60 -10.02 -50.67
C15 8P5 W . 4.31 -8.68 -50.28
O10 8P5 W . 1.15 -13.20 -48.89
N11 8P5 W . 3.12 -12.83 -48.00
N16 8P5 W . 3.98 -7.46 -51.05
N17 8P5 W . 4.65 -7.05 -52.21
C1 8P5 W . 1.59 -15.67 -46.61
C2 8P5 W . 0.59 -16.79 -46.27
O2 8P5 W . 0.26 -16.71 -44.87
C3 8P5 W . 1.04 -18.21 -46.56
C ACT X . 23.90 -26.56 -39.18
O ACT X . 24.32 -25.96 -38.18
OXT ACT X . 24.03 -26.06 -40.30
CH3 ACT X . 23.25 -27.92 -39.08
C1 PEG Y . 30.19 -20.76 -43.48
O1 PEG Y . 30.84 -20.40 -44.71
C2 PEG Y . 29.03 -21.74 -43.75
O2 PEG Y . 27.81 -21.38 -43.08
C3 PEG Y . 27.91 -20.89 -41.73
C4 PEG Y . 26.52 -20.49 -41.23
O4 PEG Y . 25.58 -21.57 -41.37
C1 PGE Z . 25.99 -21.88 -41.63
O1 PGE Z . 24.76 -21.59 -40.95
C2 PGE Z . 26.98 -20.72 -41.50
O2 PGE Z . 28.12 -20.95 -42.35
C3 PGE Z . 27.82 -21.76 -43.49
C4 PGE Z . 29.09 -22.33 -44.14
O4 PGE Z . 26.20 -23.80 -43.79
C6 PGE Z . 27.38 -24.51 -43.35
C5 PGE Z . 28.43 -24.61 -44.45
O3 PGE Z . 28.79 -23.37 -45.07
C1 EDO AA . -9.28 -5.56 -12.45
O1 EDO AA . -9.86 -4.25 -12.28
C2 EDO AA . -9.60 -6.40 -11.21
O2 EDO AA . -8.47 -7.15 -10.69
C1 EDO BA . -18.65 2.06 -11.70
O1 EDO BA . -19.43 2.69 -10.67
C2 EDO BA . -17.55 1.29 -11.02
O2 EDO BA . -17.86 -0.10 -10.99
C1 EDO CA . 20.94 -20.82 3.32
O1 EDO CA . 21.10 -22.26 3.25
C2 EDO CA . 20.82 -20.40 4.78
O2 EDO CA . 19.88 -21.21 5.51
CL CL DA . -5.20 -7.05 -13.63
O3 8P5 EA . -3.13 -16.18 12.34
C4 8P5 EA . -4.00 -14.97 14.31
C5 8P5 EA . -5.18 -15.03 15.24
O4 8P5 EA . -2.75 -15.22 15.02
C6 8P5 EA . -4.94 -14.26 16.53
N1 8P5 EA . -7.90 -4.19 12.43
C7 8P5 EA . -6.51 -14.61 14.60
C8 8P5 EA . -6.78 -13.57 13.51
C9 8P5 EA . -8.20 -13.11 13.36
O6 8P5 EA . -4.81 -12.88 16.18
C12 8P5 EA . -9.68 -11.12 13.33
C13 8P5 EA . -9.84 -10.05 12.25
C14 8P5 EA . -9.91 -8.63 12.82
C15 8P5 EA . -9.07 -7.59 12.08
O10 8P5 EA . -9.14 -13.91 13.36
N11 8P5 EA . -8.39 -11.80 13.29
N16 8P5 EA . -9.44 -6.22 12.49
N17 8P5 EA . -8.59 -5.14 12.46
C1 8P5 EA . -6.67 -15.06 13.14
C2 8P5 EA . -5.47 -15.57 12.35
O2 8P5 EA . -5.90 -16.74 11.58
C3 8P5 EA . -4.28 -16.00 13.20
C ACT FA . -12.24 -9.63 16.55
O ACT FA . -11.37 -10.50 16.77
OXT ACT FA . -13.48 -9.89 16.62
CH3 ACT FA . -11.81 -8.25 16.17
C1 EDO GA . 4.92 28.03 53.20
O1 EDO GA . 6.03 27.83 52.26
C2 EDO GA . 4.00 26.81 53.21
O2 EDO GA . 2.61 26.92 52.88
C1 EDO HA . 12.75 16.08 46.07
O1 EDO HA . 13.55 15.33 46.99
C2 EDO HA . 12.99 15.82 44.58
O2 EDO HA . 12.28 14.66 44.07
C1 EDO IA . 15.53 31.18 47.39
O1 EDO IA . 16.96 31.30 47.41
C2 EDO IA . 14.84 32.20 48.29
O2 EDO IA . 13.44 32.29 47.97
C1 EDO JA . -1.39 0.13 62.30
O1 EDO JA . -1.20 1.55 62.25
C2 EDO JA . -1.25 -0.43 63.69
O2 EDO JA . -0.43 -1.60 63.66
CL CL KA . -2.18 3.18 65.98
O3 8P5 LA . 5.34 18.33 44.47
C4 8P5 LA . 7.11 17.88 42.82
C5 8P5 LA . 7.27 17.29 41.45
O4 8P5 LA . 7.47 19.29 42.78
C6 8P5 LA . 8.70 17.33 40.98
C7 8P5 LA . 6.83 15.83 41.36
C8 8P5 LA . 7.27 14.81 42.41
C9 8P5 LA . 7.33 13.42 41.95
O6 8P5 LA . 9.54 16.99 42.06
O10 8P5 LA . 6.51 12.97 41.17
N11 8P5 LA . 8.30 12.66 42.43
C1 8P5 LA . 5.80 15.30 42.34
C2 8P5 LA . 5.25 16.28 43.37
O2 8P5 LA . 3.81 16.39 43.27
C3 8P5 LA . 5.66 17.71 43.21
#